data_1LXI
# 
_entry.id   1LXI 
# 
_audit_conform.dict_name       mmcif_pdbx.dic 
_audit_conform.dict_version    5.398 
_audit_conform.dict_location   http://mmcif.pdb.org/dictionaries/ascii/mmcif_pdbx.dic 
# 
loop_
_database_2.database_id 
_database_2.database_code 
_database_2.pdbx_database_accession 
_database_2.pdbx_DOI 
PDB   1LXI         pdb_00001lxi 10.2210/pdb1lxi/pdb 
RCSB  RCSB016380   ?            ?                   
WWPDB D_1000016380 ?            ?                   
# 
loop_
_pdbx_audit_revision_history.ordinal 
_pdbx_audit_revision_history.data_content_type 
_pdbx_audit_revision_history.major_revision 
_pdbx_audit_revision_history.minor_revision 
_pdbx_audit_revision_history.revision_date 
1 'Structure model' 1 0 2003-04-01 
2 'Structure model' 1 1 2008-04-28 
3 'Structure model' 1 2 2011-07-13 
4 'Structure model' 1 3 2020-07-29 
5 'Structure model' 1 4 2024-10-30 
# 
loop_
_pdbx_audit_revision_details.ordinal 
_pdbx_audit_revision_details.revision_ordinal 
_pdbx_audit_revision_details.data_content_type 
_pdbx_audit_revision_details.provider 
_pdbx_audit_revision_details.type 
_pdbx_audit_revision_details.description 
_pdbx_audit_revision_details.details 
1 1 'Structure model' repository 'Initial release' ?                          ? 
2 4 'Structure model' repository Remediation       'Carbohydrate remediation' ? 
# 
loop_
_pdbx_audit_revision_group.ordinal 
_pdbx_audit_revision_group.revision_ordinal 
_pdbx_audit_revision_group.data_content_type 
_pdbx_audit_revision_group.group 
1  2 'Structure model' 'Version format compliance' 
2  3 'Structure model' 'Derived calculations'      
3  3 'Structure model' 'Version format compliance' 
4  4 'Structure model' Advisory                    
5  4 'Structure model' 'Data collection'           
6  4 'Structure model' 'Derived calculations'      
7  4 'Structure model' 'Structure summary'         
8  5 'Structure model' Advisory                    
9  5 'Structure model' 'Data collection'           
10 5 'Structure model' 'Database references'       
11 5 'Structure model' 'Refinement description'    
12 5 'Structure model' 'Structure summary'         
# 
loop_
_pdbx_audit_revision_category.ordinal 
_pdbx_audit_revision_category.revision_ordinal 
_pdbx_audit_revision_category.data_content_type 
_pdbx_audit_revision_category.category 
1  4 'Structure model' chem_comp                     
2  4 'Structure model' entity                        
3  4 'Structure model' pdbx_chem_comp_identifier     
4  4 'Structure model' pdbx_entity_nonpoly           
5  4 'Structure model' pdbx_unobs_or_zero_occ_atoms  
6  4 'Structure model' struct_conn                   
7  4 'Structure model' struct_site                   
8  4 'Structure model' struct_site_gen               
9  5 'Structure model' chem_comp                     
10 5 'Structure model' chem_comp_atom                
11 5 'Structure model' chem_comp_bond                
12 5 'Structure model' database_2                    
13 5 'Structure model' pdbx_entry_details            
14 5 'Structure model' pdbx_initial_refinement_model 
15 5 'Structure model' pdbx_modification_feature     
16 5 'Structure model' pdbx_unobs_or_zero_occ_atoms  
# 
loop_
_pdbx_audit_revision_item.ordinal 
_pdbx_audit_revision_item.revision_ordinal 
_pdbx_audit_revision_item.data_content_type 
_pdbx_audit_revision_item.item 
1 4 'Structure model' '_chem_comp.name'                     
2 4 'Structure model' '_chem_comp.type'                     
3 4 'Structure model' '_entity.pdbx_description'            
4 4 'Structure model' '_pdbx_entity_nonpoly.name'           
5 4 'Structure model' '_struct_conn.pdbx_leaving_atom_flag' 
6 4 'Structure model' '_struct_conn.pdbx_role'              
7 5 'Structure model' '_chem_comp.pdbx_synonyms'            
8 5 'Structure model' '_database_2.pdbx_DOI'                
9 5 'Structure model' '_database_2.pdbx_database_accession' 
# 
_pdbx_database_status.status_code                     REL 
_pdbx_database_status.entry_id                        1LXI 
_pdbx_database_status.recvd_initial_deposition_date   2002-06-05 
_pdbx_database_status.deposit_site                    RCSB 
_pdbx_database_status.process_site                    RCSB 
_pdbx_database_status.status_code_sf                  REL 
_pdbx_database_status.SG_entry                        . 
_pdbx_database_status.pdb_format_compatible           Y 
_pdbx_database_status.status_code_mr                  ? 
_pdbx_database_status.status_code_cs                  ? 
_pdbx_database_status.status_code_nmr_data            ? 
_pdbx_database_status.methods_development_category    ? 
# 
_pdbx_database_related.db_name        PDB 
_pdbx_database_related.db_id          1BMP 
_pdbx_database_related.details        'The same protein originally refined to 2.8 Angstroms.' 
_pdbx_database_related.content_type   unspecified 
# 
loop_
_audit_author.name 
_audit_author.pdbx_ordinal 
'Greenwald, J.'   1 
'Groppe, J.'      2 
'Kwiatkowski, W.' 3 
'Choe, S.'        4 
# 
_citation.id                        primary 
_citation.title                     
;The BMP7/ActRII Extracellular Domain Complex Provides New Insights into 
   the Cooperative Nature of Receptor Assembly
;
_citation.journal_abbrev            Mol.Cell 
_citation.journal_volume            11 
_citation.page_first                605 
_citation.page_last                 617 
_citation.year                      2003 
_citation.journal_id_ASTM           MOCEFL 
_citation.country                   US 
_citation.journal_id_ISSN           1097-2765 
_citation.journal_id_CSD            2168 
_citation.book_publisher            ? 
_citation.pdbx_database_id_PubMed   12667445 
_citation.pdbx_database_id_DOI      '10.1016/S1097-2765(03)00094-7' 
# 
loop_
_citation_author.citation_id 
_citation_author.name 
_citation_author.ordinal 
_citation_author.identifier_ORCID 
primary 'Greenwald, J.'   1 ? 
primary 'Groppe, J.'      2 ? 
primary 'Gray, P.'        3 ? 
primary 'Wiater, E.'      4 ? 
primary 'Kwiatkowski, W.' 5 ? 
primary 'Vale, W.'        6 ? 
primary 'Choe, S.'        7 ? 
# 
loop_
_entity.id 
_entity.type 
_entity.src_method 
_entity.pdbx_description 
_entity.formula_weight 
_entity.pdbx_number_of_molecules 
_entity.pdbx_ec 
_entity.pdbx_mutation 
_entity.pdbx_fragment 
_entity.details 
1 polymer     man 'BONE MORPHOGENETIC PROTEIN 7'           15699.730 1  ? ? ? ? 
2 non-polymer man 2-acetamido-2-deoxy-beta-D-glucopyranose 221.208   1  ? ? ? ? 
3 water       nat water                                    18.015    71 ? ? ? ? 
# 
_entity_name_com.entity_id   1 
_entity_name_com.name        'BMP7, Osteogenic protein 1, OP-1' 
# 
_entity_poly.entity_id                      1 
_entity_poly.type                           'polypeptide(L)' 
_entity_poly.nstd_linkage                   no 
_entity_poly.nstd_monomer                   no 
_entity_poly.pdbx_seq_one_letter_code       
;STGSKQRSQNRSKTPKNQEALRMANVAENSSSDQRQACKKHELYVSFRDLGWQDWIIAPEGYAAYYCEGECAFPLNSYMN
ATNHAIVQTLVHFINPETVPKPCCAPTQLNAISVLYFDDSSNVILKKYRNMVVRACGCH
;
_entity_poly.pdbx_seq_one_letter_code_can   
;STGSKQRSQNRSKTPKNQEALRMANVAENSSSDQRQACKKHELYVSFRDLGWQDWIIAPEGYAAYYCEGECAFPLNSYMN
ATNHAIVQTLVHFINPETVPKPCCAPTQLNAISVLYFDDSSNVILKKYRNMVVRACGCH
;
_entity_poly.pdbx_strand_id                 A 
_entity_poly.pdbx_target_identifier         ? 
# 
loop_
_pdbx_entity_nonpoly.entity_id 
_pdbx_entity_nonpoly.name 
_pdbx_entity_nonpoly.comp_id 
2 2-acetamido-2-deoxy-beta-D-glucopyranose NAG 
3 water                                    HOH 
# 
loop_
_entity_poly_seq.entity_id 
_entity_poly_seq.num 
_entity_poly_seq.mon_id 
_entity_poly_seq.hetero 
1 1   SER n 
1 2   THR n 
1 3   GLY n 
1 4   SER n 
1 5   LYS n 
1 6   GLN n 
1 7   ARG n 
1 8   SER n 
1 9   GLN n 
1 10  ASN n 
1 11  ARG n 
1 12  SER n 
1 13  LYS n 
1 14  THR n 
1 15  PRO n 
1 16  LYS n 
1 17  ASN n 
1 18  GLN n 
1 19  GLU n 
1 20  ALA n 
1 21  LEU n 
1 22  ARG n 
1 23  MET n 
1 24  ALA n 
1 25  ASN n 
1 26  VAL n 
1 27  ALA n 
1 28  GLU n 
1 29  ASN n 
1 30  SER n 
1 31  SER n 
1 32  SER n 
1 33  ASP n 
1 34  GLN n 
1 35  ARG n 
1 36  GLN n 
1 37  ALA n 
1 38  CYS n 
1 39  LYS n 
1 40  LYS n 
1 41  HIS n 
1 42  GLU n 
1 43  LEU n 
1 44  TYR n 
1 45  VAL n 
1 46  SER n 
1 47  PHE n 
1 48  ARG n 
1 49  ASP n 
1 50  LEU n 
1 51  GLY n 
1 52  TRP n 
1 53  GLN n 
1 54  ASP n 
1 55  TRP n 
1 56  ILE n 
1 57  ILE n 
1 58  ALA n 
1 59  PRO n 
1 60  GLU n 
1 61  GLY n 
1 62  TYR n 
1 63  ALA n 
1 64  ALA n 
1 65  TYR n 
1 66  TYR n 
1 67  CYS n 
1 68  GLU n 
1 69  GLY n 
1 70  GLU n 
1 71  CYS n 
1 72  ALA n 
1 73  PHE n 
1 74  PRO n 
1 75  LEU n 
1 76  ASN n 
1 77  SER n 
1 78  TYR n 
1 79  MET n 
1 80  ASN n 
1 81  ALA n 
1 82  THR n 
1 83  ASN n 
1 84  HIS n 
1 85  ALA n 
1 86  ILE n 
1 87  VAL n 
1 88  GLN n 
1 89  THR n 
1 90  LEU n 
1 91  VAL n 
1 92  HIS n 
1 93  PHE n 
1 94  ILE n 
1 95  ASN n 
1 96  PRO n 
1 97  GLU n 
1 98  THR n 
1 99  VAL n 
1 100 PRO n 
1 101 LYS n 
1 102 PRO n 
1 103 CYS n 
1 104 CYS n 
1 105 ALA n 
1 106 PRO n 
1 107 THR n 
1 108 GLN n 
1 109 LEU n 
1 110 ASN n 
1 111 ALA n 
1 112 ILE n 
1 113 SER n 
1 114 VAL n 
1 115 LEU n 
1 116 TYR n 
1 117 PHE n 
1 118 ASP n 
1 119 ASP n 
1 120 SER n 
1 121 SER n 
1 122 ASN n 
1 123 VAL n 
1 124 ILE n 
1 125 LEU n 
1 126 LYS n 
1 127 LYS n 
1 128 TYR n 
1 129 ARG n 
1 130 ASN n 
1 131 MET n 
1 132 VAL n 
1 133 VAL n 
1 134 ARG n 
1 135 ALA n 
1 136 CYS n 
1 137 GLY n 
1 138 CYS n 
1 139 HIS n 
# 
_entity_src_gen.entity_id                          1 
_entity_src_gen.pdbx_src_id                        1 
_entity_src_gen.pdbx_alt_source_flag               sample 
_entity_src_gen.pdbx_seq_type                      ? 
_entity_src_gen.pdbx_beg_seq_num                   ? 
_entity_src_gen.pdbx_end_seq_num                   ? 
_entity_src_gen.gene_src_common_name               human 
_entity_src_gen.gene_src_genus                     Homo 
_entity_src_gen.pdbx_gene_src_gene                 BMP7 
_entity_src_gen.gene_src_species                   ? 
_entity_src_gen.gene_src_strain                    ? 
_entity_src_gen.gene_src_tissue                    ? 
_entity_src_gen.gene_src_tissue_fraction           ? 
_entity_src_gen.gene_src_details                   ? 
_entity_src_gen.pdbx_gene_src_fragment             ? 
_entity_src_gen.pdbx_gene_src_scientific_name      'Homo sapiens' 
_entity_src_gen.pdbx_gene_src_ncbi_taxonomy_id     9606 
_entity_src_gen.pdbx_gene_src_variant              ? 
_entity_src_gen.pdbx_gene_src_cell_line            ? 
_entity_src_gen.pdbx_gene_src_atcc                 ? 
_entity_src_gen.pdbx_gene_src_organ                ? 
_entity_src_gen.pdbx_gene_src_organelle            ? 
_entity_src_gen.pdbx_gene_src_cell                 ? 
_entity_src_gen.pdbx_gene_src_cellular_location    ? 
_entity_src_gen.host_org_common_name               'Chinese hamster' 
_entity_src_gen.pdbx_host_org_scientific_name      'Cricetulus griseus' 
_entity_src_gen.pdbx_host_org_ncbi_taxonomy_id     10029 
_entity_src_gen.host_org_genus                     Cricetulus 
_entity_src_gen.pdbx_host_org_gene                 ? 
_entity_src_gen.pdbx_host_org_organ                ? 
_entity_src_gen.host_org_species                   ? 
_entity_src_gen.pdbx_host_org_tissue               ? 
_entity_src_gen.pdbx_host_org_tissue_fraction      ? 
_entity_src_gen.pdbx_host_org_strain               ? 
_entity_src_gen.pdbx_host_org_variant              ? 
_entity_src_gen.pdbx_host_org_cell_line            ? 
_entity_src_gen.pdbx_host_org_atcc                 ? 
_entity_src_gen.pdbx_host_org_culture_collection   ? 
_entity_src_gen.pdbx_host_org_cell                 'OVARY CELLS' 
_entity_src_gen.pdbx_host_org_organelle            ? 
_entity_src_gen.pdbx_host_org_cellular_location    ? 
_entity_src_gen.pdbx_host_org_vector_type          BACULOVIRUS 
_entity_src_gen.pdbx_host_org_vector               ? 
_entity_src_gen.host_org_details                   ? 
_entity_src_gen.expression_system_id               ? 
_entity_src_gen.plasmid_name                       ? 
_entity_src_gen.plasmid_details                    ? 
_entity_src_gen.pdbx_description                   DHFR- 
# 
loop_
_chem_comp.id 
_chem_comp.type 
_chem_comp.mon_nstd_flag 
_chem_comp.name 
_chem_comp.pdbx_synonyms 
_chem_comp.formula 
_chem_comp.formula_weight 
ALA 'L-peptide linking'          y ALANINE                                  ? 'C3 H7 N O2'     89.093  
ARG 'L-peptide linking'          y ARGININE                                 ? 'C6 H15 N4 O2 1' 175.209 
ASN 'L-peptide linking'          y ASPARAGINE                               ? 'C4 H8 N2 O3'    132.118 
ASP 'L-peptide linking'          y 'ASPARTIC ACID'                          ? 'C4 H7 N O4'     133.103 
CYS 'L-peptide linking'          y CYSTEINE                                 ? 'C3 H7 N O2 S'   121.158 
GLN 'L-peptide linking'          y GLUTAMINE                                ? 'C5 H10 N2 O3'   146.144 
GLU 'L-peptide linking'          y 'GLUTAMIC ACID'                          ? 'C5 H9 N O4'     147.129 
GLY 'peptide linking'            y GLYCINE                                  ? 'C2 H5 N O2'     75.067  
HIS 'L-peptide linking'          y HISTIDINE                                ? 'C6 H10 N3 O2 1' 156.162 
HOH non-polymer                  . WATER                                    ? 'H2 O'           18.015  
ILE 'L-peptide linking'          y ISOLEUCINE                               ? 'C6 H13 N O2'    131.173 
LEU 'L-peptide linking'          y LEUCINE                                  ? 'C6 H13 N O2'    131.173 
LYS 'L-peptide linking'          y LYSINE                                   ? 'C6 H15 N2 O2 1' 147.195 
MET 'L-peptide linking'          y METHIONINE                               ? 'C5 H11 N O2 S'  149.211 
NAG 'D-saccharide, beta linking' . 2-acetamido-2-deoxy-beta-D-glucopyranose 
;N-acetyl-beta-D-glucosamine; 2-acetamido-2-deoxy-beta-D-glucose; 2-acetamido-2-deoxy-D-glucose; 2-acetamido-2-deoxy-glucose; N-ACETYL-D-GLUCOSAMINE
;
'C8 H15 N O6'    221.208 
PHE 'L-peptide linking'          y PHENYLALANINE                            ? 'C9 H11 N O2'    165.189 
PRO 'L-peptide linking'          y PROLINE                                  ? 'C5 H9 N O2'     115.130 
SER 'L-peptide linking'          y SERINE                                   ? 'C3 H7 N O3'     105.093 
THR 'L-peptide linking'          y THREONINE                                ? 'C4 H9 N O3'     119.119 
TRP 'L-peptide linking'          y TRYPTOPHAN                               ? 'C11 H12 N2 O2'  204.225 
TYR 'L-peptide linking'          y TYROSINE                                 ? 'C9 H11 N O3'    181.189 
VAL 'L-peptide linking'          y VALINE                                   ? 'C5 H11 N O2'    117.146 
# 
loop_
_pdbx_chem_comp_identifier.comp_id 
_pdbx_chem_comp_identifier.type 
_pdbx_chem_comp_identifier.program 
_pdbx_chem_comp_identifier.program_version 
_pdbx_chem_comp_identifier.identifier 
NAG 'CONDENSED IUPAC CARBOHYDRATE SYMBOL' GMML     1.0 DGlcpNAcb                      
NAG 'COMMON NAME'                         GMML     1.0 N-acetyl-b-D-glucopyranosamine 
NAG 'IUPAC CARBOHYDRATE SYMBOL'           PDB-CARE 1.0 b-D-GlcpNAc                    
NAG 'SNFG CARBOHYDRATE SYMBOL'            GMML     1.0 GlcNAc                         
# 
loop_
_pdbx_poly_seq_scheme.asym_id 
_pdbx_poly_seq_scheme.entity_id 
_pdbx_poly_seq_scheme.seq_id 
_pdbx_poly_seq_scheme.mon_id 
_pdbx_poly_seq_scheme.ndb_seq_num 
_pdbx_poly_seq_scheme.pdb_seq_num 
_pdbx_poly_seq_scheme.auth_seq_num 
_pdbx_poly_seq_scheme.pdb_mon_id 
_pdbx_poly_seq_scheme.auth_mon_id 
_pdbx_poly_seq_scheme.pdb_strand_id 
_pdbx_poly_seq_scheme.pdb_ins_code 
_pdbx_poly_seq_scheme.hetero 
A 1 1   SER 1   1   ?   ?   ?   A . n 
A 1 2   THR 2   2   ?   ?   ?   A . n 
A 1 3   GLY 3   3   ?   ?   ?   A . n 
A 1 4   SER 4   4   ?   ?   ?   A . n 
A 1 5   LYS 5   5   ?   ?   ?   A . n 
A 1 6   GLN 6   6   ?   ?   ?   A . n 
A 1 7   ARG 7   7   ?   ?   ?   A . n 
A 1 8   SER 8   8   ?   ?   ?   A . n 
A 1 9   GLN 9   9   ?   ?   ?   A . n 
A 1 10  ASN 10  10  ?   ?   ?   A . n 
A 1 11  ARG 11  11  ?   ?   ?   A . n 
A 1 12  SER 12  12  ?   ?   ?   A . n 
A 1 13  LYS 13  13  ?   ?   ?   A . n 
A 1 14  THR 14  14  ?   ?   ?   A . n 
A 1 15  PRO 15  15  ?   ?   ?   A . n 
A 1 16  LYS 16  16  ?   ?   ?   A . n 
A 1 17  ASN 17  17  ?   ?   ?   A . n 
A 1 18  GLN 18  18  ?   ?   ?   A . n 
A 1 19  GLU 19  19  ?   ?   ?   A . n 
A 1 20  ALA 20  20  ?   ?   ?   A . n 
A 1 21  LEU 21  21  ?   ?   ?   A . n 
A 1 22  ARG 22  22  ?   ?   ?   A . n 
A 1 23  MET 23  23  ?   ?   ?   A . n 
A 1 24  ALA 24  24  ?   ?   ?   A . n 
A 1 25  ASN 25  25  ?   ?   ?   A . n 
A 1 26  VAL 26  26  ?   ?   ?   A . n 
A 1 27  ALA 27  27  ?   ?   ?   A . n 
A 1 28  GLU 28  28  ?   ?   ?   A . n 
A 1 29  ASN 29  29  ?   ?   ?   A . n 
A 1 30  SER 30  30  ?   ?   ?   A . n 
A 1 31  SER 31  31  ?   ?   ?   A . n 
A 1 32  SER 32  32  ?   ?   ?   A . n 
A 1 33  ASP 33  33  ?   ?   ?   A . n 
A 1 34  GLN 34  34  ?   ?   ?   A . n 
A 1 35  ARG 35  35  ?   ?   ?   A . n 
A 1 36  GLN 36  36  36  GLN GLN A . n 
A 1 37  ALA 37  37  37  ALA ALA A . n 
A 1 38  CYS 38  38  38  CYS CYS A . n 
A 1 39  LYS 39  39  39  LYS LYS A . n 
A 1 40  LYS 40  40  40  LYS LYS A . n 
A 1 41  HIS 41  41  41  HIS HIS A . n 
A 1 42  GLU 42  42  42  GLU GLU A . n 
A 1 43  LEU 43  43  43  LEU LEU A . n 
A 1 44  TYR 44  44  44  TYR TYR A . n 
A 1 45  VAL 45  45  45  VAL VAL A . n 
A 1 46  SER 46  46  46  SER SER A . n 
A 1 47  PHE 47  47  47  PHE PHE A . n 
A 1 48  ARG 48  48  48  ARG ARG A . n 
A 1 49  ASP 49  49  49  ASP ASP A . n 
A 1 50  LEU 50  50  50  LEU LEU A . n 
A 1 51  GLY 51  51  51  GLY GLY A . n 
A 1 52  TRP 52  52  52  TRP TRP A . n 
A 1 53  GLN 53  53  53  GLN GLN A . n 
A 1 54  ASP 54  54  54  ASP ASP A . n 
A 1 55  TRP 55  55  55  TRP TRP A . n 
A 1 56  ILE 56  56  56  ILE ILE A . n 
A 1 57  ILE 57  57  57  ILE ILE A . n 
A 1 58  ALA 58  58  58  ALA ALA A . n 
A 1 59  PRO 59  59  59  PRO PRO A . n 
A 1 60  GLU 60  60  60  GLU GLU A . n 
A 1 61  GLY 61  61  61  GLY GLY A . n 
A 1 62  TYR 62  62  62  TYR TYR A . n 
A 1 63  ALA 63  63  63  ALA ALA A . n 
A 1 64  ALA 64  64  64  ALA ALA A . n 
A 1 65  TYR 65  65  65  TYR TYR A . n 
A 1 66  TYR 66  66  66  TYR TYR A . n 
A 1 67  CYS 67  67  67  CYS CYS A . n 
A 1 68  GLU 68  68  68  GLU GLU A . n 
A 1 69  GLY 69  69  69  GLY GLY A . n 
A 1 70  GLU 70  70  70  GLU GLU A . n 
A 1 71  CYS 71  71  71  CYS CYS A . n 
A 1 72  ALA 72  72  72  ALA ALA A . n 
A 1 73  PHE 73  73  73  PHE PHE A . n 
A 1 74  PRO 74  74  74  PRO PRO A . n 
A 1 75  LEU 75  75  75  LEU LEU A . n 
A 1 76  ASN 76  76  76  ASN ASN A . n 
A 1 77  SER 77  77  77  SER SER A . n 
A 1 78  TYR 78  78  78  TYR TYR A . n 
A 1 79  MET 79  79  79  MET MET A . n 
A 1 80  ASN 80  80  80  ASN ASN A . n 
A 1 81  ALA 81  81  81  ALA ALA A . n 
A 1 82  THR 82  82  82  THR THR A . n 
A 1 83  ASN 83  83  83  ASN ASN A . n 
A 1 84  HIS 84  84  84  HIS HIS A . n 
A 1 85  ALA 85  85  85  ALA ALA A . n 
A 1 86  ILE 86  86  86  ILE ILE A . n 
A 1 87  VAL 87  87  87  VAL VAL A . n 
A 1 88  GLN 88  88  88  GLN GLN A . n 
A 1 89  THR 89  89  89  THR THR A . n 
A 1 90  LEU 90  90  90  LEU LEU A . n 
A 1 91  VAL 91  91  91  VAL VAL A . n 
A 1 92  HIS 92  92  92  HIS HIS A . n 
A 1 93  PHE 93  93  93  PHE PHE A . n 
A 1 94  ILE 94  94  94  ILE ILE A . n 
A 1 95  ASN 95  95  95  ASN ASN A . n 
A 1 96  PRO 96  96  96  PRO PRO A . n 
A 1 97  GLU 97  97  97  GLU GLU A . n 
A 1 98  THR 98  98  98  THR THR A . n 
A 1 99  VAL 99  99  99  VAL VAL A . n 
A 1 100 PRO 100 100 100 PRO PRO A . n 
A 1 101 LYS 101 101 101 LYS LYS A . n 
A 1 102 PRO 102 102 102 PRO PRO A . n 
A 1 103 CYS 103 103 103 CYS CYS A . n 
A 1 104 CYS 104 104 104 CYS CYS A . n 
A 1 105 ALA 105 105 105 ALA ALA A . n 
A 1 106 PRO 106 106 106 PRO PRO A . n 
A 1 107 THR 107 107 107 THR THR A . n 
A 1 108 GLN 108 108 108 GLN GLN A . n 
A 1 109 LEU 109 109 109 LEU LEU A . n 
A 1 110 ASN 110 110 110 ASN ASN A . n 
A 1 111 ALA 111 111 111 ALA ALA A . n 
A 1 112 ILE 112 112 112 ILE ILE A . n 
A 1 113 SER 113 113 113 SER SER A . n 
A 1 114 VAL 114 114 114 VAL VAL A . n 
A 1 115 LEU 115 115 115 LEU LEU A . n 
A 1 116 TYR 116 116 116 TYR TYR A . n 
A 1 117 PHE 117 117 117 PHE PHE A . n 
A 1 118 ASP 118 118 118 ASP ASP A . n 
A 1 119 ASP 119 119 119 ASP ASP A . n 
A 1 120 SER 120 120 120 SER SER A . n 
A 1 121 SER 121 121 121 SER SER A . n 
A 1 122 ASN 122 122 122 ASN ASN A . n 
A 1 123 VAL 123 123 123 VAL VAL A . n 
A 1 124 ILE 124 124 124 ILE ILE A . n 
A 1 125 LEU 125 125 125 LEU LEU A . n 
A 1 126 LYS 126 126 126 LYS LYS A . n 
A 1 127 LYS 127 127 127 LYS LYS A . n 
A 1 128 TYR 128 128 128 TYR TYR A . n 
A 1 129 ARG 129 129 129 ARG ARG A . n 
A 1 130 ASN 130 130 130 ASN ASN A . n 
A 1 131 MET 131 131 131 MET MET A . n 
A 1 132 VAL 132 132 132 VAL VAL A . n 
A 1 133 VAL 133 133 133 VAL VAL A . n 
A 1 134 ARG 134 134 134 ARG ARG A . n 
A 1 135 ALA 135 135 135 ALA ALA A . n 
A 1 136 CYS 136 136 136 CYS CYS A . n 
A 1 137 GLY 137 137 137 GLY GLY A . n 
A 1 138 CYS 138 138 138 CYS CYS A . n 
A 1 139 HIS 139 139 139 HIS HIS A . n 
# 
loop_
_pdbx_nonpoly_scheme.asym_id 
_pdbx_nonpoly_scheme.entity_id 
_pdbx_nonpoly_scheme.mon_id 
_pdbx_nonpoly_scheme.ndb_seq_num 
_pdbx_nonpoly_scheme.pdb_seq_num 
_pdbx_nonpoly_scheme.auth_seq_num 
_pdbx_nonpoly_scheme.pdb_mon_id 
_pdbx_nonpoly_scheme.auth_mon_id 
_pdbx_nonpoly_scheme.pdb_strand_id 
_pdbx_nonpoly_scheme.pdb_ins_code 
B 2 NAG 1  180 180 NAG NAG A . 
C 3 HOH 1  181 1   HOH HOH A . 
C 3 HOH 2  182 2   HOH HOH A . 
C 3 HOH 3  183 3   HOH HOH A . 
C 3 HOH 4  184 4   HOH HOH A . 
C 3 HOH 5  185 5   HOH HOH A . 
C 3 HOH 6  186 6   HOH HOH A . 
C 3 HOH 7  187 7   HOH HOH A . 
C 3 HOH 8  188 8   HOH HOH A . 
C 3 HOH 9  189 9   HOH HOH A . 
C 3 HOH 10 190 10  HOH HOH A . 
C 3 HOH 11 191 11  HOH HOH A . 
C 3 HOH 12 192 12  HOH HOH A . 
C 3 HOH 13 193 13  HOH HOH A . 
C 3 HOH 14 194 14  HOH HOH A . 
C 3 HOH 15 195 15  HOH HOH A . 
C 3 HOH 16 196 16  HOH HOH A . 
C 3 HOH 17 197 17  HOH HOH A . 
C 3 HOH 18 198 18  HOH HOH A . 
C 3 HOH 19 199 19  HOH HOH A . 
C 3 HOH 20 200 20  HOH HOH A . 
C 3 HOH 21 201 21  HOH HOH A . 
C 3 HOH 22 202 22  HOH HOH A . 
C 3 HOH 23 203 23  HOH HOH A . 
C 3 HOH 24 204 24  HOH HOH A . 
C 3 HOH 25 205 25  HOH HOH A . 
C 3 HOH 26 206 26  HOH HOH A . 
C 3 HOH 27 207 27  HOH HOH A . 
C 3 HOH 28 208 28  HOH HOH A . 
C 3 HOH 29 209 29  HOH HOH A . 
C 3 HOH 30 210 30  HOH HOH A . 
C 3 HOH 31 211 31  HOH HOH A . 
C 3 HOH 32 212 32  HOH HOH A . 
C 3 HOH 33 213 33  HOH HOH A . 
C 3 HOH 34 214 34  HOH HOH A . 
C 3 HOH 35 215 35  HOH HOH A . 
C 3 HOH 36 216 36  HOH HOH A . 
C 3 HOH 37 217 37  HOH HOH A . 
C 3 HOH 38 218 38  HOH HOH A . 
C 3 HOH 39 219 39  HOH HOH A . 
C 3 HOH 40 220 40  HOH HOH A . 
C 3 HOH 41 221 41  HOH HOH A . 
C 3 HOH 42 222 42  HOH HOH A . 
C 3 HOH 43 223 43  HOH HOH A . 
C 3 HOH 44 224 44  HOH HOH A . 
C 3 HOH 45 225 45  HOH HOH A . 
C 3 HOH 46 226 46  HOH HOH A . 
C 3 HOH 47 227 47  HOH HOH A . 
C 3 HOH 48 228 48  HOH HOH A . 
C 3 HOH 49 229 49  HOH HOH A . 
C 3 HOH 50 230 50  HOH HOH A . 
C 3 HOH 51 231 51  HOH HOH A . 
C 3 HOH 52 232 52  HOH HOH A . 
C 3 HOH 53 233 53  HOH HOH A . 
C 3 HOH 54 234 54  HOH HOH A . 
C 3 HOH 55 235 55  HOH HOH A . 
C 3 HOH 56 236 56  HOH HOH A . 
C 3 HOH 57 237 57  HOH HOH A . 
C 3 HOH 58 238 58  HOH HOH A . 
C 3 HOH 59 239 59  HOH HOH A . 
C 3 HOH 60 240 60  HOH HOH A . 
C 3 HOH 61 241 61  HOH HOH A . 
C 3 HOH 62 242 62  HOH HOH A . 
C 3 HOH 63 243 63  HOH HOH A . 
C 3 HOH 64 244 64  HOH HOH A . 
C 3 HOH 65 245 65  HOH HOH A . 
C 3 HOH 66 246 66  HOH HOH A . 
C 3 HOH 67 247 67  HOH HOH A . 
C 3 HOH 68 248 68  HOH HOH A . 
C 3 HOH 69 249 69  HOH HOH A . 
C 3 HOH 70 250 70  HOH HOH A . 
C 3 HOH 71 251 71  HOH HOH A . 
# 
loop_
_pdbx_unobs_or_zero_occ_atoms.id 
_pdbx_unobs_or_zero_occ_atoms.PDB_model_num 
_pdbx_unobs_or_zero_occ_atoms.polymer_flag 
_pdbx_unobs_or_zero_occ_atoms.occupancy_flag 
_pdbx_unobs_or_zero_occ_atoms.auth_asym_id 
_pdbx_unobs_or_zero_occ_atoms.auth_comp_id 
_pdbx_unobs_or_zero_occ_atoms.auth_seq_id 
_pdbx_unobs_or_zero_occ_atoms.PDB_ins_code 
_pdbx_unobs_or_zero_occ_atoms.auth_atom_id 
_pdbx_unobs_or_zero_occ_atoms.label_alt_id 
_pdbx_unobs_or_zero_occ_atoms.label_asym_id 
_pdbx_unobs_or_zero_occ_atoms.label_comp_id 
_pdbx_unobs_or_zero_occ_atoms.label_seq_id 
_pdbx_unobs_or_zero_occ_atoms.label_atom_id 
1 1 Y 0 A ARG 134 ? CG  ? A ARG 134 CG  
2 1 Y 0 A ARG 134 ? CD  ? A ARG 134 CD  
3 1 Y 0 A ARG 134 ? NE  ? A ARG 134 NE  
4 1 Y 0 A ARG 134 ? CZ  ? A ARG 134 CZ  
5 1 Y 0 A ARG 134 ? NH1 ? A ARG 134 NH1 
6 1 Y 0 A ARG 134 ? NH2 ? A ARG 134 NH2 
# 
loop_
_software.name 
_software.classification 
_software.version 
_software.citation_id 
_software.pdbx_ordinal 
HKL-2000 'data collection' .            ? 1 
TRUNCATE 'data reduction'  .            ? 2 
REFMAC   refinement        5.0          ? 3 
HKL-2000 'data reduction'  .            ? 4 
CCP4     'data scaling'    '(TRUNCATE)' ? 5 
# 
_cell.entry_id           1LXI 
_cell.length_a           101.294 
_cell.length_b           101.294 
_cell.length_c           41.812 
_cell.angle_alpha        90.00 
_cell.angle_beta         90.00 
_cell.angle_gamma        120.00 
_cell.Z_PDB              6 
_cell.pdbx_unique_axis   ? 
# 
_symmetry.entry_id                         1LXI 
_symmetry.space_group_name_H-M             'P 32 2 1' 
_symmetry.pdbx_full_space_group_name_H-M   ? 
_symmetry.cell_setting                     ? 
_symmetry.Int_Tables_number                154 
# 
_exptl.entry_id          1LXI 
_exptl.method            'X-RAY DIFFRACTION' 
_exptl.crystals_number   1 
# 
_exptl_crystal.id                    1 
_exptl_crystal.density_meas          ? 
_exptl_crystal.density_percent_sol   68.80 
_exptl_crystal.density_Matthews      3.94 
_exptl_crystal.description           ? 
# 
_exptl_crystal_grow.crystal_id      1 
_exptl_crystal_grow.method          'VAPOR DIFFUSION, HANGING DROP' 
_exptl_crystal_grow.temp            277 
_exptl_crystal_grow.temp_details    ? 
_exptl_crystal_grow.pH              4.5 
_exptl_crystal_grow.pdbx_details    '20% MPD, 0.1M Sodium Acetate, pH 4.5, VAPOR DIFFUSION, HANGING DROP, temperature 277K' 
_exptl_crystal_grow.pdbx_pH_range   ? 
# 
_diffrn.id                     1 
_diffrn.ambient_temp           100 
_diffrn.ambient_temp_details   ? 
_diffrn.crystal_id             1 
# 
_diffrn_detector.diffrn_id              1 
_diffrn_detector.detector               'IMAGE PLATE' 
_diffrn_detector.type                   MARRESEARCH 
_diffrn_detector.pdbx_collection_date   2000-09-01 
_diffrn_detector.details                mirror 
# 
_diffrn_radiation.diffrn_id                        1 
_diffrn_radiation.wavelength_id                    1 
_diffrn_radiation.pdbx_monochromatic_or_laue_m_l   M 
_diffrn_radiation.monochromator                    'Si 311' 
_diffrn_radiation.pdbx_diffrn_protocol             'SINGLE WAVELENGTH' 
_diffrn_radiation.pdbx_scattering_type             x-ray 
# 
_diffrn_radiation_wavelength.id           1 
_diffrn_radiation_wavelength.wavelength   0.98 
_diffrn_radiation_wavelength.wt           1.0 
# 
_diffrn_source.diffrn_id                   1 
_diffrn_source.source                      SYNCHROTRON 
_diffrn_source.type                        'SSRL BEAMLINE BL9-1' 
_diffrn_source.pdbx_synchrotron_site       SSRL 
_diffrn_source.pdbx_synchrotron_beamline   BL9-1 
_diffrn_source.pdbx_wavelength             ? 
_diffrn_source.pdbx_wavelength_list        0.98 
# 
_reflns.entry_id                     1LXI 
_reflns.observed_criterion_sigma_F   0 
_reflns.observed_criterion_sigma_I   -3 
_reflns.d_resolution_high            2.0 
_reflns.d_resolution_low             25 
_reflns.number_all                   15770 
_reflns.number_obs                   15770 
_reflns.percent_possible_obs         99.6 
_reflns.pdbx_Rmerge_I_obs            ? 
_reflns.pdbx_Rsym_value              0.054 
_reflns.pdbx_netI_over_sigmaI        16.9 
_reflns.B_iso_Wilson_estimate        ? 
_reflns.pdbx_redundancy              ? 
_reflns.R_free_details               ? 
_reflns.limit_h_max                  ? 
_reflns.limit_h_min                  ? 
_reflns.limit_k_max                  ? 
_reflns.limit_k_min                  ? 
_reflns.limit_l_max                  ? 
_reflns.limit_l_min                  ? 
_reflns.observed_criterion_F_max     ? 
_reflns.observed_criterion_F_min     ? 
_reflns.pdbx_ordinal                 1 
_reflns.pdbx_diffrn_id               1 
# 
_reflns_shell.d_res_high             2.00 
_reflns_shell.d_res_low              2.08 
_reflns_shell.percent_possible_all   99.6 
_reflns_shell.Rmerge_I_obs           ? 
_reflns_shell.pdbx_Rsym_value        0.333 
_reflns_shell.meanI_over_sigI_obs    ? 
_reflns_shell.pdbx_redundancy        ? 
_reflns_shell.percent_possible_obs   ? 
_reflns_shell.number_unique_all      ? 
_reflns_shell.pdbx_ordinal           1 
_reflns_shell.pdbx_diffrn_id         1 
# 
_refine.entry_id                                 1LXI 
_refine.ls_number_reflns_obs                     14892 
_refine.ls_number_reflns_all                     14892 
_refine.pdbx_ls_sigma_I                          ? 
_refine.pdbx_ls_sigma_F                          0 
_refine.pdbx_data_cutoff_high_absF               ? 
_refine.pdbx_data_cutoff_low_absF                ? 
_refine.ls_d_res_low                             23.96 
_refine.ls_d_res_high                            2.00 
_refine.ls_percent_reflns_obs                    92.61 
_refine.ls_R_factor_obs                          0.22873 
_refine.ls_R_factor_all                          0.22873 
_refine.ls_R_factor_R_work                       0.22788 
_refine.ls_R_factor_R_free                       0.24449 
_refine.ls_R_factor_R_free_error                 ? 
_refine.ls_R_factor_R_free_error_details         ? 
_refine.ls_percent_reflns_R_free                 5.1 
_refine.ls_number_reflns_R_free                  795 
_refine.ls_number_parameters                     ? 
_refine.ls_number_restraints                     ? 
_refine.occupancy_min                            ? 
_refine.occupancy_max                            ? 
_refine.correlation_coeff_Fo_to_Fc               0.934 
_refine.correlation_coeff_Fo_to_Fc_free          0.934 
_refine.B_iso_mean                               35.983 
_refine.aniso_B[1][1]                            -1.29 
_refine.aniso_B[2][2]                            -1.29 
_refine.aniso_B[3][3]                            1.93 
_refine.aniso_B[1][2]                            -0.64 
_refine.aniso_B[1][3]                            0.00 
_refine.aniso_B[2][3]                            0.00 
_refine.solvent_model_details                    'BABINET MODEL WITH MASK' 
_refine.solvent_model_param_ksol                 ? 
_refine.solvent_model_param_bsol                 ? 
_refine.pdbx_solvent_vdw_probe_radii             1.40 
_refine.pdbx_solvent_ion_probe_radii             0.80 
_refine.pdbx_solvent_shrinkage_radii             0.80 
_refine.pdbx_ls_cross_valid_method               THROUGHOUT 
_refine.details                                  'HYDROGENS HAVE BEEN ADDED IN THE RIDING POSITIONS' 
_refine.pdbx_starting_model                      'PDB entry 1BMP' 
_refine.pdbx_method_to_determine_struct          'MOLECULAR REPLACEMENT' 
_refine.pdbx_isotropic_thermal_model             Isotropic 
_refine.pdbx_stereochemistry_target_values       'Engh & Huber' 
_refine.pdbx_stereochem_target_val_spec_case     ? 
_refine.pdbx_R_Free_selection_details            RANDOM 
_refine.pdbx_overall_ESU_R                       0.137 
_refine.pdbx_overall_ESU_R_Free                  0.127 
_refine.overall_SU_ML                            0.119 
_refine.overall_SU_B                             4.128 
_refine.ls_redundancy_reflns_obs                 ? 
_refine.pdbx_data_cutoff_high_rms_absF           ? 
_refine.B_iso_min                                ? 
_refine.B_iso_max                                ? 
_refine.overall_SU_R_Cruickshank_DPI             ? 
_refine.overall_SU_R_free                        ? 
_refine.pdbx_refine_id                           'X-RAY DIFFRACTION' 
_refine.pdbx_diffrn_id                           1 
_refine.pdbx_TLS_residual_ADP_flag               ? 
_refine.pdbx_overall_phase_error                 ? 
_refine.pdbx_overall_SU_R_free_Cruickshank_DPI   ? 
_refine.pdbx_overall_SU_R_Blow_DPI               ? 
_refine.pdbx_overall_SU_R_free_Blow_DPI          ? 
# 
_refine_hist.pdbx_refine_id                   'X-RAY DIFFRACTION' 
_refine_hist.cycle_id                         LAST 
_refine_hist.pdbx_number_atoms_protein        828 
_refine_hist.pdbx_number_atoms_nucleic_acid   0 
_refine_hist.pdbx_number_atoms_ligand         14 
_refine_hist.number_atoms_solvent             71 
_refine_hist.number_atoms_total               913 
_refine_hist.d_res_high                       2.00 
_refine_hist.d_res_low                        23.96 
# 
loop_
_refine_ls_restr.type 
_refine_ls_restr.dev_ideal 
_refine_ls_restr.dev_ideal_target 
_refine_ls_restr.weight 
_refine_ls_restr.number 
_refine_ls_restr.pdbx_refine_id 
_refine_ls_restr.pdbx_restraint_function 
r_bond_refined_d         0.030  0.021  ? 872  'X-RAY DIFFRACTION' ? 
r_bond_other_d           0.001  0.020  ? 742  'X-RAY DIFFRACTION' ? 
r_angle_refined_deg      2.462  1.949  ? 1198 'X-RAY DIFFRACTION' ? 
r_angle_other_deg        1.424  3.000  ? 1729 'X-RAY DIFFRACTION' ? 
r_dihedral_angle_1_deg   5.157  3.000  ? 107  'X-RAY DIFFRACTION' ? 
r_dihedral_angle_3_deg   23.505 15.000 ? 139  'X-RAY DIFFRACTION' ? 
r_chiral_restr           0.156  0.200  ? 131  'X-RAY DIFFRACTION' ? 
r_gen_planes_refined     0.011  0.020  ? 967  'X-RAY DIFFRACTION' ? 
r_gen_planes_other       0.008  0.020  ? 173  'X-RAY DIFFRACTION' ? 
r_nbd_refined            0.306  0.300  ? 175  'X-RAY DIFFRACTION' ? 
r_nbd_other              0.232  0.300  ? 650  'X-RAY DIFFRACTION' ? 
r_nbtor_other            0.389  0.500  ? 2    'X-RAY DIFFRACTION' ? 
r_xyhbond_nbd_refined    0.409  0.500  ? 68   'X-RAY DIFFRACTION' ? 
r_xyhbond_nbd_other      0.120  0.500  ? 3    'X-RAY DIFFRACTION' ? 
r_symmetry_vdw_refined   0.309  0.300  ? 24   'X-RAY DIFFRACTION' ? 
r_symmetry_vdw_other     0.255  0.300  ? 42   'X-RAY DIFFRACTION' ? 
r_symmetry_hbond_refined 0.667  0.500  ? 10   'X-RAY DIFFRACTION' ? 
r_mcbond_it              1.618  1.500  ? 528  'X-RAY DIFFRACTION' ? 
r_mcangle_it             2.880  2.000  ? 859  'X-RAY DIFFRACTION' ? 
r_scbond_it              4.093  3.000  ? 344  'X-RAY DIFFRACTION' ? 
r_scangle_it             6.526  4.500  ? 339  'X-RAY DIFFRACTION' ? 
# 
_refine_ls_shell.pdbx_total_number_of_bins_used   20 
_refine_ls_shell.d_res_high                       2.00 
_refine_ls_shell.d_res_low                        2.052 
_refine_ls_shell.number_reflns_R_work             1160 
_refine_ls_shell.R_factor_R_work                  0.265 
_refine_ls_shell.percent_reflns_obs               ? 
_refine_ls_shell.R_factor_R_free                  0.314 
_refine_ls_shell.R_factor_R_free_error            ? 
_refine_ls_shell.percent_reflns_R_free            ? 
_refine_ls_shell.number_reflns_R_free             66 
_refine_ls_shell.number_reflns_obs                ? 
_refine_ls_shell.redundancy_reflns_obs            ? 
_refine_ls_shell.number_reflns_all                ? 
_refine_ls_shell.pdbx_refine_id                   'X-RAY DIFFRACTION' 
_refine_ls_shell.R_factor_all                     ? 
# 
_struct.entry_id                  1LXI 
_struct.title                     'Refinement of BMP7 crystal structure' 
_struct.pdbx_model_details        ? 
_struct.pdbx_CASP_flag            ? 
_struct.pdbx_model_type_details   ? 
# 
_struct_keywords.entry_id        1LXI 
_struct_keywords.pdbx_keywords   'HORMONE/GROWTH FACTOR' 
_struct_keywords.text            'Cystine-knot growth factor, HORMONE-GROWTH FACTOR COMPLEX' 
# 
loop_
_struct_asym.id 
_struct_asym.pdbx_blank_PDB_chainid_flag 
_struct_asym.pdbx_modified 
_struct_asym.entity_id 
_struct_asym.details 
A N N 1 ? 
B N N 2 ? 
C N N 3 ? 
# 
_struct_ref.id                         1 
_struct_ref.db_name                    UNP 
_struct_ref.db_code                    BMP7_HUMAN 
_struct_ref.entity_id                  1 
_struct_ref.pdbx_seq_one_letter_code   
;STGSKQRSQNRSKTPKNQEALRMANVAENSSSDQRQACKKHELYVSFRDLGWQDWIIAPEGYAAYYCEGECAFPLNSYMN
ATNHAIVQTLVHFINPETVPKPCCAPTQLNAISVLYFDDSSNVILKKYRNMVVRACGCH
;
_struct_ref.pdbx_align_begin           293 
_struct_ref.pdbx_db_accession          P18075 
_struct_ref.pdbx_db_isoform            ? 
# 
_struct_ref_seq.align_id                      1 
_struct_ref_seq.ref_id                        1 
_struct_ref_seq.pdbx_PDB_id_code              1LXI 
_struct_ref_seq.pdbx_strand_id                A 
_struct_ref_seq.seq_align_beg                 1 
_struct_ref_seq.pdbx_seq_align_beg_ins_code   ? 
_struct_ref_seq.seq_align_end                 139 
_struct_ref_seq.pdbx_seq_align_end_ins_code   ? 
_struct_ref_seq.pdbx_db_accession             P18075 
_struct_ref_seq.db_align_beg                  293 
_struct_ref_seq.pdbx_db_align_beg_ins_code    ? 
_struct_ref_seq.db_align_end                  431 
_struct_ref_seq.pdbx_db_align_end_ins_code    ? 
_struct_ref_seq.pdbx_auth_seq_align_beg       1 
_struct_ref_seq.pdbx_auth_seq_align_end       139 
# 
_pdbx_struct_assembly.id                   1 
_pdbx_struct_assembly.details              author_and_software_defined_assembly 
_pdbx_struct_assembly.method_details       PISA,PQS 
_pdbx_struct_assembly.oligomeric_details   dimeric 
_pdbx_struct_assembly.oligomeric_count     2 
# 
loop_
_pdbx_struct_assembly_prop.biol_id 
_pdbx_struct_assembly_prop.type 
_pdbx_struct_assembly_prop.value 
_pdbx_struct_assembly_prop.details 
1 'ABSA (A^2)' 3170  ? 
1 MORE         -15   ? 
1 'SSA (A^2)'  12180 ? 
# 
_pdbx_struct_assembly_gen.assembly_id       1 
_pdbx_struct_assembly_gen.oper_expression   1,2 
_pdbx_struct_assembly_gen.asym_id_list      A,B,C 
# 
loop_
_pdbx_struct_oper_list.id 
_pdbx_struct_oper_list.type 
_pdbx_struct_oper_list.name 
_pdbx_struct_oper_list.symmetry_operation 
_pdbx_struct_oper_list.matrix[1][1] 
_pdbx_struct_oper_list.matrix[1][2] 
_pdbx_struct_oper_list.matrix[1][3] 
_pdbx_struct_oper_list.vector[1] 
_pdbx_struct_oper_list.matrix[2][1] 
_pdbx_struct_oper_list.matrix[2][2] 
_pdbx_struct_oper_list.matrix[2][3] 
_pdbx_struct_oper_list.vector[2] 
_pdbx_struct_oper_list.matrix[3][1] 
_pdbx_struct_oper_list.matrix[3][2] 
_pdbx_struct_oper_list.matrix[3][3] 
_pdbx_struct_oper_list.vector[3] 
1 'identity operation'         1_555 x,y,z             1.0000000000  0.0000000000 0.0000000000 0.0000000000  0.0000000000 1.0000000000  0.0000000000 0.0000000000   0.0000000000 0.0000000000 1.0000000000 0.0000000000  
2 'crystal symmetry operation' 5_675 x-y+1,-y+2,-z+1/3 -0.2429719507 0.4070317241 0.8805054269 -5.8995232709 0.4070317241 -0.7811510094 0.4734218795 -12.8160369706 0.8805054269 0.4734218795 0.0241229601 10.9966820443 
# 
_struct_biol.id                    1 
_struct_biol.details               
;The second part of the biological assembly is generated by the two fold axis: 
x-y+1,-y+2,1/3-z
;
_struct_biol.pdbx_parent_biol_id   ? 
# 
loop_
_struct_conf.conf_type_id 
_struct_conf.id 
_struct_conf.pdbx_PDB_helix_id 
_struct_conf.beg_label_comp_id 
_struct_conf.beg_label_asym_id 
_struct_conf.beg_label_seq_id 
_struct_conf.pdbx_beg_PDB_ins_code 
_struct_conf.end_label_comp_id 
_struct_conf.end_label_asym_id 
_struct_conf.end_label_seq_id 
_struct_conf.pdbx_end_PDB_ins_code 
_struct_conf.beg_auth_comp_id 
_struct_conf.beg_auth_asym_id 
_struct_conf.beg_auth_seq_id 
_struct_conf.end_auth_comp_id 
_struct_conf.end_auth_asym_id 
_struct_conf.end_auth_seq_id 
_struct_conf.pdbx_PDB_helix_class 
_struct_conf.details 
_struct_conf.pdbx_PDB_helix_length 
HELX_P HELX_P1 1 PHE A 47 ? GLY A 51 ? PHE A 47 GLY A 51 1 ? 5  
HELX_P HELX_P2 2 ASN A 76 ? ASN A 80 ? ASN A 76 ASN A 80 5 ? 5  
HELX_P HELX_P3 3 THR A 82 ? ASN A 95 ? THR A 82 ASN A 95 1 ? 14 
# 
_struct_conf_type.id          HELX_P 
_struct_conf_type.criteria    ? 
_struct_conf_type.reference   ? 
# 
loop_
_struct_conn.id 
_struct_conn.conn_type_id 
_struct_conn.pdbx_leaving_atom_flag 
_struct_conn.pdbx_PDB_id 
_struct_conn.ptnr1_label_asym_id 
_struct_conn.ptnr1_label_comp_id 
_struct_conn.ptnr1_label_seq_id 
_struct_conn.ptnr1_label_atom_id 
_struct_conn.pdbx_ptnr1_label_alt_id 
_struct_conn.pdbx_ptnr1_PDB_ins_code 
_struct_conn.pdbx_ptnr1_standard_comp_id 
_struct_conn.ptnr1_symmetry 
_struct_conn.ptnr2_label_asym_id 
_struct_conn.ptnr2_label_comp_id 
_struct_conn.ptnr2_label_seq_id 
_struct_conn.ptnr2_label_atom_id 
_struct_conn.pdbx_ptnr2_label_alt_id 
_struct_conn.pdbx_ptnr2_PDB_ins_code 
_struct_conn.ptnr1_auth_asym_id 
_struct_conn.ptnr1_auth_comp_id 
_struct_conn.ptnr1_auth_seq_id 
_struct_conn.ptnr2_auth_asym_id 
_struct_conn.ptnr2_auth_comp_id 
_struct_conn.ptnr2_auth_seq_id 
_struct_conn.ptnr2_symmetry 
_struct_conn.pdbx_ptnr3_label_atom_id 
_struct_conn.pdbx_ptnr3_label_seq_id 
_struct_conn.pdbx_ptnr3_label_comp_id 
_struct_conn.pdbx_ptnr3_label_asym_id 
_struct_conn.pdbx_ptnr3_label_alt_id 
_struct_conn.pdbx_ptnr3_PDB_ins_code 
_struct_conn.details 
_struct_conn.pdbx_dist_value 
_struct_conn.pdbx_value_order 
_struct_conn.pdbx_role 
disulf1 disulf ?   ? A CYS 38 SG  ? ? ? 1_555 A CYS 104 SG ? ? A CYS 38 A CYS 104 1_555 ? ? ? ? ? ? ? 2.038 ? ?               
disulf2 disulf ?   ? A CYS 67 SG  ? ? ? 1_555 A CYS 136 SG ? ? A CYS 67 A CYS 136 1_555 ? ? ? ? ? ? ? 2.029 ? ?               
disulf3 disulf ?   ? A CYS 71 SG  ? ? ? 1_555 A CYS 138 SG ? ? A CYS 71 A CYS 138 1_555 ? ? ? ? ? ? ? 2.129 ? ?               
covale1 covale one ? A ASN 80 ND2 ? ? ? 1_555 B NAG .   C1 ? ? A ASN 80 A NAG 180 1_555 ? ? ? ? ? ? ? 1.457 ? N-Glycosylation 
# 
loop_
_struct_conn_type.id 
_struct_conn_type.criteria 
_struct_conn_type.reference 
disulf ? ? 
covale ? ? 
# 
loop_
_pdbx_modification_feature.ordinal 
_pdbx_modification_feature.label_comp_id 
_pdbx_modification_feature.label_asym_id 
_pdbx_modification_feature.label_seq_id 
_pdbx_modification_feature.label_alt_id 
_pdbx_modification_feature.modified_residue_label_comp_id 
_pdbx_modification_feature.modified_residue_label_asym_id 
_pdbx_modification_feature.modified_residue_label_seq_id 
_pdbx_modification_feature.modified_residue_label_alt_id 
_pdbx_modification_feature.auth_comp_id 
_pdbx_modification_feature.auth_asym_id 
_pdbx_modification_feature.auth_seq_id 
_pdbx_modification_feature.PDB_ins_code 
_pdbx_modification_feature.symmetry 
_pdbx_modification_feature.modified_residue_auth_comp_id 
_pdbx_modification_feature.modified_residue_auth_asym_id 
_pdbx_modification_feature.modified_residue_auth_seq_id 
_pdbx_modification_feature.modified_residue_PDB_ins_code 
_pdbx_modification_feature.modified_residue_symmetry 
_pdbx_modification_feature.comp_id_linking_atom 
_pdbx_modification_feature.modified_residue_id_linking_atom 
_pdbx_modification_feature.modified_residue_id 
_pdbx_modification_feature.ref_pcm_id 
_pdbx_modification_feature.ref_comp_id 
_pdbx_modification_feature.type 
_pdbx_modification_feature.category 
1 NAG B .  ? ASN A 80  ? NAG A 180 ? 1_555 ASN A 80  ? 1_555 C1 ND2 ASN 1 NAG N-Glycosylation Carbohydrate       
2 CYS A 38 ? CYS A 104 ? CYS A 38  ? 1_555 CYS A 104 ? 1_555 SG SG  .   . .   None            'Disulfide bridge' 
3 CYS A 67 ? CYS A 136 ? CYS A 67  ? 1_555 CYS A 136 ? 1_555 SG SG  .   . .   None            'Disulfide bridge' 
4 CYS A 71 ? CYS A 138 ? CYS A 71  ? 1_555 CYS A 138 ? 1_555 SG SG  .   . .   None            'Disulfide bridge' 
# 
loop_
_struct_mon_prot_cis.pdbx_id 
_struct_mon_prot_cis.label_comp_id 
_struct_mon_prot_cis.label_seq_id 
_struct_mon_prot_cis.label_asym_id 
_struct_mon_prot_cis.label_alt_id 
_struct_mon_prot_cis.pdbx_PDB_ins_code 
_struct_mon_prot_cis.auth_comp_id 
_struct_mon_prot_cis.auth_seq_id 
_struct_mon_prot_cis.auth_asym_id 
_struct_mon_prot_cis.pdbx_label_comp_id_2 
_struct_mon_prot_cis.pdbx_label_seq_id_2 
_struct_mon_prot_cis.pdbx_label_asym_id_2 
_struct_mon_prot_cis.pdbx_PDB_ins_code_2 
_struct_mon_prot_cis.pdbx_auth_comp_id_2 
_struct_mon_prot_cis.pdbx_auth_seq_id_2 
_struct_mon_prot_cis.pdbx_auth_asym_id_2 
_struct_mon_prot_cis.pdbx_PDB_model_num 
_struct_mon_prot_cis.pdbx_omega_angle 
1 ALA 58 A . ? ALA 58 A PRO 59 A ? PRO 59 A 1 -2.92 
2 PHE 73 A . ? PHE 73 A PRO 74 A ? PRO 74 A 1 3.31  
# 
loop_
_struct_sheet.id 
_struct_sheet.type 
_struct_sheet.number_strands 
_struct_sheet.details 
A ? 2 ? 
B ? 2 ? 
C ? 3 ? 
# 
loop_
_struct_sheet_order.sheet_id 
_struct_sheet_order.range_id_1 
_struct_sheet_order.range_id_2 
_struct_sheet_order.offset 
_struct_sheet_order.sense 
A 1 2 ? anti-parallel 
B 1 2 ? anti-parallel 
C 1 2 ? anti-parallel 
C 2 3 ? anti-parallel 
# 
loop_
_struct_sheet_range.sheet_id 
_struct_sheet_range.id 
_struct_sheet_range.beg_label_comp_id 
_struct_sheet_range.beg_label_asym_id 
_struct_sheet_range.beg_label_seq_id 
_struct_sheet_range.pdbx_beg_PDB_ins_code 
_struct_sheet_range.end_label_comp_id 
_struct_sheet_range.end_label_asym_id 
_struct_sheet_range.end_label_seq_id 
_struct_sheet_range.pdbx_end_PDB_ins_code 
_struct_sheet_range.beg_auth_comp_id 
_struct_sheet_range.beg_auth_asym_id 
_struct_sheet_range.beg_auth_seq_id 
_struct_sheet_range.end_auth_comp_id 
_struct_sheet_range.end_auth_asym_id 
_struct_sheet_range.end_auth_seq_id 
A 1 LYS A 39  ? HIS A 41  ? LYS A 39  HIS A 41  
A 2 TYR A 66  ? GLU A 68  ? TYR A 66  GLU A 68  
B 1 TYR A 44  ? SER A 46  ? TYR A 44  SER A 46  
B 2 GLY A 61  ? ALA A 63  ? GLY A 61  ALA A 63  
C 1 ILE A 56  ? ALA A 58  ? ILE A 56  ALA A 58  
C 2 CYS A 104 ? PHE A 117 ? CYS A 104 PHE A 117 
C 3 VAL A 123 ? CYS A 138 ? VAL A 123 CYS A 138 
# 
loop_
_pdbx_struct_sheet_hbond.sheet_id 
_pdbx_struct_sheet_hbond.range_id_1 
_pdbx_struct_sheet_hbond.range_id_2 
_pdbx_struct_sheet_hbond.range_1_label_atom_id 
_pdbx_struct_sheet_hbond.range_1_label_comp_id 
_pdbx_struct_sheet_hbond.range_1_label_asym_id 
_pdbx_struct_sheet_hbond.range_1_label_seq_id 
_pdbx_struct_sheet_hbond.range_1_PDB_ins_code 
_pdbx_struct_sheet_hbond.range_1_auth_atom_id 
_pdbx_struct_sheet_hbond.range_1_auth_comp_id 
_pdbx_struct_sheet_hbond.range_1_auth_asym_id 
_pdbx_struct_sheet_hbond.range_1_auth_seq_id 
_pdbx_struct_sheet_hbond.range_2_label_atom_id 
_pdbx_struct_sheet_hbond.range_2_label_comp_id 
_pdbx_struct_sheet_hbond.range_2_label_asym_id 
_pdbx_struct_sheet_hbond.range_2_label_seq_id 
_pdbx_struct_sheet_hbond.range_2_PDB_ins_code 
_pdbx_struct_sheet_hbond.range_2_auth_atom_id 
_pdbx_struct_sheet_hbond.range_2_auth_comp_id 
_pdbx_struct_sheet_hbond.range_2_auth_asym_id 
_pdbx_struct_sheet_hbond.range_2_auth_seq_id 
A 1 2 N HIS A 41  ? N HIS A 41  O TYR A 66  ? O TYR A 66  
B 1 2 N VAL A 45  ? N VAL A 45  O TYR A 62  ? O TYR A 62  
C 1 2 N ALA A 58  ? N ALA A 58  O LEU A 115 ? O LEU A 115 
C 2 3 N ILE A 112 ? N ILE A 112 O TYR A 128 ? O TYR A 128 
# 
_pdbx_entry_details.entry_id                   1LXI 
_pdbx_entry_details.compound_details           ? 
_pdbx_entry_details.source_details             ? 
_pdbx_entry_details.nonpolymer_details         ? 
_pdbx_entry_details.sequence_details           ? 
_pdbx_entry_details.has_ligand_of_interest     ? 
_pdbx_entry_details.has_protein_modification   Y 
# 
_pdbx_validate_close_contact.id               1 
_pdbx_validate_close_contact.PDB_model_num    1 
_pdbx_validate_close_contact.auth_atom_id_1   OD1 
_pdbx_validate_close_contact.auth_asym_id_1   A 
_pdbx_validate_close_contact.auth_comp_id_1   ASN 
_pdbx_validate_close_contact.auth_seq_id_1    110 
_pdbx_validate_close_contact.PDB_ins_code_1   ? 
_pdbx_validate_close_contact.label_alt_id_1   ? 
_pdbx_validate_close_contact.auth_atom_id_2   NH1 
_pdbx_validate_close_contact.auth_asym_id_2   A 
_pdbx_validate_close_contact.auth_comp_id_2   ARG 
_pdbx_validate_close_contact.auth_seq_id_2    134 
_pdbx_validate_close_contact.PDB_ins_code_2   ? 
_pdbx_validate_close_contact.label_alt_id_2   ? 
_pdbx_validate_close_contact.dist             2.18 
# 
loop_
_pdbx_validate_symm_contact.id 
_pdbx_validate_symm_contact.PDB_model_num 
_pdbx_validate_symm_contact.auth_atom_id_1 
_pdbx_validate_symm_contact.auth_asym_id_1 
_pdbx_validate_symm_contact.auth_comp_id_1 
_pdbx_validate_symm_contact.auth_seq_id_1 
_pdbx_validate_symm_contact.PDB_ins_code_1 
_pdbx_validate_symm_contact.label_alt_id_1 
_pdbx_validate_symm_contact.site_symmetry_1 
_pdbx_validate_symm_contact.auth_atom_id_2 
_pdbx_validate_symm_contact.auth_asym_id_2 
_pdbx_validate_symm_contact.auth_comp_id_2 
_pdbx_validate_symm_contact.auth_seq_id_2 
_pdbx_validate_symm_contact.PDB_ins_code_2 
_pdbx_validate_symm_contact.label_alt_id_2 
_pdbx_validate_symm_contact.site_symmetry_2 
_pdbx_validate_symm_contact.dist 
1 1 O  A HOH 244 ? ? 1_555 O  A HOH 244 ? ? 5_675 1.22 
2 1 SG A CYS 103 ? ? 1_555 SG A CYS 103 ? ? 5_675 1.67 
# 
loop_
_pdbx_validate_rmsd_angle.id 
_pdbx_validate_rmsd_angle.PDB_model_num 
_pdbx_validate_rmsd_angle.auth_atom_id_1 
_pdbx_validate_rmsd_angle.auth_asym_id_1 
_pdbx_validate_rmsd_angle.auth_comp_id_1 
_pdbx_validate_rmsd_angle.auth_seq_id_1 
_pdbx_validate_rmsd_angle.PDB_ins_code_1 
_pdbx_validate_rmsd_angle.label_alt_id_1 
_pdbx_validate_rmsd_angle.auth_atom_id_2 
_pdbx_validate_rmsd_angle.auth_asym_id_2 
_pdbx_validate_rmsd_angle.auth_comp_id_2 
_pdbx_validate_rmsd_angle.auth_seq_id_2 
_pdbx_validate_rmsd_angle.PDB_ins_code_2 
_pdbx_validate_rmsd_angle.label_alt_id_2 
_pdbx_validate_rmsd_angle.auth_atom_id_3 
_pdbx_validate_rmsd_angle.auth_asym_id_3 
_pdbx_validate_rmsd_angle.auth_comp_id_3 
_pdbx_validate_rmsd_angle.auth_seq_id_3 
_pdbx_validate_rmsd_angle.PDB_ins_code_3 
_pdbx_validate_rmsd_angle.label_alt_id_3 
_pdbx_validate_rmsd_angle.angle_value 
_pdbx_validate_rmsd_angle.angle_target_value 
_pdbx_validate_rmsd_angle.angle_deviation 
_pdbx_validate_rmsd_angle.angle_standard_deviation 
_pdbx_validate_rmsd_angle.linker_flag 
1 1 CA A CYS 103 ? ? CB A CYS 103 ? ? SG A CYS 103 ? ? 122.18 114.20 7.98   1.10 N 
2 1 CB A PHE 117 ? ? CA A PHE 117 ? ? C  A PHE 117 ? ? 97.73  110.40 -12.67 2.00 N 
3 1 CA A HIS 139 ? ? C  A HIS 139 ? ? O  A HIS 139 ? ? 102.85 120.10 -17.25 2.10 N 
# 
_pdbx_validate_torsion.id              1 
_pdbx_validate_torsion.PDB_model_num   1 
_pdbx_validate_torsion.auth_comp_id    TYR 
_pdbx_validate_torsion.auth_asym_id    A 
_pdbx_validate_torsion.auth_seq_id     65 
_pdbx_validate_torsion.PDB_ins_code    ? 
_pdbx_validate_torsion.label_alt_id    ? 
_pdbx_validate_torsion.phi             63.40 
_pdbx_validate_torsion.psi             174.94 
# 
_pdbx_struct_mod_residue.id               1 
_pdbx_struct_mod_residue.label_asym_id    A 
_pdbx_struct_mod_residue.label_comp_id    ASN 
_pdbx_struct_mod_residue.label_seq_id     80 
_pdbx_struct_mod_residue.auth_asym_id     A 
_pdbx_struct_mod_residue.auth_comp_id     ASN 
_pdbx_struct_mod_residue.auth_seq_id      80 
_pdbx_struct_mod_residue.PDB_ins_code     ? 
_pdbx_struct_mod_residue.parent_comp_id   ASN 
_pdbx_struct_mod_residue.details          'GLYCOSYLATION SITE' 
# 
loop_
_pdbx_unobs_or_zero_occ_residues.id 
_pdbx_unobs_or_zero_occ_residues.PDB_model_num 
_pdbx_unobs_or_zero_occ_residues.polymer_flag 
_pdbx_unobs_or_zero_occ_residues.occupancy_flag 
_pdbx_unobs_or_zero_occ_residues.auth_asym_id 
_pdbx_unobs_or_zero_occ_residues.auth_comp_id 
_pdbx_unobs_or_zero_occ_residues.auth_seq_id 
_pdbx_unobs_or_zero_occ_residues.PDB_ins_code 
_pdbx_unobs_or_zero_occ_residues.label_asym_id 
_pdbx_unobs_or_zero_occ_residues.label_comp_id 
_pdbx_unobs_or_zero_occ_residues.label_seq_id 
1  1 Y 1 A SER 1  ? A SER 1  
2  1 Y 1 A THR 2  ? A THR 2  
3  1 Y 1 A GLY 3  ? A GLY 3  
4  1 Y 1 A SER 4  ? A SER 4  
5  1 Y 1 A LYS 5  ? A LYS 5  
6  1 Y 1 A GLN 6  ? A GLN 6  
7  1 Y 1 A ARG 7  ? A ARG 7  
8  1 Y 1 A SER 8  ? A SER 8  
9  1 Y 1 A GLN 9  ? A GLN 9  
10 1 Y 1 A ASN 10 ? A ASN 10 
11 1 Y 1 A ARG 11 ? A ARG 11 
12 1 Y 1 A SER 12 ? A SER 12 
13 1 Y 1 A LYS 13 ? A LYS 13 
14 1 Y 1 A THR 14 ? A THR 14 
15 1 Y 1 A PRO 15 ? A PRO 15 
16 1 Y 1 A LYS 16 ? A LYS 16 
17 1 Y 1 A ASN 17 ? A ASN 17 
18 1 Y 1 A GLN 18 ? A GLN 18 
19 1 Y 1 A GLU 19 ? A GLU 19 
20 1 Y 1 A ALA 20 ? A ALA 20 
21 1 Y 1 A LEU 21 ? A LEU 21 
22 1 Y 1 A ARG 22 ? A ARG 22 
23 1 Y 1 A MET 23 ? A MET 23 
24 1 Y 1 A ALA 24 ? A ALA 24 
25 1 Y 1 A ASN 25 ? A ASN 25 
26 1 Y 1 A VAL 26 ? A VAL 26 
27 1 Y 1 A ALA 27 ? A ALA 27 
28 1 Y 1 A GLU 28 ? A GLU 28 
29 1 Y 1 A ASN 29 ? A ASN 29 
30 1 Y 1 A SER 30 ? A SER 30 
31 1 Y 1 A SER 31 ? A SER 31 
32 1 Y 1 A SER 32 ? A SER 32 
33 1 Y 1 A ASP 33 ? A ASP 33 
34 1 Y 1 A GLN 34 ? A GLN 34 
35 1 Y 1 A ARG 35 ? A ARG 35 
# 
loop_
_chem_comp_atom.comp_id 
_chem_comp_atom.atom_id 
_chem_comp_atom.type_symbol 
_chem_comp_atom.pdbx_aromatic_flag 
_chem_comp_atom.pdbx_stereo_config 
_chem_comp_atom.pdbx_ordinal 
ALA N    N N N 1   
ALA CA   C N S 2   
ALA C    C N N 3   
ALA O    O N N 4   
ALA CB   C N N 5   
ALA OXT  O N N 6   
ALA H    H N N 7   
ALA H2   H N N 8   
ALA HA   H N N 9   
ALA HB1  H N N 10  
ALA HB2  H N N 11  
ALA HB3  H N N 12  
ALA HXT  H N N 13  
ARG N    N N N 14  
ARG CA   C N S 15  
ARG C    C N N 16  
ARG O    O N N 17  
ARG CB   C N N 18  
ARG CG   C N N 19  
ARG CD   C N N 20  
ARG NE   N N N 21  
ARG CZ   C N N 22  
ARG NH1  N N N 23  
ARG NH2  N N N 24  
ARG OXT  O N N 25  
ARG H    H N N 26  
ARG H2   H N N 27  
ARG HA   H N N 28  
ARG HB2  H N N 29  
ARG HB3  H N N 30  
ARG HG2  H N N 31  
ARG HG3  H N N 32  
ARG HD2  H N N 33  
ARG HD3  H N N 34  
ARG HE   H N N 35  
ARG HH11 H N N 36  
ARG HH12 H N N 37  
ARG HH21 H N N 38  
ARG HH22 H N N 39  
ARG HXT  H N N 40  
ASN N    N N N 41  
ASN CA   C N S 42  
ASN C    C N N 43  
ASN O    O N N 44  
ASN CB   C N N 45  
ASN CG   C N N 46  
ASN OD1  O N N 47  
ASN ND2  N N N 48  
ASN OXT  O N N 49  
ASN H    H N N 50  
ASN H2   H N N 51  
ASN HA   H N N 52  
ASN HB2  H N N 53  
ASN HB3  H N N 54  
ASN HD21 H N N 55  
ASN HD22 H N N 56  
ASN HXT  H N N 57  
ASP N    N N N 58  
ASP CA   C N S 59  
ASP C    C N N 60  
ASP O    O N N 61  
ASP CB   C N N 62  
ASP CG   C N N 63  
ASP OD1  O N N 64  
ASP OD2  O N N 65  
ASP OXT  O N N 66  
ASP H    H N N 67  
ASP H2   H N N 68  
ASP HA   H N N 69  
ASP HB2  H N N 70  
ASP HB3  H N N 71  
ASP HD2  H N N 72  
ASP HXT  H N N 73  
CYS N    N N N 74  
CYS CA   C N R 75  
CYS C    C N N 76  
CYS O    O N N 77  
CYS CB   C N N 78  
CYS SG   S N N 79  
CYS OXT  O N N 80  
CYS H    H N N 81  
CYS H2   H N N 82  
CYS HA   H N N 83  
CYS HB2  H N N 84  
CYS HB3  H N N 85  
CYS HG   H N N 86  
CYS HXT  H N N 87  
GLN N    N N N 88  
GLN CA   C N S 89  
GLN C    C N N 90  
GLN O    O N N 91  
GLN CB   C N N 92  
GLN CG   C N N 93  
GLN CD   C N N 94  
GLN OE1  O N N 95  
GLN NE2  N N N 96  
GLN OXT  O N N 97  
GLN H    H N N 98  
GLN H2   H N N 99  
GLN HA   H N N 100 
GLN HB2  H N N 101 
GLN HB3  H N N 102 
GLN HG2  H N N 103 
GLN HG3  H N N 104 
GLN HE21 H N N 105 
GLN HE22 H N N 106 
GLN HXT  H N N 107 
GLU N    N N N 108 
GLU CA   C N S 109 
GLU C    C N N 110 
GLU O    O N N 111 
GLU CB   C N N 112 
GLU CG   C N N 113 
GLU CD   C N N 114 
GLU OE1  O N N 115 
GLU OE2  O N N 116 
GLU OXT  O N N 117 
GLU H    H N N 118 
GLU H2   H N N 119 
GLU HA   H N N 120 
GLU HB2  H N N 121 
GLU HB3  H N N 122 
GLU HG2  H N N 123 
GLU HG3  H N N 124 
GLU HE2  H N N 125 
GLU HXT  H N N 126 
GLY N    N N N 127 
GLY CA   C N N 128 
GLY C    C N N 129 
GLY O    O N N 130 
GLY OXT  O N N 131 
GLY H    H N N 132 
GLY H2   H N N 133 
GLY HA2  H N N 134 
GLY HA3  H N N 135 
GLY HXT  H N N 136 
HIS N    N N N 137 
HIS CA   C N S 138 
HIS C    C N N 139 
HIS O    O N N 140 
HIS CB   C N N 141 
HIS CG   C Y N 142 
HIS ND1  N Y N 143 
HIS CD2  C Y N 144 
HIS CE1  C Y N 145 
HIS NE2  N Y N 146 
HIS OXT  O N N 147 
HIS H    H N N 148 
HIS H2   H N N 149 
HIS HA   H N N 150 
HIS HB2  H N N 151 
HIS HB3  H N N 152 
HIS HD1  H N N 153 
HIS HD2  H N N 154 
HIS HE1  H N N 155 
HIS HE2  H N N 156 
HIS HXT  H N N 157 
HOH O    O N N 158 
HOH H1   H N N 159 
HOH H2   H N N 160 
ILE N    N N N 161 
ILE CA   C N S 162 
ILE C    C N N 163 
ILE O    O N N 164 
ILE CB   C N S 165 
ILE CG1  C N N 166 
ILE CG2  C N N 167 
ILE CD1  C N N 168 
ILE OXT  O N N 169 
ILE H    H N N 170 
ILE H2   H N N 171 
ILE HA   H N N 172 
ILE HB   H N N 173 
ILE HG12 H N N 174 
ILE HG13 H N N 175 
ILE HG21 H N N 176 
ILE HG22 H N N 177 
ILE HG23 H N N 178 
ILE HD11 H N N 179 
ILE HD12 H N N 180 
ILE HD13 H N N 181 
ILE HXT  H N N 182 
LEU N    N N N 183 
LEU CA   C N S 184 
LEU C    C N N 185 
LEU O    O N N 186 
LEU CB   C N N 187 
LEU CG   C N N 188 
LEU CD1  C N N 189 
LEU CD2  C N N 190 
LEU OXT  O N N 191 
LEU H    H N N 192 
LEU H2   H N N 193 
LEU HA   H N N 194 
LEU HB2  H N N 195 
LEU HB3  H N N 196 
LEU HG   H N N 197 
LEU HD11 H N N 198 
LEU HD12 H N N 199 
LEU HD13 H N N 200 
LEU HD21 H N N 201 
LEU HD22 H N N 202 
LEU HD23 H N N 203 
LEU HXT  H N N 204 
LYS N    N N N 205 
LYS CA   C N S 206 
LYS C    C N N 207 
LYS O    O N N 208 
LYS CB   C N N 209 
LYS CG   C N N 210 
LYS CD   C N N 211 
LYS CE   C N N 212 
LYS NZ   N N N 213 
LYS OXT  O N N 214 
LYS H    H N N 215 
LYS H2   H N N 216 
LYS HA   H N N 217 
LYS HB2  H N N 218 
LYS HB3  H N N 219 
LYS HG2  H N N 220 
LYS HG3  H N N 221 
LYS HD2  H N N 222 
LYS HD3  H N N 223 
LYS HE2  H N N 224 
LYS HE3  H N N 225 
LYS HZ1  H N N 226 
LYS HZ2  H N N 227 
LYS HZ3  H N N 228 
LYS HXT  H N N 229 
MET N    N N N 230 
MET CA   C N S 231 
MET C    C N N 232 
MET O    O N N 233 
MET CB   C N N 234 
MET CG   C N N 235 
MET SD   S N N 236 
MET CE   C N N 237 
MET OXT  O N N 238 
MET H    H N N 239 
MET H2   H N N 240 
MET HA   H N N 241 
MET HB2  H N N 242 
MET HB3  H N N 243 
MET HG2  H N N 244 
MET HG3  H N N 245 
MET HE1  H N N 246 
MET HE2  H N N 247 
MET HE3  H N N 248 
MET HXT  H N N 249 
NAG C1   C N R 250 
NAG C2   C N R 251 
NAG C3   C N R 252 
NAG C4   C N S 253 
NAG C5   C N R 254 
NAG C6   C N N 255 
NAG C7   C N N 256 
NAG C8   C N N 257 
NAG N2   N N N 258 
NAG O1   O N N 259 
NAG O3   O N N 260 
NAG O4   O N N 261 
NAG O5   O N N 262 
NAG O6   O N N 263 
NAG O7   O N N 264 
NAG H1   H N N 265 
NAG H2   H N N 266 
NAG H3   H N N 267 
NAG H4   H N N 268 
NAG H5   H N N 269 
NAG H61  H N N 270 
NAG H62  H N N 271 
NAG H81  H N N 272 
NAG H82  H N N 273 
NAG H83  H N N 274 
NAG HN2  H N N 275 
NAG HO1  H N N 276 
NAG HO3  H N N 277 
NAG HO4  H N N 278 
NAG HO6  H N N 279 
PHE N    N N N 280 
PHE CA   C N S 281 
PHE C    C N N 282 
PHE O    O N N 283 
PHE CB   C N N 284 
PHE CG   C Y N 285 
PHE CD1  C Y N 286 
PHE CD2  C Y N 287 
PHE CE1  C Y N 288 
PHE CE2  C Y N 289 
PHE CZ   C Y N 290 
PHE OXT  O N N 291 
PHE H    H N N 292 
PHE H2   H N N 293 
PHE HA   H N N 294 
PHE HB2  H N N 295 
PHE HB3  H N N 296 
PHE HD1  H N N 297 
PHE HD2  H N N 298 
PHE HE1  H N N 299 
PHE HE2  H N N 300 
PHE HZ   H N N 301 
PHE HXT  H N N 302 
PRO N    N N N 303 
PRO CA   C N S 304 
PRO C    C N N 305 
PRO O    O N N 306 
PRO CB   C N N 307 
PRO CG   C N N 308 
PRO CD   C N N 309 
PRO OXT  O N N 310 
PRO H    H N N 311 
PRO HA   H N N 312 
PRO HB2  H N N 313 
PRO HB3  H N N 314 
PRO HG2  H N N 315 
PRO HG3  H N N 316 
PRO HD2  H N N 317 
PRO HD3  H N N 318 
PRO HXT  H N N 319 
SER N    N N N 320 
SER CA   C N S 321 
SER C    C N N 322 
SER O    O N N 323 
SER CB   C N N 324 
SER OG   O N N 325 
SER OXT  O N N 326 
SER H    H N N 327 
SER H2   H N N 328 
SER HA   H N N 329 
SER HB2  H N N 330 
SER HB3  H N N 331 
SER HG   H N N 332 
SER HXT  H N N 333 
THR N    N N N 334 
THR CA   C N S 335 
THR C    C N N 336 
THR O    O N N 337 
THR CB   C N R 338 
THR OG1  O N N 339 
THR CG2  C N N 340 
THR OXT  O N N 341 
THR H    H N N 342 
THR H2   H N N 343 
THR HA   H N N 344 
THR HB   H N N 345 
THR HG1  H N N 346 
THR HG21 H N N 347 
THR HG22 H N N 348 
THR HG23 H N N 349 
THR HXT  H N N 350 
TRP N    N N N 351 
TRP CA   C N S 352 
TRP C    C N N 353 
TRP O    O N N 354 
TRP CB   C N N 355 
TRP CG   C Y N 356 
TRP CD1  C Y N 357 
TRP CD2  C Y N 358 
TRP NE1  N Y N 359 
TRP CE2  C Y N 360 
TRP CE3  C Y N 361 
TRP CZ2  C Y N 362 
TRP CZ3  C Y N 363 
TRP CH2  C Y N 364 
TRP OXT  O N N 365 
TRP H    H N N 366 
TRP H2   H N N 367 
TRP HA   H N N 368 
TRP HB2  H N N 369 
TRP HB3  H N N 370 
TRP HD1  H N N 371 
TRP HE1  H N N 372 
TRP HE3  H N N 373 
TRP HZ2  H N N 374 
TRP HZ3  H N N 375 
TRP HH2  H N N 376 
TRP HXT  H N N 377 
TYR N    N N N 378 
TYR CA   C N S 379 
TYR C    C N N 380 
TYR O    O N N 381 
TYR CB   C N N 382 
TYR CG   C Y N 383 
TYR CD1  C Y N 384 
TYR CD2  C Y N 385 
TYR CE1  C Y N 386 
TYR CE2  C Y N 387 
TYR CZ   C Y N 388 
TYR OH   O N N 389 
TYR OXT  O N N 390 
TYR H    H N N 391 
TYR H2   H N N 392 
TYR HA   H N N 393 
TYR HB2  H N N 394 
TYR HB3  H N N 395 
TYR HD1  H N N 396 
TYR HD2  H N N 397 
TYR HE1  H N N 398 
TYR HE2  H N N 399 
TYR HH   H N N 400 
TYR HXT  H N N 401 
VAL N    N N N 402 
VAL CA   C N S 403 
VAL C    C N N 404 
VAL O    O N N 405 
VAL CB   C N N 406 
VAL CG1  C N N 407 
VAL CG2  C N N 408 
VAL OXT  O N N 409 
VAL H    H N N 410 
VAL H2   H N N 411 
VAL HA   H N N 412 
VAL HB   H N N 413 
VAL HG11 H N N 414 
VAL HG12 H N N 415 
VAL HG13 H N N 416 
VAL HG21 H N N 417 
VAL HG22 H N N 418 
VAL HG23 H N N 419 
VAL HXT  H N N 420 
# 
loop_
_chem_comp_bond.comp_id 
_chem_comp_bond.atom_id_1 
_chem_comp_bond.atom_id_2 
_chem_comp_bond.value_order 
_chem_comp_bond.pdbx_aromatic_flag 
_chem_comp_bond.pdbx_stereo_config 
_chem_comp_bond.pdbx_ordinal 
ALA N   CA   sing N N 1   
ALA N   H    sing N N 2   
ALA N   H2   sing N N 3   
ALA CA  C    sing N N 4   
ALA CA  CB   sing N N 5   
ALA CA  HA   sing N N 6   
ALA C   O    doub N N 7   
ALA C   OXT  sing N N 8   
ALA CB  HB1  sing N N 9   
ALA CB  HB2  sing N N 10  
ALA CB  HB3  sing N N 11  
ALA OXT HXT  sing N N 12  
ARG N   CA   sing N N 13  
ARG N   H    sing N N 14  
ARG N   H2   sing N N 15  
ARG CA  C    sing N N 16  
ARG CA  CB   sing N N 17  
ARG CA  HA   sing N N 18  
ARG C   O    doub N N 19  
ARG C   OXT  sing N N 20  
ARG CB  CG   sing N N 21  
ARG CB  HB2  sing N N 22  
ARG CB  HB3  sing N N 23  
ARG CG  CD   sing N N 24  
ARG CG  HG2  sing N N 25  
ARG CG  HG3  sing N N 26  
ARG CD  NE   sing N N 27  
ARG CD  HD2  sing N N 28  
ARG CD  HD3  sing N N 29  
ARG NE  CZ   sing N N 30  
ARG NE  HE   sing N N 31  
ARG CZ  NH1  sing N N 32  
ARG CZ  NH2  doub N N 33  
ARG NH1 HH11 sing N N 34  
ARG NH1 HH12 sing N N 35  
ARG NH2 HH21 sing N N 36  
ARG NH2 HH22 sing N N 37  
ARG OXT HXT  sing N N 38  
ASN N   CA   sing N N 39  
ASN N   H    sing N N 40  
ASN N   H2   sing N N 41  
ASN CA  C    sing N N 42  
ASN CA  CB   sing N N 43  
ASN CA  HA   sing N N 44  
ASN C   O    doub N N 45  
ASN C   OXT  sing N N 46  
ASN CB  CG   sing N N 47  
ASN CB  HB2  sing N N 48  
ASN CB  HB3  sing N N 49  
ASN CG  OD1  doub N N 50  
ASN CG  ND2  sing N N 51  
ASN ND2 HD21 sing N N 52  
ASN ND2 HD22 sing N N 53  
ASN OXT HXT  sing N N 54  
ASP N   CA   sing N N 55  
ASP N   H    sing N N 56  
ASP N   H2   sing N N 57  
ASP CA  C    sing N N 58  
ASP CA  CB   sing N N 59  
ASP CA  HA   sing N N 60  
ASP C   O    doub N N 61  
ASP C   OXT  sing N N 62  
ASP CB  CG   sing N N 63  
ASP CB  HB2  sing N N 64  
ASP CB  HB3  sing N N 65  
ASP CG  OD1  doub N N 66  
ASP CG  OD2  sing N N 67  
ASP OD2 HD2  sing N N 68  
ASP OXT HXT  sing N N 69  
CYS N   CA   sing N N 70  
CYS N   H    sing N N 71  
CYS N   H2   sing N N 72  
CYS CA  C    sing N N 73  
CYS CA  CB   sing N N 74  
CYS CA  HA   sing N N 75  
CYS C   O    doub N N 76  
CYS C   OXT  sing N N 77  
CYS CB  SG   sing N N 78  
CYS CB  HB2  sing N N 79  
CYS CB  HB3  sing N N 80  
CYS SG  HG   sing N N 81  
CYS OXT HXT  sing N N 82  
GLN N   CA   sing N N 83  
GLN N   H    sing N N 84  
GLN N   H2   sing N N 85  
GLN CA  C    sing N N 86  
GLN CA  CB   sing N N 87  
GLN CA  HA   sing N N 88  
GLN C   O    doub N N 89  
GLN C   OXT  sing N N 90  
GLN CB  CG   sing N N 91  
GLN CB  HB2  sing N N 92  
GLN CB  HB3  sing N N 93  
GLN CG  CD   sing N N 94  
GLN CG  HG2  sing N N 95  
GLN CG  HG3  sing N N 96  
GLN CD  OE1  doub N N 97  
GLN CD  NE2  sing N N 98  
GLN NE2 HE21 sing N N 99  
GLN NE2 HE22 sing N N 100 
GLN OXT HXT  sing N N 101 
GLU N   CA   sing N N 102 
GLU N   H    sing N N 103 
GLU N   H2   sing N N 104 
GLU CA  C    sing N N 105 
GLU CA  CB   sing N N 106 
GLU CA  HA   sing N N 107 
GLU C   O    doub N N 108 
GLU C   OXT  sing N N 109 
GLU CB  CG   sing N N 110 
GLU CB  HB2  sing N N 111 
GLU CB  HB3  sing N N 112 
GLU CG  CD   sing N N 113 
GLU CG  HG2  sing N N 114 
GLU CG  HG3  sing N N 115 
GLU CD  OE1  doub N N 116 
GLU CD  OE2  sing N N 117 
GLU OE2 HE2  sing N N 118 
GLU OXT HXT  sing N N 119 
GLY N   CA   sing N N 120 
GLY N   H    sing N N 121 
GLY N   H2   sing N N 122 
GLY CA  C    sing N N 123 
GLY CA  HA2  sing N N 124 
GLY CA  HA3  sing N N 125 
GLY C   O    doub N N 126 
GLY C   OXT  sing N N 127 
GLY OXT HXT  sing N N 128 
HIS N   CA   sing N N 129 
HIS N   H    sing N N 130 
HIS N   H2   sing N N 131 
HIS CA  C    sing N N 132 
HIS CA  CB   sing N N 133 
HIS CA  HA   sing N N 134 
HIS C   O    doub N N 135 
HIS C   OXT  sing N N 136 
HIS CB  CG   sing N N 137 
HIS CB  HB2  sing N N 138 
HIS CB  HB3  sing N N 139 
HIS CG  ND1  sing Y N 140 
HIS CG  CD2  doub Y N 141 
HIS ND1 CE1  doub Y N 142 
HIS ND1 HD1  sing N N 143 
HIS CD2 NE2  sing Y N 144 
HIS CD2 HD2  sing N N 145 
HIS CE1 NE2  sing Y N 146 
HIS CE1 HE1  sing N N 147 
HIS NE2 HE2  sing N N 148 
HIS OXT HXT  sing N N 149 
HOH O   H1   sing N N 150 
HOH O   H2   sing N N 151 
ILE N   CA   sing N N 152 
ILE N   H    sing N N 153 
ILE N   H2   sing N N 154 
ILE CA  C    sing N N 155 
ILE CA  CB   sing N N 156 
ILE CA  HA   sing N N 157 
ILE C   O    doub N N 158 
ILE C   OXT  sing N N 159 
ILE CB  CG1  sing N N 160 
ILE CB  CG2  sing N N 161 
ILE CB  HB   sing N N 162 
ILE CG1 CD1  sing N N 163 
ILE CG1 HG12 sing N N 164 
ILE CG1 HG13 sing N N 165 
ILE CG2 HG21 sing N N 166 
ILE CG2 HG22 sing N N 167 
ILE CG2 HG23 sing N N 168 
ILE CD1 HD11 sing N N 169 
ILE CD1 HD12 sing N N 170 
ILE CD1 HD13 sing N N 171 
ILE OXT HXT  sing N N 172 
LEU N   CA   sing N N 173 
LEU N   H    sing N N 174 
LEU N   H2   sing N N 175 
LEU CA  C    sing N N 176 
LEU CA  CB   sing N N 177 
LEU CA  HA   sing N N 178 
LEU C   O    doub N N 179 
LEU C   OXT  sing N N 180 
LEU CB  CG   sing N N 181 
LEU CB  HB2  sing N N 182 
LEU CB  HB3  sing N N 183 
LEU CG  CD1  sing N N 184 
LEU CG  CD2  sing N N 185 
LEU CG  HG   sing N N 186 
LEU CD1 HD11 sing N N 187 
LEU CD1 HD12 sing N N 188 
LEU CD1 HD13 sing N N 189 
LEU CD2 HD21 sing N N 190 
LEU CD2 HD22 sing N N 191 
LEU CD2 HD23 sing N N 192 
LEU OXT HXT  sing N N 193 
LYS N   CA   sing N N 194 
LYS N   H    sing N N 195 
LYS N   H2   sing N N 196 
LYS CA  C    sing N N 197 
LYS CA  CB   sing N N 198 
LYS CA  HA   sing N N 199 
LYS C   O    doub N N 200 
LYS C   OXT  sing N N 201 
LYS CB  CG   sing N N 202 
LYS CB  HB2  sing N N 203 
LYS CB  HB3  sing N N 204 
LYS CG  CD   sing N N 205 
LYS CG  HG2  sing N N 206 
LYS CG  HG3  sing N N 207 
LYS CD  CE   sing N N 208 
LYS CD  HD2  sing N N 209 
LYS CD  HD3  sing N N 210 
LYS CE  NZ   sing N N 211 
LYS CE  HE2  sing N N 212 
LYS CE  HE3  sing N N 213 
LYS NZ  HZ1  sing N N 214 
LYS NZ  HZ2  sing N N 215 
LYS NZ  HZ3  sing N N 216 
LYS OXT HXT  sing N N 217 
MET N   CA   sing N N 218 
MET N   H    sing N N 219 
MET N   H2   sing N N 220 
MET CA  C    sing N N 221 
MET CA  CB   sing N N 222 
MET CA  HA   sing N N 223 
MET C   O    doub N N 224 
MET C   OXT  sing N N 225 
MET CB  CG   sing N N 226 
MET CB  HB2  sing N N 227 
MET CB  HB3  sing N N 228 
MET CG  SD   sing N N 229 
MET CG  HG2  sing N N 230 
MET CG  HG3  sing N N 231 
MET SD  CE   sing N N 232 
MET CE  HE1  sing N N 233 
MET CE  HE2  sing N N 234 
MET CE  HE3  sing N N 235 
MET OXT HXT  sing N N 236 
NAG C1  C2   sing N N 237 
NAG C1  O1   sing N N 238 
NAG C1  O5   sing N N 239 
NAG C1  H1   sing N N 240 
NAG C2  C3   sing N N 241 
NAG C2  N2   sing N N 242 
NAG C2  H2   sing N N 243 
NAG C3  C4   sing N N 244 
NAG C3  O3   sing N N 245 
NAG C3  H3   sing N N 246 
NAG C4  C5   sing N N 247 
NAG C4  O4   sing N N 248 
NAG C4  H4   sing N N 249 
NAG C5  C6   sing N N 250 
NAG C5  O5   sing N N 251 
NAG C5  H5   sing N N 252 
NAG C6  O6   sing N N 253 
NAG C6  H61  sing N N 254 
NAG C6  H62  sing N N 255 
NAG C7  C8   sing N N 256 
NAG C7  N2   sing N N 257 
NAG C7  O7   doub N N 258 
NAG C8  H81  sing N N 259 
NAG C8  H82  sing N N 260 
NAG C8  H83  sing N N 261 
NAG N2  HN2  sing N N 262 
NAG O1  HO1  sing N N 263 
NAG O3  HO3  sing N N 264 
NAG O4  HO4  sing N N 265 
NAG O6  HO6  sing N N 266 
PHE N   CA   sing N N 267 
PHE N   H    sing N N 268 
PHE N   H2   sing N N 269 
PHE CA  C    sing N N 270 
PHE CA  CB   sing N N 271 
PHE CA  HA   sing N N 272 
PHE C   O    doub N N 273 
PHE C   OXT  sing N N 274 
PHE CB  CG   sing N N 275 
PHE CB  HB2  sing N N 276 
PHE CB  HB3  sing N N 277 
PHE CG  CD1  doub Y N 278 
PHE CG  CD2  sing Y N 279 
PHE CD1 CE1  sing Y N 280 
PHE CD1 HD1  sing N N 281 
PHE CD2 CE2  doub Y N 282 
PHE CD2 HD2  sing N N 283 
PHE CE1 CZ   doub Y N 284 
PHE CE1 HE1  sing N N 285 
PHE CE2 CZ   sing Y N 286 
PHE CE2 HE2  sing N N 287 
PHE CZ  HZ   sing N N 288 
PHE OXT HXT  sing N N 289 
PRO N   CA   sing N N 290 
PRO N   CD   sing N N 291 
PRO N   H    sing N N 292 
PRO CA  C    sing N N 293 
PRO CA  CB   sing N N 294 
PRO CA  HA   sing N N 295 
PRO C   O    doub N N 296 
PRO C   OXT  sing N N 297 
PRO CB  CG   sing N N 298 
PRO CB  HB2  sing N N 299 
PRO CB  HB3  sing N N 300 
PRO CG  CD   sing N N 301 
PRO CG  HG2  sing N N 302 
PRO CG  HG3  sing N N 303 
PRO CD  HD2  sing N N 304 
PRO CD  HD3  sing N N 305 
PRO OXT HXT  sing N N 306 
SER N   CA   sing N N 307 
SER N   H    sing N N 308 
SER N   H2   sing N N 309 
SER CA  C    sing N N 310 
SER CA  CB   sing N N 311 
SER CA  HA   sing N N 312 
SER C   O    doub N N 313 
SER C   OXT  sing N N 314 
SER CB  OG   sing N N 315 
SER CB  HB2  sing N N 316 
SER CB  HB3  sing N N 317 
SER OG  HG   sing N N 318 
SER OXT HXT  sing N N 319 
THR N   CA   sing N N 320 
THR N   H    sing N N 321 
THR N   H2   sing N N 322 
THR CA  C    sing N N 323 
THR CA  CB   sing N N 324 
THR CA  HA   sing N N 325 
THR C   O    doub N N 326 
THR C   OXT  sing N N 327 
THR CB  OG1  sing N N 328 
THR CB  CG2  sing N N 329 
THR CB  HB   sing N N 330 
THR OG1 HG1  sing N N 331 
THR CG2 HG21 sing N N 332 
THR CG2 HG22 sing N N 333 
THR CG2 HG23 sing N N 334 
THR OXT HXT  sing N N 335 
TRP N   CA   sing N N 336 
TRP N   H    sing N N 337 
TRP N   H2   sing N N 338 
TRP CA  C    sing N N 339 
TRP CA  CB   sing N N 340 
TRP CA  HA   sing N N 341 
TRP C   O    doub N N 342 
TRP C   OXT  sing N N 343 
TRP CB  CG   sing N N 344 
TRP CB  HB2  sing N N 345 
TRP CB  HB3  sing N N 346 
TRP CG  CD1  doub Y N 347 
TRP CG  CD2  sing Y N 348 
TRP CD1 NE1  sing Y N 349 
TRP CD1 HD1  sing N N 350 
TRP CD2 CE2  doub Y N 351 
TRP CD2 CE3  sing Y N 352 
TRP NE1 CE2  sing Y N 353 
TRP NE1 HE1  sing N N 354 
TRP CE2 CZ2  sing Y N 355 
TRP CE3 CZ3  doub Y N 356 
TRP CE3 HE3  sing N N 357 
TRP CZ2 CH2  doub Y N 358 
TRP CZ2 HZ2  sing N N 359 
TRP CZ3 CH2  sing Y N 360 
TRP CZ3 HZ3  sing N N 361 
TRP CH2 HH2  sing N N 362 
TRP OXT HXT  sing N N 363 
TYR N   CA   sing N N 364 
TYR N   H    sing N N 365 
TYR N   H2   sing N N 366 
TYR CA  C    sing N N 367 
TYR CA  CB   sing N N 368 
TYR CA  HA   sing N N 369 
TYR C   O    doub N N 370 
TYR C   OXT  sing N N 371 
TYR CB  CG   sing N N 372 
TYR CB  HB2  sing N N 373 
TYR CB  HB3  sing N N 374 
TYR CG  CD1  doub Y N 375 
TYR CG  CD2  sing Y N 376 
TYR CD1 CE1  sing Y N 377 
TYR CD1 HD1  sing N N 378 
TYR CD2 CE2  doub Y N 379 
TYR CD2 HD2  sing N N 380 
TYR CE1 CZ   doub Y N 381 
TYR CE1 HE1  sing N N 382 
TYR CE2 CZ   sing Y N 383 
TYR CE2 HE2  sing N N 384 
TYR CZ  OH   sing N N 385 
TYR OH  HH   sing N N 386 
TYR OXT HXT  sing N N 387 
VAL N   CA   sing N N 388 
VAL N   H    sing N N 389 
VAL N   H2   sing N N 390 
VAL CA  C    sing N N 391 
VAL CA  CB   sing N N 392 
VAL CA  HA   sing N N 393 
VAL C   O    doub N N 394 
VAL C   OXT  sing N N 395 
VAL CB  CG1  sing N N 396 
VAL CB  CG2  sing N N 397 
VAL CB  HB   sing N N 398 
VAL CG1 HG11 sing N N 399 
VAL CG1 HG12 sing N N 400 
VAL CG1 HG13 sing N N 401 
VAL CG2 HG21 sing N N 402 
VAL CG2 HG22 sing N N 403 
VAL CG2 HG23 sing N N 404 
VAL OXT HXT  sing N N 405 
# 
_pdbx_initial_refinement_model.id               1 
_pdbx_initial_refinement_model.entity_id_list   ? 
_pdbx_initial_refinement_model.type             'experimental model' 
_pdbx_initial_refinement_model.source_name      PDB 
_pdbx_initial_refinement_model.accession_code   1BMP 
_pdbx_initial_refinement_model.details          'PDB entry 1BMP' 
# 
_atom_sites.entry_id                    1LXI 
_atom_sites.fract_transf_matrix[1][1]   0.00676967 
_atom_sites.fract_transf_matrix[1][2]   -0.00207382 
_atom_sites.fract_transf_matrix[1][3]   0.00893405 
_atom_sites.fract_transf_matrix[2][1]   0.00139202 
_atom_sites.fract_transf_matrix[2][2]   -0.01067789 
_atom_sites.fract_transf_matrix[2][3]   0.00373927 
_atom_sites.fract_transf_matrix[3][1]   0.01862723 
_atom_sites.fract_transf_matrix[3][2]   -0.00273690 
_atom_sites.fract_transf_matrix[3][3]   -0.01474986 
_atom_sites.fract_transf_vector[1]      0.446985 
_atom_sites.fract_transf_vector[2]      0.915079 
_atom_sites.fract_transf_vector[3]      0.285177 
# 
loop_
_atom_type.symbol 
C 
N 
O 
S 
# 
loop_
_atom_site.group_PDB 
_atom_site.id 
_atom_site.type_symbol 
_atom_site.label_atom_id 
_atom_site.label_alt_id 
_atom_site.label_comp_id 
_atom_site.label_asym_id 
_atom_site.label_entity_id 
_atom_site.label_seq_id 
_atom_site.pdbx_PDB_ins_code 
_atom_site.Cartn_x 
_atom_site.Cartn_y 
_atom_site.Cartn_z 
_atom_site.occupancy 
_atom_site.B_iso_or_equiv 
_atom_site.pdbx_formal_charge 
_atom_site.auth_seq_id 
_atom_site.auth_comp_id 
_atom_site.auth_asym_id 
_atom_site.auth_atom_id 
_atom_site.pdbx_PDB_model_num 
ATOM   1   N N   . GLN A 1 36  ? 1.275   -13.794 -10.661 1.00 51.34 ? 36  GLN A N   1 
ATOM   2   C CA  . GLN A 1 36  ? -0.101  -13.631 -10.062 1.00 50.01 ? 36  GLN A CA  1 
ATOM   3   C C   . GLN A 1 36  ? -0.107  -13.821 -8.526  1.00 45.89 ? 36  GLN A C   1 
ATOM   4   O O   . GLN A 1 36  ? -1.147  -13.707 -7.920  1.00 44.68 ? 36  GLN A O   1 
ATOM   5   C CB  . GLN A 1 36  ? -1.108  -14.608 -10.687 1.00 51.68 ? 36  GLN A CB  1 
ATOM   6   C CG  . GLN A 1 36  ? -2.554  -14.077 -10.708 1.00 58.98 ? 36  GLN A CG  1 
ATOM   7   C CD  . GLN A 1 36  ? -3.612  -15.142 -10.362 1.00 65.51 ? 36  GLN A CD  1 
ATOM   8   O OE1 . GLN A 1 36  ? -4.809  -14.877 -10.477 1.00 71.57 ? 36  GLN A OE1 1 
ATOM   9   N NE2 . GLN A 1 36  ? -3.173  -16.327 -9.959  1.00 69.45 ? 36  GLN A NE2 1 
ATOM   10  N N   . ALA A 1 37  ? 1.005   -14.231 -7.968  1.00 42.92 ? 37  ALA A N   1 
ATOM   11  C CA  . ALA A 1 37  ? 1.298   -14.236 -6.505  1.00 42.42 ? 37  ALA A CA  1 
ATOM   12  C C   . ALA A 1 37  ? 1.404   -12.825 -5.881  1.00 40.97 ? 37  ALA A C   1 
ATOM   13  O O   . ALA A 1 37  ? 1.802   -11.882 -6.547  1.00 39.98 ? 37  ALA A O   1 
ATOM   14  C CB  . ALA A 1 37  ? 2.543   -14.882 -6.332  1.00 42.23 ? 37  ALA A CB  1 
ATOM   15  N N   . CYS A 1 38  ? 1.180   -12.735 -4.584  1.00 39.36 ? 38  CYS A N   1 
ATOM   16  C CA  . CYS A 1 38  ? 1.223   -11.427 -3.849  1.00 38.79 ? 38  CYS A CA  1 
ATOM   17  C C   . CYS A 1 38  ? 2.596   -10.740 -4.032  1.00 38.63 ? 38  CYS A C   1 
ATOM   18  O O   . CYS A 1 38  ? 3.576   -11.365 -3.683  1.00 37.25 ? 38  CYS A O   1 
ATOM   19  C CB  . CYS A 1 38  ? 1.012   -11.743 -2.374  1.00 38.68 ? 38  CYS A CB  1 
ATOM   20  S SG  . CYS A 1 38  ? 1.193   -10.310 -1.321  1.00 36.41 ? 38  CYS A SG  1 
ATOM   21  N N   . LYS A 1 39  ? 2.672   -9.501  -4.585  1.00 37.69 ? 39  LYS A N   1 
ATOM   22  C CA  . LYS A 1 39  ? 3.885   -8.683  -4.775  1.00 39.07 ? 39  LYS A CA  1 
ATOM   23  C C   . LYS A 1 39  ? 3.492   -7.160  -4.876  1.00 37.84 ? 39  LYS A C   1 
ATOM   24  O O   . LYS A 1 39  ? 2.311   -6.847  -4.996  1.00 37.24 ? 39  LYS A O   1 
ATOM   25  C CB  . LYS A 1 39  ? 4.646   -9.076  -6.067  1.00 40.58 ? 39  LYS A CB  1 
ATOM   26  C CG  . LYS A 1 39  ? 3.849   -9.172  -7.380  1.00 46.04 ? 39  LYS A CG  1 
ATOM   27  C CD  . LYS A 1 39  ? 4.787   -9.645  -8.580  1.00 53.75 ? 39  LYS A CD  1 
ATOM   28  C CE  . LYS A 1 39  ? 4.217   -9.350  -10.015 1.00 59.41 ? 39  LYS A CE  1 
ATOM   29  N NZ  . LYS A 1 39  ? 3.178   -10.369 -10.603 1.00 62.34 ? 39  LYS A NZ  1 
ATOM   30  N N   . LYS A 1 40  ? 4.512   -6.306  -4.819  1.00 37.25 ? 40  LYS A N   1 
ATOM   31  C CA  . LYS A 1 40  ? 4.367   -4.861  -4.920  1.00 39.07 ? 40  LYS A CA  1 
ATOM   32  C C   . LYS A 1 40  ? 4.367   -4.497  -6.373  1.00 39.04 ? 40  LYS A C   1 
ATOM   33  O O   . LYS A 1 40  ? 5.131   -5.062  -7.148  1.00 40.33 ? 40  LYS A O   1 
ATOM   34  C CB  . LYS A 1 40  ? 5.562   -4.181  -4.236  1.00 40.21 ? 40  LYS A CB  1 
ATOM   35  C CG  . LYS A 1 40  ? 5.683   -2.635  -4.534  1.00 43.43 ? 40  LYS A CG  1 
ATOM   36  C CD  . LYS A 1 40  ? 6.763   -2.135  -3.523  1.00 45.31 ? 40  LYS A CD  1 
ATOM   37  C CE  . LYS A 1 40  ? 8.161   -2.205  -4.043  1.00 46.80 ? 40  LYS A CE  1 
ATOM   38  N NZ  . LYS A 1 40  ? 9.112   -1.801  -2.943  1.00 56.04 ? 40  LYS A NZ  1 
ATOM   39  N N   . HIS A 1 41  ? 3.500   -3.532  -6.737  1.00 36.07 ? 41  HIS A N   1 
ATOM   40  C CA  . HIS A 1 41  ? 3.349   -2.972  -8.114  1.00 37.80 ? 41  HIS A CA  1 
ATOM   41  C C   . HIS A 1 41  ? 3.562   -1.422  -8.193  1.00 38.27 ? 41  HIS A C   1 
ATOM   42  O O   . HIS A 1 41  ? 3.521   -0.794  -7.136  1.00 36.67 ? 41  HIS A O   1 
ATOM   43  C CB  . HIS A 1 41  ? 1.928   -3.261  -8.690  1.00 36.19 ? 41  HIS A CB  1 
ATOM   44  C CG  . HIS A 1 41  ? 1.567   -4.705  -8.663  1.00 42.49 ? 41  HIS A CG  1 
ATOM   45  N ND1 . HIS A 1 41  ? 1.893   -5.573  -9.681  1.00 48.08 ? 41  HIS A ND1 1 
ATOM   46  C CD2 . HIS A 1 41  ? 1.066   -5.474  -7.658  1.00 44.58 ? 41  HIS A CD2 1 
ATOM   47  C CE1 . HIS A 1 41  ? 1.575   -6.810  -9.317  1.00 49.27 ? 41  HIS A CE1 1 
ATOM   48  N NE2 . HIS A 1 41  ? 1.089   -6.783  -8.086  1.00 44.13 ? 41  HIS A NE2 1 
ATOM   49  N N   . GLU A 1 42  ? 3.803   -0.869  -9.379  1.00 39.43 ? 42  GLU A N   1 
ATOM   50  C CA  . GLU A 1 42  ? 3.924   0.536   -9.561  1.00 38.68 ? 42  GLU A CA  1 
ATOM   51  C C   . GLU A 1 42  ? 2.592   1.207   -9.652  1.00 36.96 ? 42  GLU A C   1 
ATOM   52  O O   . GLU A 1 42  ? 1.666   0.732   -10.323 1.00 35.53 ? 42  GLU A O   1 
ATOM   53  C CB  . GLU A 1 42  ? 4.811   0.773   -10.794 1.00 41.41 ? 42  GLU A CB  1 
ATOM   54  C CG  . GLU A 1 42  ? 6.244   0.491   -10.415 1.00 47.24 ? 42  GLU A CG  1 
ATOM   55  C CD  . GLU A 1 42  ? 7.233   0.977   -11.465 1.00 57.90 ? 42  GLU A CD  1 
ATOM   56  O OE1 . GLU A 1 42  ? 6.780   1.570   -12.498 1.00 62.48 ? 42  GLU A OE1 1 
ATOM   57  O OE2 . GLU A 1 42  ? 8.451   0.758   -11.238 1.00 60.50 ? 42  GLU A OE2 1 
ATOM   58  N N   . LEU A 1 43  ? 2.532   2.428   -9.117  1.00 35.82 ? 43  LEU A N   1 
ATOM   59  C CA  . LEU A 1 43  ? 1.369   3.274   -9.218  1.00 34.08 ? 43  LEU A CA  1 
ATOM   60  C C   . LEU A 1 43  ? 1.748   4.766   -9.010  1.00 34.52 ? 43  LEU A C   1 
ATOM   61  O O   . LEU A 1 43  ? 2.083   5.107   -7.874  1.00 32.42 ? 43  LEU A O   1 
ATOM   62  C CB  . LEU A 1 43  ? 0.234   2.891   -8.266  1.00 35.06 ? 43  LEU A CB  1 
ATOM   63  C CG  . LEU A 1 43  ? -1.034  3.766   -8.373  1.00 37.74 ? 43  LEU A CG  1 
ATOM   64  C CD1 . LEU A 1 43  ? -1.731  3.691   -9.733  1.00 39.77 ? 43  LEU A CD1 1 
ATOM   65  C CD2 . LEU A 1 43  ? -2.034  3.588   -7.213  1.00 38.93 ? 43  LEU A CD2 1 
ATOM   66  N N   . TYR A 1 44  ? 1.820   5.587   -10.052 1.00 34.49 ? 44  TYR A N   1 
ATOM   67  C CA  . TYR A 1 44  ? 2.116   7.011   -9.856  1.00 32.78 ? 44  TYR A CA  1 
ATOM   68  C C   . TYR A 1 44  ? 0.803   7.768   -9.636  1.00 30.51 ? 44  TYR A C   1 
ATOM   69  O O   . TYR A 1 44  ? -0.141  7.635   -10.376 1.00 31.32 ? 44  TYR A O   1 
ATOM   70  C CB  . TYR A 1 44  ? 2.790   7.655   -11.082 1.00 35.34 ? 44  TYR A CB  1 
ATOM   71  C CG  . TYR A 1 44  ? 3.270   9.075   -10.820 1.00 28.82 ? 44  TYR A CG  1 
ATOM   72  C CD1 . TYR A 1 44  ? 2.558   10.206  -11.250 1.00 33.16 ? 44  TYR A CD1 1 
ATOM   73  C CD2 . TYR A 1 44  ? 4.466   9.282   -10.136 1.00 35.00 ? 44  TYR A CD2 1 
ATOM   74  C CE1 . TYR A 1 44  ? 3.039   11.472  -10.999 1.00 35.23 ? 44  TYR A CE1 1 
ATOM   75  C CE2 . TYR A 1 44  ? 4.917   10.571  -9.880  1.00 38.71 ? 44  TYR A CE2 1 
ATOM   76  C CZ  . TYR A 1 44  ? 4.204   11.661  -10.311 1.00 33.19 ? 44  TYR A CZ  1 
ATOM   77  O OH  . TYR A 1 44  ? 4.673   12.969  -10.086 1.00 40.13 ? 44  TYR A OH  1 
ATOM   78  N N   . VAL A 1 45  ? 0.732   8.628   -8.632  1.00 29.90 ? 45  VAL A N   1 
ATOM   79  C CA  . VAL A 1 45  ? -0.467  9.375   -8.324  1.00 28.67 ? 45  VAL A CA  1 
ATOM   80  C C   . VAL A 1 45  ? -0.149  10.897  -8.583  1.00 27.85 ? 45  VAL A C   1 
ATOM   81  O O   . VAL A 1 45  ? 0.785   11.441  -8.029  1.00 27.11 ? 45  VAL A O   1 
ATOM   82  C CB  . VAL A 1 45  ? -0.891  9.208   -6.851  1.00 30.38 ? 45  VAL A CB  1 
ATOM   83  C CG1 . VAL A 1 45  ? -2.044  10.105  -6.501  1.00 30.73 ? 45  VAL A CG1 1 
ATOM   84  C CG2 . VAL A 1 45  ? -1.258  7.731   -6.554  1.00 32.13 ? 45  VAL A CG2 1 
ATOM   85  N N   . SER A 1 46  ? -0.923  11.444  -9.500  1.00 29.79 ? 46  SER A N   1 
ATOM   86  C CA  . SER A 1 46  ? -0.779  12.889  -9.868  1.00 30.68 ? 46  SER A CA  1 
ATOM   87  C C   . SER A 1 46  ? -1.751  13.725  -9.057  1.00 30.53 ? 46  SER A C   1 
ATOM   88  O O   . SER A 1 46  ? -2.919  13.443  -9.040  1.00 29.60 ? 46  SER A O   1 
ATOM   89  C CB  . SER A 1 46  ? -1.079  12.983  -11.368 1.00 32.85 ? 46  SER A CB  1 
ATOM   90  O OG  . SER A 1 46  ? -1.471  14.282  -11.752 1.00 34.79 ? 46  SER A OG  1 
ATOM   91  N N   . PHE A 1 47  ? -1.277  14.768  -8.420  1.00 30.14 ? 47  PHE A N   1 
ATOM   92  C CA  . PHE A 1 47  ? -2.194  15.618  -7.653  1.00 32.74 ? 47  PHE A CA  1 
ATOM   93  C C   . PHE A 1 47  ? -3.310  16.218  -8.511  1.00 34.83 ? 47  PHE A C   1 
ATOM   94  O O   . PHE A 1 47  ? -4.438  16.399  -8.002  1.00 34.67 ? 47  PHE A O   1 
ATOM   95  C CB  . PHE A 1 47  ? -1.390  16.654  -6.858  1.00 33.17 ? 47  PHE A CB  1 
ATOM   96  C CG  . PHE A 1 47  ? -0.515  16.035  -5.790  1.00 32.46 ? 47  PHE A CG  1 
ATOM   97  C CD1 . PHE A 1 47  ? -0.943  14.925  -5.049  1.00 38.57 ? 47  PHE A CD1 1 
ATOM   98  C CD2 . PHE A 1 47  ? 0.714   16.558  -5.532  1.00 29.59 ? 47  PHE A CD2 1 
ATOM   99  C CE1 . PHE A 1 47  ? -0.096  14.344  -4.032  1.00 37.64 ? 47  PHE A CE1 1 
ATOM   100 C CE2 . PHE A 1 47  ? 1.582   16.009  -4.561  1.00 32.04 ? 47  PHE A CE2 1 
ATOM   101 C CZ  . PHE A 1 47  ? 1.150   14.852  -3.777  1.00 33.80 ? 47  PHE A CZ  1 
ATOM   102 N N   . ARG A 1 48  ? -3.080  16.381  -9.821  1.00 36.37 ? 48  ARG A N   1 
ATOM   103 C CA  . ARG A 1 48  ? -4.130  16.922  -10.718 1.00 38.58 ? 48  ARG A CA  1 
ATOM   104 C C   . ARG A 1 48  ? -5.315  15.962  -10.808 1.00 42.64 ? 48  ARG A C   1 
ATOM   105 O O   . ARG A 1 48  ? -6.470  16.363  -10.798 1.00 42.43 ? 48  ARG A O   1 
ATOM   106 C CB  . ARG A 1 48  ? -3.599  17.060  -12.096 1.00 39.99 ? 48  ARG A CB  1 
ATOM   107 C CG  . ARG A 1 48  ? -2.875  18.421  -12.335 1.00 41.91 ? 48  ARG A CG  1 
ATOM   108 C CD  . ARG A 1 48  ? -2.193  18.466  -13.681 1.00 48.69 ? 48  ARG A CD  1 
ATOM   109 N NE  . ARG A 1 48  ? -1.623  19.752  -13.961 1.00 47.62 ? 48  ARG A NE  1 
ATOM   110 C CZ  . ARG A 1 48  ? -1.288  20.193  -15.176 1.00 52.84 ? 48  ARG A CZ  1 
ATOM   111 N NH1 . ARG A 1 48  ? -1.406  19.428  -16.252 1.00 50.74 ? 48  ARG A NH1 1 
ATOM   112 N NH2 . ARG A 1 48  ? -0.784  21.417  -15.291 1.00 51.81 ? 48  ARG A NH2 1 
ATOM   113 N N   . ASP A 1 49  ? -5.025  14.673  -10.901 1.00 43.69 ? 49  ASP A N   1 
ATOM   114 C CA  . ASP A 1 49  ? -6.121  13.714  -10.943 1.00 45.90 ? 49  ASP A CA  1 
ATOM   115 C C   . ASP A 1 49  ? -6.977  13.689  -9.703  1.00 44.63 ? 49  ASP A C   1 
ATOM   116 O O   . ASP A 1 49  ? -8.144  13.394  -9.841  1.00 44.04 ? 49  ASP A O   1 
ATOM   117 C CB  . ASP A 1 49  ? -5.622  12.341  -11.321 1.00 48.77 ? 49  ASP A CB  1 
ATOM   118 C CG  . ASP A 1 49  ? -5.156  12.288  -12.768 1.00 52.14 ? 49  ASP A CG  1 
ATOM   119 O OD1 . ASP A 1 49  ? -4.930  13.325  -13.410 1.00 57.90 ? 49  ASP A OD1 1 
ATOM   120 O OD2 . ASP A 1 49  ? -4.987  11.210  -13.336 1.00 64.37 ? 49  ASP A OD2 1 
ATOM   121 N N   . LEU A 1 50  ? -6.442  14.047  -8.532  1.00 44.41 ? 50  LEU A N   1 
ATOM   122 C CA  . LEU A 1 50  ? -7.202  14.084  -7.286  1.00 44.68 ? 50  LEU A CA  1 
ATOM   123 C C   . LEU A 1 50  ? -7.818  15.484  -6.961  1.00 45.07 ? 50  LEU A C   1 
ATOM   124 O O   . LEU A 1 50  ? -8.557  15.628  -5.955  1.00 45.16 ? 50  LEU A O   1 
ATOM   125 C CB  . LEU A 1 50  ? -6.291  13.746  -6.099  1.00 43.83 ? 50  LEU A CB  1 
ATOM   126 C CG  . LEU A 1 50  ? -5.424  12.488  -6.068  1.00 45.29 ? 50  LEU A CG  1 
ATOM   127 C CD1 . LEU A 1 50  ? -4.827  12.276  -4.683  1.00 46.01 ? 50  LEU A CD1 1 
ATOM   128 C CD2 . LEU A 1 50  ? -6.240  11.281  -6.491  1.00 46.91 ? 50  LEU A CD2 1 
ATOM   129 N N   . GLY A 1 51  ? -7.466  16.493  -7.764  1.00 44.69 ? 51  GLY A N   1 
ATOM   130 C CA  . GLY A 1 51  ? -7.852  17.882  -7.561  1.00 44.97 ? 51  GLY A CA  1 
ATOM   131 C C   . GLY A 1 51  ? -7.105  18.615  -6.450  1.00 46.04 ? 51  GLY A C   1 
ATOM   132 O O   . GLY A 1 51  ? -7.678  19.552  -5.814  1.00 46.71 ? 51  GLY A O   1 
ATOM   133 N N   . TRP A 1 52  ? -5.849  18.234  -6.193  1.00 45.85 ? 52  TRP A N   1 
ATOM   134 C CA  . TRP A 1 52  ? -5.021  18.928  -5.214  1.00 46.96 ? 52  TRP A CA  1 
ATOM   135 C C   . TRP A 1 52  ? -4.036  19.916  -5.850  1.00 48.34 ? 52  TRP A C   1 
ATOM   136 O O   . TRP A 1 52  ? -3.218  20.525  -5.166  1.00 49.28 ? 52  TRP A O   1 
ATOM   137 C CB  . TRP A 1 52  ? -4.214  17.930  -4.367  1.00 49.02 ? 52  TRP A CB  1 
ATOM   138 C CG  . TRP A 1 52  ? -5.010  16.956  -3.462  1.00 53.38 ? 52  TRP A CG  1 
ATOM   139 C CD1 . TRP A 1 52  ? -6.332  17.055  -3.098  1.00 56.84 ? 52  TRP A CD1 1 
ATOM   140 C CD2 . TRP A 1 52  ? -4.505  15.803  -2.769  1.00 58.34 ? 52  TRP A CD2 1 
ATOM   141 N NE1 . TRP A 1 52  ? -6.690  15.989  -2.300  1.00 58.45 ? 52  TRP A NE1 1 
ATOM   142 C CE2 . TRP A 1 52  ? -5.578  15.224  -2.060  1.00 60.37 ? 52  TRP A CE2 1 
ATOM   143 C CE3 . TRP A 1 52  ? -3.255  15.187  -2.683  1.00 60.08 ? 52  TRP A CE3 1 
ATOM   144 C CZ2 . TRP A 1 52  ? -5.412  14.092  -1.247  1.00 59.87 ? 52  TRP A CZ2 1 
ATOM   145 C CZ3 . TRP A 1 52  ? -3.117  14.039  -1.911  1.00 61.66 ? 52  TRP A CZ3 1 
ATOM   146 C CH2 . TRP A 1 52  ? -4.178  13.504  -1.214  1.00 61.18 ? 52  TRP A CH2 1 
ATOM   147 N N   . GLN A 1 53  ? -4.083  20.130  -7.138  1.00 48.91 ? 53  GLN A N   1 
ATOM   148 C CA  . GLN A 1 53  ? -3.074  20.994  -7.744  1.00 50.85 ? 53  GLN A CA  1 
ATOM   149 C C   . GLN A 1 53  ? -3.207  22.447  -7.288  1.00 52.57 ? 53  GLN A C   1 
ATOM   150 O O   . GLN A 1 53  ? -2.218  23.210  -7.421  1.00 53.61 ? 53  GLN A O   1 
ATOM   151 C CB  . GLN A 1 53  ? -3.134  20.974  -9.268  1.00 50.05 ? 53  GLN A CB  1 
ATOM   152 C CG  . GLN A 1 53  ? -4.419  21.638  -9.812  1.00 51.92 ? 53  GLN A CG  1 
ATOM   153 C CD  . GLN A 1 53  ? -5.586  20.658  -9.976  1.00 56.80 ? 53  GLN A CD  1 
ATOM   154 O OE1 . GLN A 1 53  ? -6.259  20.679  -11.030 1.00 62.86 ? 53  GLN A OE1 1 
ATOM   155 N NE2 . GLN A 1 53  ? -5.818  19.773  -8.975  1.00 51.09 ? 53  GLN A NE2 1 
ATOM   156 N N   . ASP A 1 54  ? -4.393  22.824  -6.771  1.00 52.33 ? 54  ASP A N   1 
ATOM   157 C CA  . ASP A 1 54  ? -4.681  24.242  -6.502  1.00 52.60 ? 54  ASP A CA  1 
ATOM   158 C C   . ASP A 1 54  ? -3.649  24.835  -5.524  1.00 51.25 ? 54  ASP A C   1 
ATOM   159 O O   . ASP A 1 54  ? -3.042  25.853  -5.814  1.00 51.90 ? 54  ASP A O   1 
ATOM   160 C CB  . ASP A 1 54  ? -6.154  24.497  -6.016  1.00 53.69 ? 54  ASP A CB  1 
ATOM   161 C CG  . ASP A 1 54  ? -7.272  24.194  -7.149  1.00 55.91 ? 54  ASP A CG  1 
ATOM   162 O OD1 . ASP A 1 54  ? -8.413  24.729  -7.092  1.00 52.50 ? 54  ASP A OD1 1 
ATOM   163 O OD2 . ASP A 1 54  ? -7.095  23.403  -8.107  1.00 62.11 ? 54  ASP A OD2 1 
ATOM   164 N N   . TRP A 1 55  ? -3.462  24.214  -4.376  1.00 50.43 ? 55  TRP A N   1 
ATOM   165 C CA  . TRP A 1 55  ? -2.659  24.831  -3.332  1.00 50.60 ? 55  TRP A CA  1 
ATOM   166 C C   . TRP A 1 55  ? -1.233  24.174  -3.119  1.00 51.59 ? 55  TRP A C   1 
ATOM   167 O O   . TRP A 1 55  ? -0.372  24.799  -2.481  1.00 51.10 ? 55  TRP A O   1 
ATOM   168 C CB  . TRP A 1 55  ? -3.472  24.818  -2.034  1.00 51.47 ? 55  TRP A CB  1 
ATOM   169 C CG  . TRP A 1 55  ? -4.978  25.340  -2.215  1.00 55.70 ? 55  TRP A CG  1 
ATOM   170 C CD1 . TRP A 1 55  ? -5.397  26.379  -2.998  1.00 58.84 ? 55  TRP A CD1 1 
ATOM   171 C CD2 . TRP A 1 55  ? -6.173  24.781  -1.615  1.00 58.97 ? 55  TRP A CD2 1 
ATOM   172 N NE1 . TRP A 1 55  ? -6.766  26.494  -2.921  1.00 60.44 ? 55  TRP A NE1 1 
ATOM   173 C CE2 . TRP A 1 55  ? -7.256  25.551  -2.050  1.00 61.27 ? 55  TRP A CE2 1 
ATOM   174 C CE3 . TRP A 1 55  ? -6.422  23.726  -0.714  1.00 65.33 ? 55  TRP A CE3 1 
ATOM   175 C CZ2 . TRP A 1 55  ? -8.578  25.278  -1.654  1.00 65.31 ? 55  TRP A CZ2 1 
ATOM   176 C CZ3 . TRP A 1 55  ? -7.744  23.472  -0.302  1.00 65.46 ? 55  TRP A CZ3 1 
ATOM   177 C CH2 . TRP A 1 55  ? -8.787  24.236  -0.774  1.00 65.02 ? 55  TRP A CH2 1 
ATOM   178 N N   . ILE A 1 56  ? -0.970  22.984  -3.692  1.00 49.44 ? 56  ILE A N   1 
ATOM   179 C CA  . ILE A 1 56  ? 0.411   22.396  -3.614  1.00 48.49 ? 56  ILE A CA  1 
ATOM   180 C C   . ILE A 1 56  ? 1.481   23.117  -4.441  1.00 47.57 ? 56  ILE A C   1 
ATOM   181 O O   . ILE A 1 56  ? 1.279   23.438  -5.594  1.00 51.49 ? 56  ILE A O   1 
ATOM   182 C CB  . ILE A 1 56  ? 0.347   20.878  -3.862  1.00 47.84 ? 56  ILE A CB  1 
ATOM   183 C CG1 . ILE A 1 56  ? -0.656  20.330  -2.891  1.00 47.27 ? 56  ILE A CG1 1 
ATOM   184 C CG2 . ILE A 1 56  ? 1.768   20.193  -3.764  1.00 47.62 ? 56  ILE A CG2 1 
ATOM   185 C CD1 . ILE A 1 56  ? -0.529  18.881  -2.384  1.00 48.69 ? 56  ILE A CD1 1 
ATOM   186 N N   . ILE A 1 57  ? 2.595   23.496  -3.827  1.00 46.42 ? 57  ILE A N   1 
ATOM   187 C CA  . ILE A 1 57  ? 3.737   24.042  -4.597  1.00 44.83 ? 57  ILE A CA  1 
ATOM   188 C C   . ILE A 1 57  ? 4.618   22.897  -5.206  1.00 43.36 ? 57  ILE A C   1 
ATOM   189 O O   . ILE A 1 57  ? 5.058   23.016  -6.337  1.00 42.97 ? 57  ILE A O   1 
ATOM   190 C CB  . ILE A 1 57  ? 4.567   24.975  -3.713  1.00 45.16 ? 57  ILE A CB  1 
ATOM   191 C CG1 . ILE A 1 57  ? 3.690   26.183  -3.308  1.00 45.80 ? 57  ILE A CG1 1 
ATOM   192 C CG2 . ILE A 1 57  ? 5.801   25.492  -4.450  1.00 47.08 ? 57  ILE A CG2 1 
ATOM   193 C CD1 . ILE A 1 57  ? 4.298   27.147  -2.196  1.00 45.11 ? 57  ILE A CD1 1 
ATOM   194 N N   . ALA A 1 58  ? 4.919   21.842  -4.459  1.00 41.76 ? 58  ALA A N   1 
ATOM   195 C CA  . ALA A 1 58  ? 5.790   20.772  -4.973  1.00 39.86 ? 58  ALA A CA  1 
ATOM   196 C C   . ALA A 1 58  ? 5.546   19.534  -4.114  1.00 38.36 ? 58  ALA A C   1 
ATOM   197 O O   . ALA A 1 58  ? 5.290   19.746  -2.922  1.00 34.20 ? 58  ALA A O   1 
ATOM   198 C CB  . ALA A 1 58  ? 7.279   21.154  -4.780  1.00 40.19 ? 58  ALA A CB  1 
ATOM   199 N N   . PRO A 1 59  ? 5.681   18.303  -4.608  1.00 36.34 ? 59  PRO A N   1 
ATOM   200 C CA  . PRO A 1 59  ? 6.001   17.881  -5.968  1.00 32.89 ? 59  PRO A CA  1 
ATOM   201 C C   . PRO A 1 59  ? 4.723   17.854  -6.739  1.00 32.79 ? 59  PRO A C   1 
ATOM   202 O O   . PRO A 1 59  ? 3.702   18.233  -6.150  1.00 33.05 ? 59  PRO A O   1 
ATOM   203 C CB  . PRO A 1 59  ? 6.502   16.439  -5.754  1.00 34.87 ? 59  PRO A CB  1 
ATOM   204 C CG  . PRO A 1 59  ? 5.586   15.863  -4.662  1.00 32.87 ? 59  PRO A CG  1 
ATOM   205 C CD  . PRO A 1 59  ? 5.468   17.140  -3.734  1.00 37.35 ? 59  PRO A CD  1 
ATOM   206 N N   . GLU A 1 60  ? 4.680   17.477  -7.993  1.00 30.90 ? 60  GLU A N   1 
ATOM   207 C CA  . GLU A 1 60  ? 3.404   17.531  -8.684  1.00 32.48 ? 60  GLU A CA  1 
ATOM   208 C C   . GLU A 1 60  ? 2.596   16.134  -8.561  1.00 29.41 ? 60  GLU A C   1 
ATOM   209 O O   . GLU A 1 60  ? 1.501   15.964  -9.008  1.00 27.25 ? 60  GLU A O   1 
ATOM   210 C CB  . GLU A 1 60  ? 3.697   17.900  -10.144 1.00 33.87 ? 60  GLU A CB  1 
ATOM   211 C CG  . GLU A 1 60  ? 4.009   19.407  -10.356 1.00 39.93 ? 60  GLU A CG  1 
ATOM   212 C CD  . GLU A 1 60  ? 4.573   19.787  -11.725 1.00 44.90 ? 60  GLU A CD  1 
ATOM   213 O OE1 . GLU A 1 60  ? 5.096   18.940  -12.407 1.00 45.88 ? 60  GLU A OE1 1 
ATOM   214 O OE2 . GLU A 1 60  ? 4.538   20.948  -12.098 1.00 51.97 ? 60  GLU A OE2 1 
ATOM   215 N N   . GLY A 1 61  ? 3.260   15.174  -7.967  1.00 29.64 ? 61  GLY A N   1 
ATOM   216 C CA  . GLY A 1 61  ? 2.704   13.820  -7.741  1.00 29.33 ? 61  GLY A CA  1 
ATOM   217 C C   . GLY A 1 61  ? 3.721   12.966  -7.042  1.00 30.93 ? 61  GLY A C   1 
ATOM   218 O O   . GLY A 1 61  ? 4.797   13.482  -6.718  1.00 29.07 ? 61  GLY A O   1 
ATOM   219 N N   . TYR A 1 62  ? 3.429   11.661  -6.807  1.00 29.46 ? 62  TYR A N   1 
ATOM   220 C CA  . TYR A 1 62  ? 4.376   10.799  -6.190  1.00 29.57 ? 62  TYR A CA  1 
ATOM   221 C C   . TYR A 1 62  ? 4.093   9.275   -6.466  1.00 30.44 ? 62  TYR A C   1 
ATOM   222 O O   . TYR A 1 62  ? 2.995   8.907   -6.877  1.00 28.69 ? 62  TYR A O   1 
ATOM   223 C CB  . TYR A 1 62  ? 4.425   11.026  -4.715  1.00 31.23 ? 62  TYR A CB  1 
ATOM   224 C CG  . TYR A 1 62  ? 3.174   10.493  -4.051  1.00 32.67 ? 62  TYR A CG  1 
ATOM   225 C CD1 . TYR A 1 62  ? 1.972   11.150  -4.247  1.00 37.85 ? 62  TYR A CD1 1 
ATOM   226 C CD2 . TYR A 1 62  ? 3.186   9.326   -3.260  1.00 34.37 ? 62  TYR A CD2 1 
ATOM   227 C CE1 . TYR A 1 62  ? 0.812   10.698  -3.684  1.00 40.83 ? 62  TYR A CE1 1 
ATOM   228 C CE2 . TYR A 1 62  ? 1.984   8.829   -2.663  1.00 39.76 ? 62  TYR A CE2 1 
ATOM   229 C CZ  . TYR A 1 62  ? 0.815   9.553   -2.892  1.00 41.17 ? 62  TYR A CZ  1 
ATOM   230 O OH  . TYR A 1 62  ? -0.362  9.162   -2.350  1.00 47.91 ? 62  TYR A OH  1 
ATOM   231 N N   . ALA A 1 63  ? 5.167   8.486   -6.383  1.00 31.51 ? 63  ALA A N   1 
ATOM   232 C CA  . ALA A 1 63  ? 5.153   7.011   -6.518  1.00 31.70 ? 63  ALA A CA  1 
ATOM   233 C C   . ALA A 1 63  ? 4.520   6.379   -5.265  1.00 31.75 ? 63  ALA A C   1 
ATOM   234 O O   . ALA A 1 63  ? 5.122   6.339   -4.184  1.00 32.94 ? 63  ALA A O   1 
ATOM   235 C CB  . ALA A 1 63  ? 6.576   6.485   -6.823  1.00 32.95 ? 63  ALA A CB  1 
ATOM   236 N N   . ALA A 1 64  ? 3.247   5.990   -5.390  1.00 29.57 ? 64  ALA A N   1 
ATOM   237 C CA  . ALA A 1 64  ? 2.496   5.469   -4.252  1.00 29.93 ? 64  ALA A CA  1 
ATOM   238 C C   . ALA A 1 64  ? 2.597   3.858   -4.065  1.00 30.07 ? 64  ALA A C   1 
ATOM   239 O O   . ALA A 1 64  ? 2.608   3.446   -2.911  1.00 30.57 ? 64  ALA A O   1 
ATOM   240 C CB  . ALA A 1 64  ? 1.029   5.732   -4.417  1.00 28.61 ? 64  ALA A CB  1 
ATOM   241 N N   . TYR A 1 65  ? 2.679   3.139   -5.191  1.00 30.56 ? 65  TYR A N   1 
ATOM   242 C CA  . TYR A 1 65  ? 2.724   1.616   -5.278  1.00 32.64 ? 65  TYR A CA  1 
ATOM   243 C C   . TYR A 1 65  ? 1.382   1.003   -4.722  1.00 32.05 ? 65  TYR A C   1 
ATOM   244 O O   . TYR A 1 65  ? 0.486   1.735   -4.227  1.00 30.43 ? 65  TYR A O   1 
ATOM   245 C CB  . TYR A 1 65  ? 3.988   1.060   -4.529  1.00 31.20 ? 65  TYR A CB  1 
ATOM   246 C CG  . TYR A 1 65  ? 5.322   1.597   -5.089  1.00 38.27 ? 65  TYR A CG  1 
ATOM   247 C CD1 . TYR A 1 65  ? 6.011   0.924   -6.114  1.00 42.56 ? 65  TYR A CD1 1 
ATOM   248 C CD2 . TYR A 1 65  ? 5.893   2.761   -4.580  1.00 41.93 ? 65  TYR A CD2 1 
ATOM   249 C CE1 . TYR A 1 65  ? 7.264   1.418   -6.657  1.00 42.99 ? 65  TYR A CE1 1 
ATOM   250 C CE2 . TYR A 1 65  ? 7.106   3.257   -5.078  1.00 39.78 ? 65  TYR A CE2 1 
ATOM   251 C CZ  . TYR A 1 65  ? 7.787   2.575   -6.117  1.00 45.06 ? 65  TYR A CZ  1 
ATOM   252 O OH  . TYR A 1 65  ? 8.937   3.113   -6.592  1.00 41.33 ? 65  TYR A OH  1 
ATOM   253 N N   . TYR A 1 66  ? 1.229   -0.321  -4.829  1.00 31.79 ? 66  TYR A N   1 
ATOM   254 C CA  . TYR A 1 66  ? 0.036   -1.018  -4.342  1.00 32.33 ? 66  TYR A CA  1 
ATOM   255 C C   . TYR A 1 66  ? 0.384   -2.570  -4.354  1.00 33.34 ? 66  TYR A C   1 
ATOM   256 O O   . TYR A 1 66  ? 1.350   -2.959  -5.022  1.00 32.42 ? 66  TYR A O   1 
ATOM   257 C CB  . TYR A 1 66  ? -1.298  -0.833  -5.101  1.00 33.19 ? 66  TYR A CB  1 
ATOM   258 C CG  . TYR A 1 66  ? -1.387  -1.356  -6.511  1.00 34.67 ? 66  TYR A CG  1 
ATOM   259 C CD1 . TYR A 1 66  ? -0.904  -0.648  -7.607  1.00 39.23 ? 66  TYR A CD1 1 
ATOM   260 C CD2 . TYR A 1 66  ? -2.011  -2.541  -6.745  1.00 34.34 ? 66  TYR A CD2 1 
ATOM   261 C CE1 . TYR A 1 66  ? -1.009  -1.189  -8.912  1.00 38.47 ? 66  TYR A CE1 1 
ATOM   262 C CE2 . TYR A 1 66  ? -2.134  -3.083  -8.017  1.00 35.59 ? 66  TYR A CE2 1 
ATOM   263 C CZ  . TYR A 1 66  ? -1.628  -2.431  -9.117  1.00 39.33 ? 66  TYR A CZ  1 
ATOM   264 O OH  . TYR A 1 66  ? -1.708  -2.941  -10.425 1.00 40.24 ? 66  TYR A OH  1 
ATOM   265 N N   . CYS A 1 67  ? -0.272  -3.237  -3.435  1.00 31.72 ? 67  CYS A N   1 
ATOM   266 C CA  . CYS A 1 67  ? -0.116  -4.696  -3.219  1.00 32.99 ? 67  CYS A CA  1 
ATOM   267 C C   . CYS A 1 67  ? -1.219  -5.366  -3.935  1.00 32.78 ? 67  CYS A C   1 
ATOM   268 O O   . CYS A 1 67  ? -2.378  -4.989  -3.820  1.00 31.35 ? 67  CYS A O   1 
ATOM   269 C CB  . CYS A 1 67  ? -0.182  -4.997  -1.713  1.00 31.54 ? 67  CYS A CB  1 
ATOM   270 S SG  . CYS A 1 67  ? 1.138   -4.325  -0.746  1.00 33.93 ? 67  CYS A SG  1 
ATOM   271 N N   . GLU A 1 68  ? -0.872  -6.436  -4.671  1.00 34.05 ? 68  GLU A N   1 
ATOM   272 C CA  . GLU A 1 68  ? -1.883  -7.289  -5.299  1.00 33.75 ? 68  GLU A CA  1 
ATOM   273 C C   . GLU A 1 68  ? -1.350  -8.695  -5.657  1.00 33.91 ? 68  GLU A C   1 
ATOM   274 O O   . GLU A 1 68  ? -0.164  -8.887  -5.935  1.00 34.51 ? 68  GLU A O   1 
ATOM   275 C CB  . GLU A 1 68  ? -2.432  -6.706  -6.563  1.00 36.40 ? 68  GLU A CB  1 
ATOM   276 C CG  . GLU A 1 68  ? -3.721  -7.359  -6.991  1.00 38.49 ? 68  GLU A CG  1 
ATOM   277 C CD  . GLU A 1 68  ? -4.255  -6.738  -8.249  1.00 47.85 ? 68  GLU A CD  1 
ATOM   278 O OE1 . GLU A 1 68  ? -3.465  -6.072  -8.978  1.00 52.61 ? 68  GLU A OE1 1 
ATOM   279 O OE2 . GLU A 1 68  ? -5.492  -6.820  -8.465  1.00 57.05 ? 68  GLU A OE2 1 
ATOM   280 N N   . GLY A 1 69  ? -2.256  -9.659  -5.673  1.00 35.73 ? 69  GLY A N   1 
ATOM   281 C CA  . GLY A 1 69  ? -1.889  -11.052 -6.025  1.00 36.99 ? 69  GLY A CA  1 
ATOM   282 C C   . GLY A 1 69  ? -2.354  -12.115 -5.058  1.00 39.20 ? 69  GLY A C   1 
ATOM   283 O O   . GLY A 1 69  ? -2.771  -11.815 -3.963  1.00 39.01 ? 69  GLY A O   1 
ATOM   284 N N   . GLU A 1 70  ? -2.273  -13.397 -5.457  1.00 39.00 ? 70  GLU A N   1 
ATOM   285 C CA  . GLU A 1 70  ? -2.771  -14.516 -4.636  1.00 39.92 ? 70  GLU A CA  1 
ATOM   286 C C   . GLU A 1 70  ? -1.943  -14.945 -3.427  1.00 36.20 ? 70  GLU A C   1 
ATOM   287 O O   . GLU A 1 70  ? -0.714  -14.879 -3.458  1.00 35.13 ? 70  GLU A O   1 
ATOM   288 C CB  . GLU A 1 70  ? -2.904  -15.818 -5.481  1.00 42.47 ? 70  GLU A CB  1 
ATOM   289 C CG  . GLU A 1 70  ? -4.318  -16.319 -5.661  1.00 49.75 ? 70  GLU A CG  1 
ATOM   290 C CD  . GLU A 1 70  ? -4.386  -17.879 -5.967  1.00 57.35 ? 70  GLU A CD  1 
ATOM   291 O OE1 . GLU A 1 70  ? -3.554  -18.362 -6.768  1.00 58.83 ? 70  GLU A OE1 1 
ATOM   292 O OE2 . GLU A 1 70  ? -5.246  -18.630 -5.421  1.00 58.31 ? 70  GLU A OE2 1 
ATOM   293 N N   . CYS A 1 71  ? -2.624  -15.314 -2.351  1.00 34.72 ? 71  CYS A N   1 
ATOM   294 C CA  . CYS A 1 71  ? -1.946  -15.805 -1.133  1.00 36.68 ? 71  CYS A CA  1 
ATOM   295 C C   . CYS A 1 71  ? -2.393  -17.276 -1.004  1.00 37.48 ? 71  CYS A C   1 
ATOM   296 O O   . CYS A 1 71  ? -3.430  -17.554 -0.430  1.00 38.88 ? 71  CYS A O   1 
ATOM   297 C CB  . CYS A 1 71  ? -2.377  -15.036 0.079   1.00 37.28 ? 71  CYS A CB  1 
ATOM   298 S SG  . CYS A 1 71  ? -1.595  -13.386 0.130   1.00 36.88 ? 71  CYS A SG  1 
ATOM   299 N N   . ALA A 1 72  ? -1.666  -18.168 -1.662  1.00 37.55 ? 72  ALA A N   1 
ATOM   300 C CA  . ALA A 1 72  ? -2.011  -19.620 -1.676  1.00 36.85 ? 72  ALA A CA  1 
ATOM   301 C C   . ALA A 1 72  ? -0.729  -20.434 -1.592  1.00 37.90 ? 72  ALA A C   1 
ATOM   302 O O   . ALA A 1 72  ? 0.348   -19.795 -1.711  1.00 35.47 ? 72  ALA A O   1 
ATOM   303 C CB  . ALA A 1 72  ? -2.643  -19.872 -2.900  1.00 39.23 ? 72  ALA A CB  1 
ATOM   304 N N   . PHE A 1 73  ? -0.786  -21.742 -1.377  1.00 35.98 ? 73  PHE A N   1 
ATOM   305 C CA  . PHE A 1 73  ? 0.447   -22.524 -1.349  1.00 36.98 ? 73  PHE A CA  1 
ATOM   306 C C   . PHE A 1 73  ? 1.015   -22.544 -2.774  1.00 36.50 ? 73  PHE A C   1 
ATOM   307 O O   . PHE A 1 73  ? 0.311   -22.694 -3.716  1.00 35.68 ? 73  PHE A O   1 
ATOM   308 C CB  . PHE A 1 73  ? 0.201   -23.960 -0.827  1.00 37.68 ? 73  PHE A CB  1 
ATOM   309 C CG  . PHE A 1 73  ? -0.271  -24.010 0.607   1.00 32.66 ? 73  PHE A CG  1 
ATOM   310 C CD1 . PHE A 1 73  ? 0.480   -23.438 1.609   1.00 31.77 ? 73  PHE A CD1 1 
ATOM   311 C CD2 . PHE A 1 73  ? -1.459  -24.625 0.955   1.00 36.43 ? 73  PHE A CD2 1 
ATOM   312 C CE1 . PHE A 1 73  ? 0.059   -23.424 2.927   1.00 32.75 ? 73  PHE A CE1 1 
ATOM   313 C CE2 . PHE A 1 73  ? -1.856  -24.629 2.284   1.00 31.26 ? 73  PHE A CE2 1 
ATOM   314 C CZ  . PHE A 1 73  ? -1.103  -24.002 3.235   1.00 29.14 ? 73  PHE A CZ  1 
ATOM   315 N N   . PRO A 1 74  ? 2.310   -22.418 -2.928  1.00 38.42 ? 74  PRO A N   1 
ATOM   316 C CA  . PRO A 1 74  ? 3.298   -22.323 -1.880  1.00 38.76 ? 74  PRO A CA  1 
ATOM   317 C C   . PRO A 1 74  ? 3.395   -20.912 -1.311  1.00 39.09 ? 74  PRO A C   1 
ATOM   318 O O   . PRO A 1 74  ? 3.366   -19.941 -2.132  1.00 40.80 ? 74  PRO A O   1 
ATOM   319 C CB  . PRO A 1 74  ? 4.601   -22.636 -2.615  1.00 39.20 ? 74  PRO A CB  1 
ATOM   320 C CG  . PRO A 1 74  ? 4.392   -22.220 -3.960  1.00 40.77 ? 74  PRO A CG  1 
ATOM   321 C CD  . PRO A 1 74  ? 2.939   -22.365 -4.252  1.00 41.09 ? 74  PRO A CD  1 
ATOM   322 N N   . LEU A 1 75  ? 3.523   -20.824 0.004   1.00 37.65 ? 75  LEU A N   1 
ATOM   323 C CA  . LEU A 1 75  ? 3.715   -19.569 0.707   1.00 39.07 ? 75  LEU A CA  1 
ATOM   324 C C   . LEU A 1 75  ? 5.221   -19.447 0.803   1.00 39.75 ? 75  LEU A C   1 
ATOM   325 O O   . LEU A 1 75  ? 5.815   -19.874 1.809   1.00 41.14 ? 75  LEU A O   1 
ATOM   326 C CB  . LEU A 1 75  ? 3.018   -19.472 2.091   1.00 37.63 ? 75  LEU A CB  1 
ATOM   327 C CG  . LEU A 1 75  ? 1.474   -19.550 2.052   1.00 37.40 ? 75  LEU A CG  1 
ATOM   328 C CD1 . LEU A 1 75  ? 0.817   -19.632 3.381   1.00 37.04 ? 75  LEU A CD1 1 
ATOM   329 C CD2 . LEU A 1 75  ? 0.864   -18.332 1.319   1.00 38.93 ? 75  LEU A CD2 1 
ATOM   330 N N   . ASN A 1 76  ? 5.815   -18.940 -0.278  1.00 41.79 ? 76  ASN A N   1 
ATOM   331 C CA  . ASN A 1 76  ? 7.251   -18.754 -0.358  1.00 43.73 ? 76  ASN A CA  1 
ATOM   332 C C   . ASN A 1 76  ? 7.557   -17.711 0.740   1.00 43.59 ? 76  ASN A C   1 
ATOM   333 O O   . ASN A 1 76  ? 6.694   -16.971 1.166   1.00 44.40 ? 76  ASN A O   1 
ATOM   334 C CB  . ASN A 1 76  ? 7.667   -18.308 -1.782  1.00 44.13 ? 76  ASN A CB  1 
ATOM   335 C CG  . ASN A 1 76  ? 7.342   -19.367 -2.911  1.00 47.80 ? 76  ASN A CG  1 
ATOM   336 O OD1 . ASN A 1 76  ? 7.148   -19.009 -4.114  1.00 54.30 ? 76  ASN A OD1 1 
ATOM   337 N ND2 . ASN A 1 76  ? 7.283   -20.633 -2.537  1.00 46.27 ? 76  ASN A ND2 1 
ATOM   338 N N   . SER A 1 77  ? 8.752   -17.760 1.312   1.00 44.84 ? 77  SER A N   1 
ATOM   339 C CA  . SER A 1 77  ? 9.104   -16.937 2.487   1.00 45.87 ? 77  SER A CA  1 
ATOM   340 C C   . SER A 1 77  ? 9.086   -15.460 2.202   1.00 44.89 ? 77  SER A C   1 
ATOM   341 O O   . SER A 1 77  ? 8.802   -14.626 3.065   1.00 47.64 ? 77  SER A O   1 
ATOM   342 C CB  . SER A 1 77  ? 10.491  -17.284 2.974   1.00 47.56 ? 77  SER A CB  1 
ATOM   343 O OG  . SER A 1 77  ? 11.467  -17.090 1.985   1.00 48.84 ? 77  SER A OG  1 
ATOM   344 N N   . TYR A 1 78  ? 9.449   -15.166 0.962   1.00 44.11 ? 78  TYR A N   1 
ATOM   345 C CA  . TYR A 1 78  ? 9.406   -13.799 0.336   1.00 45.96 ? 78  TYR A CA  1 
ATOM   346 C C   . TYR A 1 78  ? 8.015   -13.071 0.370   1.00 45.44 ? 78  TYR A C   1 
ATOM   347 O O   . TYR A 1 78  ? 7.868   -11.817 0.186   1.00 42.78 ? 78  TYR A O   1 
ATOM   348 C CB  . TYR A 1 78  ? 9.828   -13.933 -1.155  1.00 47.26 ? 78  TYR A CB  1 
ATOM   349 C CG  . TYR A 1 78  ? 9.768   -12.651 -1.993  1.00 53.61 ? 78  TYR A CG  1 
ATOM   350 C CD1 . TYR A 1 78  ? 8.819   -12.491 -3.022  1.00 57.66 ? 78  TYR A CD1 1 
ATOM   351 C CD2 . TYR A 1 78  ? 10.677  -11.587 -1.763  1.00 59.59 ? 78  TYR A CD2 1 
ATOM   352 C CE1 . TYR A 1 78  ? 8.784   -11.302 -3.779  1.00 62.52 ? 78  TYR A CE1 1 
ATOM   353 C CE2 . TYR A 1 78  ? 10.647  -10.389 -2.535  1.00 60.59 ? 78  TYR A CE2 1 
ATOM   354 C CZ  . TYR A 1 78  ? 9.698   -10.275 -3.525  1.00 61.47 ? 78  TYR A CZ  1 
ATOM   355 O OH  . TYR A 1 78  ? 9.618   -9.151  -4.270  1.00 64.44 ? 78  TYR A OH  1 
ATOM   356 N N   . MET A 1 79  ? 7.003   -13.906 0.597   1.00 44.47 ? 79  MET A N   1 
ATOM   357 C CA  . MET A 1 79  ? 5.610   -13.470 0.648   1.00 42.16 ? 79  MET A CA  1 
ATOM   358 C C   . MET A 1 79  ? 5.257   -13.065 2.067   1.00 40.25 ? 79  MET A C   1 
ATOM   359 O O   . MET A 1 79  ? 4.109   -12.741 2.356   1.00 39.77 ? 79  MET A O   1 
ATOM   360 C CB  . MET A 1 79  ? 4.711   -14.572 0.023   1.00 41.94 ? 79  MET A CB  1 
ATOM   361 C CG  . MET A 1 79  ? 4.665   -14.496 -1.447  1.00 43.43 ? 79  MET A CG  1 
ATOM   362 S SD  . MET A 1 79  ? 4.594   -16.154 -2.168  1.00 48.23 ? 79  MET A SD  1 
ATOM   363 C CE  . MET A 1 79  ? 2.982   -16.394 -2.278  1.00 43.74 ? 79  MET A CE  1 
ATOM   364 N N   . ASN A 1 80  ? 6.230   -13.215 2.964   1.00 38.34 ? 80  ASN A N   1 
ATOM   365 C CA  . ASN A 1 80  ? 6.065   -12.752 4.319   1.00 38.25 ? 80  ASN A CA  1 
ATOM   366 C C   . ASN A 1 80  ? 4.784   -13.132 5.000   1.00 37.58 ? 80  ASN A C   1 
ATOM   367 O O   . ASN A 1 80  ? 4.041   -12.283 5.548   1.00 36.70 ? 80  ASN A O   1 
ATOM   368 C CB  . ASN A 1 80  ? 6.144   -11.181 4.279   1.00 39.84 ? 80  ASN A CB  1 
ATOM   369 C CG  . ASN A 1 80  ? 7.391   -10.699 3.595   1.00 42.36 ? 80  ASN A CG  1 
ATOM   370 O OD1 . ASN A 1 80  ? 8.427   -11.303 3.800   1.00 41.08 ? 80  ASN A OD1 1 
ATOM   371 N ND2 . ASN A 1 80  ? 7.294   -9.664  2.715   1.00 46.60 ? 80  ASN A ND2 1 
ATOM   372 N N   . ALA A 1 81  ? 4.463   -14.411 4.995   1.00 35.74 ? 81  ALA A N   1 
ATOM   373 C CA  . ALA A 1 81  ? 3.186   -14.830 5.597   1.00 32.65 ? 81  ALA A CA  1 
ATOM   374 C C   . ALA A 1 81  ? 3.322   -14.914 7.051   1.00 32.92 ? 81  ALA A C   1 
ATOM   375 O O   . ALA A 1 81  ? 4.372   -15.325 7.504   1.00 36.39 ? 81  ALA A O   1 
ATOM   376 C CB  . ALA A 1 81  ? 2.845   -16.288 5.006   1.00 34.05 ? 81  ALA A CB  1 
ATOM   377 N N   . THR A 1 82  ? 2.336   -14.570 7.868   1.00 31.60 ? 82  THR A N   1 
ATOM   378 C CA  . THR A 1 82  ? 2.412   -14.828 9.310   1.00 30.60 ? 82  THR A CA  1 
ATOM   379 C C   . THR A 1 82  ? 1.978   -16.300 9.579   1.00 31.70 ? 82  THR A C   1 
ATOM   380 O O   . THR A 1 82  ? 1.431   -17.013 8.669   1.00 29.14 ? 82  THR A O   1 
ATOM   381 C CB  . THR A 1 82  ? 1.366   -13.943 10.043  1.00 32.76 ? 82  THR A CB  1 
ATOM   382 O OG1 . THR A 1 82  ? 0.044   -14.106 9.414   1.00 27.99 ? 82  THR A OG1 1 
ATOM   383 C CG2 . THR A 1 82  ? 1.671   -12.414 9.815   1.00 36.02 ? 82  THR A CG2 1 
ATOM   384 N N   . ASN A 1 83  ? 2.255   -16.765 10.797  1.00 32.66 ? 83  ASN A N   1 
ATOM   385 C CA  . ASN A 1 83  ? 1.759   -18.068 11.209  1.00 31.27 ? 83  ASN A CA  1 
ATOM   386 C C   . ASN A 1 83  ? 0.252   -18.112 10.966  1.00 30.88 ? 83  ASN A C   1 
ATOM   387 O O   . ASN A 1 83  ? -0.249  -19.136 10.492  1.00 31.09 ? 83  ASN A O   1 
ATOM   388 C CB  . ASN A 1 83  ? 2.052   -18.323 12.678  1.00 31.81 ? 83  ASN A CB  1 
ATOM   389 C CG  . ASN A 1 83  ? 3.556   -18.827 12.926  1.00 34.15 ? 83  ASN A CG  1 
ATOM   390 O OD1 . ASN A 1 83  ? 4.140   -19.398 12.039  1.00 40.07 ? 83  ASN A OD1 1 
ATOM   391 N ND2 . ASN A 1 83  ? 4.127   -18.509 14.076  1.00 32.43 ? 83  ASN A ND2 1 
ATOM   392 N N   . HIS A 1 84  ? -0.469  -17.044 11.332  1.00 29.19 ? 84  HIS A N   1 
ATOM   393 C CA  . HIS A 1 84  ? -1.932  -17.037 11.168  1.00 28.33 ? 84  HIS A CA  1 
ATOM   394 C C   . HIS A 1 84  ? -2.331  -17.228 9.690   1.00 28.69 ? 84  HIS A C   1 
ATOM   395 O O   . HIS A 1 84  ? -3.265  -17.966 9.414   1.00 27.64 ? 84  HIS A O   1 
ATOM   396 C CB  . HIS A 1 84  ? -2.621  -15.806 11.789  1.00 26.77 ? 84  HIS A CB  1 
ATOM   397 C CG  . HIS A 1 84  ? -4.122  -15.827 11.660  1.00 27.90 ? 84  HIS A CG  1 
ATOM   398 N ND1 . HIS A 1 84  ? -4.790  -15.515 10.498  1.00 23.78 ? 84  HIS A ND1 1 
ATOM   399 C CD2 . HIS A 1 84  ? -5.074  -16.083 12.583  1.00 28.48 ? 84  HIS A CD2 1 
ATOM   400 C CE1 . HIS A 1 84  ? -6.085  -15.654 10.689  1.00 24.28 ? 84  HIS A CE1 1 
ATOM   401 N NE2 . HIS A 1 84  ? -6.282  -16.009 11.952  1.00 28.09 ? 84  HIS A NE2 1 
ATOM   402 N N   . ALA A 1 85  ? -1.629  -16.582 8.754   1.00 28.20 ? 85  ALA A N   1 
ATOM   403 C CA  . ALA A 1 85  ? -1.905  -16.785 7.348   1.00 28.23 ? 85  ALA A CA  1 
ATOM   404 C C   . ALA A 1 85  ? -1.670  -18.269 6.882   1.00 27.29 ? 85  ALA A C   1 
ATOM   405 O O   . ALA A 1 85  ? -2.409  -18.779 6.025   1.00 27.03 ? 85  ALA A O   1 
ATOM   406 C CB  . ALA A 1 85  ? -1.071  -15.849 6.524   1.00 29.22 ? 85  ALA A CB  1 
ATOM   407 N N   . ILE A 1 86  ? -0.603  -18.888 7.398   1.00 27.94 ? 86  ILE A N   1 
ATOM   408 C CA  . ILE A 1 86  ? -0.309  -20.291 7.050   1.00 28.46 ? 86  ILE A CA  1 
ATOM   409 C C   . ILE A 1 86  ? -1.468  -21.127 7.522   1.00 27.96 ? 86  ILE A C   1 
ATOM   410 O O   . ILE A 1 86  ? -1.985  -21.948 6.744   1.00 29.50 ? 86  ILE A O   1 
ATOM   411 C CB  . ILE A 1 86  ? 1.086   -20.769 7.639   1.00 29.46 ? 86  ILE A CB  1 
ATOM   412 C CG1 . ILE A 1 86  ? 2.237   -19.974 7.000   1.00 31.45 ? 86  ILE A CG1 1 
ATOM   413 C CG2 . ILE A 1 86  ? 1.257   -22.311 7.523   1.00 31.01 ? 86  ILE A CG2 1 
ATOM   414 C CD1 . ILE A 1 86  ? 3.463   -20.109 7.869   1.00 36.54 ? 86  ILE A CD1 1 
ATOM   415 N N   . VAL A 1 87  ? -1.866  -20.939 8.771   1.00 26.57 ? 87  VAL A N   1 
ATOM   416 C CA  . VAL A 1 87  ? -3.016  -21.659 9.300   1.00 28.62 ? 87  VAL A CA  1 
ATOM   417 C C   . VAL A 1 87  ? -4.247  -21.388 8.488   1.00 28.46 ? 87  VAL A C   1 
ATOM   418 O O   . VAL A 1 87  ? -4.973  -22.358 8.035   1.00 27.44 ? 87  VAL A O   1 
ATOM   419 C CB  . VAL A 1 87  ? -3.366  -21.254 10.669  1.00 27.54 ? 87  VAL A CB  1 
ATOM   420 C CG1 . VAL A 1 87  ? -4.543  -21.953 11.277  1.00 32.09 ? 87  VAL A CG1 1 
ATOM   421 C CG2 . VAL A 1 87  ? -2.217  -21.589 11.525  1.00 35.92 ? 87  VAL A CG2 1 
ATOM   422 N N   . GLN A 1 88  ? -4.560  -20.147 8.120   1.00 28.54 ? 88  GLN A N   1 
ATOM   423 C CA  . GLN A 1 88  ? -5.779  -19.833 7.325   1.00 27.71 ? 88  GLN A CA  1 
ATOM   424 C C   . GLN A 1 88  ? -5.747  -20.430 5.945   1.00 28.07 ? 88  GLN A C   1 
ATOM   425 O O   . GLN A 1 88  ? -6.839  -20.880 5.394   1.00 28.74 ? 88  GLN A O   1 
ATOM   426 C CB  . GLN A 1 88  ? -5.917  -18.294 7.300   1.00 29.08 ? 88  GLN A CB  1 
ATOM   427 C CG  . GLN A 1 88  ? -7.243  -17.829 6.645   1.00 29.84 ? 88  GLN A CG  1 
ATOM   428 C CD  . GLN A 1 88  ? -7.454  -16.325 6.688   1.00 30.32 ? 88  GLN A CD  1 
ATOM   429 O OE1 . GLN A 1 88  ? -7.123  -15.721 7.671   1.00 28.22 ? 88  GLN A OE1 1 
ATOM   430 N NE2 . GLN A 1 88  ? -8.068  -15.751 5.652   1.00 26.79 ? 88  GLN A NE2 1 
ATOM   431 N N   . THR A 1 89  ? -4.617  -20.485 5.264   1.00 28.08 ? 89  THR A N   1 
ATOM   432 C CA  . THR A 1 89  ? -4.493  -21.039 3.968   1.00 27.97 ? 89  THR A CA  1 
ATOM   433 C C   . THR A 1 89  ? -4.724  -22.613 4.015   1.00 27.84 ? 89  THR A C   1 
ATOM   434 O O   . THR A 1 89  ? -5.394  -23.206 3.104   1.00 30.07 ? 89  THR A O   1 
ATOM   435 C CB  . THR A 1 89  ? -3.127  -20.692 3.350   1.00 29.42 ? 89  THR A CB  1 
ATOM   436 O OG1 . THR A 1 89  ? -2.950  -19.228 3.343   1.00 27.99 ? 89  THR A OG1 1 
ATOM   437 C CG2 . THR A 1 89  ? -3.098  -21.197 1.933   1.00 29.76 ? 89  THR A CG2 1 
ATOM   438 N N   . LEU A 1 90  ? -4.271  -23.221 5.105   1.00 29.45 ? 90  LEU A N   1 
ATOM   439 C CA  . LEU A 1 90  ? -4.442  -24.688 5.304   1.00 29.87 ? 90  LEU A CA  1 
ATOM   440 C C   . LEU A 1 90  ? -5.955  -24.957 5.526   1.00 31.40 ? 90  LEU A C   1 
ATOM   441 O O   . LEU A 1 90  ? -6.553  -25.834 4.833   1.00 33.25 ? 90  LEU A O   1 
ATOM   442 C CB  . LEU A 1 90  ? -3.522  -25.202 6.406   1.00 29.21 ? 90  LEU A CB  1 
ATOM   443 C CG  . LEU A 1 90  ? -3.688  -26.708 6.771   1.00 32.14 ? 90  LEU A CG  1 
ATOM   444 C CD1 . LEU A 1 90  ? -3.389  -27.526 5.606   1.00 33.10 ? 90  LEU A CD1 1 
ATOM   445 C CD2 . LEU A 1 90  ? -2.734  -27.054 7.923   1.00 33.36 ? 90  LEU A CD2 1 
ATOM   446 N N   . VAL A 1 91  ? -6.618  -24.140 6.346   1.00 31.72 ? 91  VAL A N   1 
ATOM   447 C CA  . VAL A 1 91  ? -8.039  -24.320 6.644   1.00 32.39 ? 91  VAL A CA  1 
ATOM   448 C C   . VAL A 1 91  ? -8.831  -24.198 5.338   1.00 33.56 ? 91  VAL A C   1 
ATOM   449 O O   . VAL A 1 91  ? -9.646  -25.177 5.043   1.00 34.42 ? 91  VAL A O   1 
ATOM   450 C CB  . VAL A 1 91  ? -8.550  -23.489 7.886   1.00 31.31 ? 91  VAL A CB  1 
ATOM   451 C CG1 . VAL A 1 91  ? -10.031 -23.673 8.074   1.00 35.18 ? 91  VAL A CG1 1 
ATOM   452 C CG2 . VAL A 1 91  ? -7.892  -23.931 9.127   1.00 33.58 ? 91  VAL A CG2 1 
ATOM   453 N N   . HIS A 1 92  ? -8.544  -23.187 4.508   1.00 34.50 ? 92  HIS A N   1 
ATOM   454 C CA  . HIS A 1 92  ? -9.125  -22.966 3.234   1.00 36.07 ? 92  HIS A CA  1 
ATOM   455 C C   . HIS A 1 92  ? -8.951  -24.202 2.314   1.00 38.48 ? 92  HIS A C   1 
ATOM   456 O O   . HIS A 1 92  ? -9.913  -24.616 1.511   1.00 38.31 ? 92  HIS A O   1 
ATOM   457 C CB  . HIS A 1 92  ? -8.546  -21.750 2.505   1.00 36.22 ? 92  HIS A CB  1 
ATOM   458 C CG  . HIS A 1 92  ? -9.155  -21.557 1.163   1.00 38.22 ? 92  HIS A CG  1 
ATOM   459 N ND1 . HIS A 1 92  ? -10.422 -21.051 1.017   1.00 42.78 ? 92  HIS A ND1 1 
ATOM   460 C CD2 . HIS A 1 92  ? -8.724  -21.873 -0.084  1.00 39.57 ? 92  HIS A CD2 1 
ATOM   461 C CE1 . HIS A 1 92  ? -10.759 -21.075 -0.269  1.00 40.11 ? 92  HIS A CE1 1 
ATOM   462 N NE2 . HIS A 1 92  ? -9.728  -21.539 -0.955  1.00 43.34 ? 92  HIS A NE2 1 
ATOM   463 N N   . PHE A 1 93  ? -7.755  -24.785 2.366   1.00 39.25 ? 93  PHE A N   1 
ATOM   464 C CA  . PHE A 1 93  ? -7.465  -25.987 1.608   1.00 41.08 ? 93  PHE A CA  1 
ATOM   465 C C   . PHE A 1 93  ? -8.351  -27.108 2.116   1.00 43.87 ? 93  PHE A C   1 
ATOM   466 O O   . PHE A 1 93  ? -8.782  -27.882 1.298   1.00 45.27 ? 93  PHE A O   1 
ATOM   467 C CB  . PHE A 1 93  ? -6.019  -26.459 1.738   1.00 40.37 ? 93  PHE A CB  1 
ATOM   468 C CG  . PHE A 1 93  ? -5.746  -27.823 1.091   1.00 41.87 ? 93  PHE A CG  1 
ATOM   469 C CD1 . PHE A 1 93  ? -5.620  -28.938 1.870   1.00 42.67 ? 93  PHE A CD1 1 
ATOM   470 C CD2 . PHE A 1 93  ? -5.606  -27.948 -0.268  1.00 44.64 ? 93  PHE A CD2 1 
ATOM   471 C CE1 . PHE A 1 93  ? -5.381  -30.194 1.308   1.00 51.05 ? 93  PHE A CE1 1 
ATOM   472 C CE2 . PHE A 1 93  ? -5.370  -29.222 -0.865  1.00 48.55 ? 93  PHE A CE2 1 
ATOM   473 C CZ  . PHE A 1 93  ? -5.247  -30.330 -0.065  1.00 49.63 ? 93  PHE A CZ  1 
ATOM   474 N N   . ILE A 1 94  ? -8.606  -27.255 3.412   1.00 45.59 ? 94  ILE A N   1 
ATOM   475 C CA  . ILE A 1 94  ? -9.390  -28.392 3.930   1.00 48.51 ? 94  ILE A CA  1 
ATOM   476 C C   . ILE A 1 94  ? -10.912 -28.292 3.716   1.00 49.48 ? 94  ILE A C   1 
ATOM   477 O O   . ILE A 1 94  ? -11.580 -29.339 3.533   1.00 47.04 ? 94  ILE A O   1 
ATOM   478 C CB  . ILE A 1 94  ? -9.068  -28.652 5.369   1.00 48.28 ? 94  ILE A CB  1 
ATOM   479 C CG1 . ILE A 1 94  ? -7.618  -29.116 5.436   1.00 49.12 ? 94  ILE A CG1 1 
ATOM   480 C CG2 . ILE A 1 94  ? -9.998  -29.711 6.003   1.00 51.32 ? 94  ILE A CG2 1 
ATOM   481 C CD1 . ILE A 1 94  ? -7.115  -29.194 6.793   1.00 49.01 ? 94  ILE A CD1 1 
ATOM   482 N N   . ASN A 1 95  ? -11.437 -27.059 3.775   1.00 50.58 ? 95  ASN A N   1 
ATOM   483 C CA  . ASN A 1 95  ? -12.851 -26.737 3.440   1.00 51.82 ? 95  ASN A CA  1 
ATOM   484 C C   . ASN A 1 95  ? -12.946 -25.291 3.133   1.00 50.27 ? 95  ASN A C   1 
ATOM   485 O O   . ASN A 1 95  ? -12.934 -24.446 4.030   1.00 48.35 ? 95  ASN A O   1 
ATOM   486 C CB  . ASN A 1 95  ? -13.853 -26.997 4.555   1.00 53.71 ? 95  ASN A CB  1 
ATOM   487 C CG  . ASN A 1 95  ? -15.289 -26.419 4.197   1.00 59.39 ? 95  ASN A CG  1 
ATOM   488 O OD1 . ASN A 1 95  ? -15.521 -25.600 3.257   1.00 64.65 ? 95  ASN A OD1 1 
ATOM   489 N ND2 . ASN A 1 95  ? -16.243 -26.887 4.959   1.00 64.79 ? 95  ASN A ND2 1 
ATOM   490 N N   . PRO A 1 96  ? -12.984 -25.033 1.847   1.00 51.06 ? 96  PRO A N   1 
ATOM   491 C CA  . PRO A 1 96  ? -13.025 -23.698 1.284   1.00 52.69 ? 96  PRO A CA  1 
ATOM   492 C C   . PRO A 1 96  ? -14.211 -22.882 1.690   1.00 53.64 ? 96  PRO A C   1 
ATOM   493 O O   . PRO A 1 96  ? -14.147 -21.670 1.595   1.00 53.51 ? 96  PRO A O   1 
ATOM   494 C CB  . PRO A 1 96  ? -13.008 -23.932 -0.227  1.00 53.42 ? 96  PRO A CB  1 
ATOM   495 C CG  . PRO A 1 96  ? -12.830 -25.372 -0.440  1.00 53.12 ? 96  PRO A CG  1 
ATOM   496 C CD  . PRO A 1 96  ? -12.936 -26.081 0.826   1.00 52.27 ? 96  PRO A CD  1 
ATOM   497 N N   . GLU A 1 97  ? -15.240 -23.525 2.216   1.00 53.21 ? 97  GLU A N   1 
ATOM   498 C CA  . GLU A 1 97  ? -16.386 -22.731 2.618   1.00 53.70 ? 97  GLU A CA  1 
ATOM   499 C C   . GLU A 1 97  ? -16.201 -22.078 3.996   1.00 52.08 ? 97  GLU A C   1 
ATOM   500 O O   . GLU A 1 97  ? -16.854 -21.116 4.308   1.00 50.55 ? 97  GLU A O   1 
ATOM   501 C CB  . GLU A 1 97  ? -17.752 -23.472 2.503   1.00 55.31 ? 97  GLU A CB  1 
ATOM   502 C CG  . GLU A 1 97  ? -17.860 -24.621 1.499   1.00 60.79 ? 97  GLU A CG  1 
ATOM   503 C CD  . GLU A 1 97  ? -17.215 -24.405 0.133   1.00 69.05 ? 97  GLU A CD  1 
ATOM   504 O OE1 . GLU A 1 97  ? -17.573 -23.430 -0.614  1.00 73.04 ? 97  GLU A OE1 1 
ATOM   505 O OE2 . GLU A 1 97  ? -16.362 -25.291 -0.174  1.00 70.96 ? 97  GLU A OE2 1 
ATOM   506 N N   . THR A 1 98  ? -15.247 -22.580 4.780   1.00 49.03 ? 98  THR A N   1 
ATOM   507 C CA  . THR A 1 98  ? -15.082 -22.136 6.131   1.00 48.50 ? 98  THR A CA  1 
ATOM   508 C C   . THR A 1 98  ? -14.398 -20.809 6.267   1.00 45.23 ? 98  THR A C   1 
ATOM   509 O O   . THR A 1 98  ? -14.672 -20.070 7.201   1.00 46.14 ? 98  THR A O   1 
ATOM   510 C CB  . THR A 1 98  ? -14.305 -23.233 6.861   1.00 48.87 ? 98  THR A CB  1 
ATOM   511 O OG1 . THR A 1 98  ? -15.220 -24.340 7.061   1.00 58.04 ? 98  THR A OG1 1 
ATOM   512 C CG2 . THR A 1 98  ? -13.955 -22.822 8.147   1.00 50.80 ? 98  THR A CG2 1 
ATOM   513 N N   . VAL A 1 99  ? -13.496 -20.518 5.346   1.00 42.11 ? 99  VAL A N   1 
ATOM   514 C CA  . VAL A 1 99  ? -12.687 -19.302 5.397   1.00 39.73 ? 99  VAL A CA  1 
ATOM   515 C C   . VAL A 1 99  ? -12.044 -19.002 4.037   1.00 38.12 ? 99  VAL A C   1 
ATOM   516 O O   . VAL A 1 99  ? -11.677 -19.942 3.310   1.00 38.57 ? 99  VAL A O   1 
ATOM   517 C CB  . VAL A 1 99  ? -11.553 -19.550 6.531   1.00 38.87 ? 99  VAL A CB  1 
ATOM   518 C CG1 . VAL A 1 99  ? -10.452 -20.470 6.022   1.00 37.08 ? 99  VAL A CG1 1 
ATOM   519 C CG2 . VAL A 1 99  ? -11.003 -18.221 7.039   1.00 39.54 ? 99  VAL A CG2 1 
ATOM   520 N N   . PRO A 1 100 ? -11.940 -17.710 3.683   1.00 38.77 ? 100 PRO A N   1 
ATOM   521 C CA  . PRO A 1 100 ? -11.294 -17.275 2.439   1.00 38.83 ? 100 PRO A CA  1 
ATOM   522 C C   . PRO A 1 100 ? -9.777  -17.424 2.524   1.00 36.91 ? 100 PRO A C   1 
ATOM   523 O O   . PRO A 1 100 ? -9.264  -17.724 3.646   1.00 34.88 ? 100 PRO A O   1 
ATOM   524 C CB  . PRO A 1 100 ? -11.683 -15.772 2.350   1.00 40.03 ? 100 PRO A CB  1 
ATOM   525 C CG  . PRO A 1 100 ? -11.928 -15.359 3.757   1.00 41.44 ? 100 PRO A CG  1 
ATOM   526 C CD  . PRO A 1 100 ? -12.384 -16.577 4.509   1.00 38.42 ? 100 PRO A CD  1 
ATOM   527 N N   . LYS A 1 101 ? -9.055  -17.214 1.414   1.00 37.81 ? 101 LYS A N   1 
ATOM   528 C CA  . LYS A 1 101 ? -7.565  -17.155 1.480   1.00 36.82 ? 101 LYS A CA  1 
ATOM   529 C C   . LYS A 1 101 ? -7.124  -15.790 2.050   1.00 35.11 ? 101 LYS A C   1 
ATOM   530 O O   . LYS A 1 101 ? -7.922  -14.853 1.856   1.00 32.49 ? 101 LYS A O   1 
ATOM   531 C CB  . LYS A 1 101 ? -6.978  -17.370 0.095   1.00 38.76 ? 101 LYS A CB  1 
ATOM   532 C CG  . LYS A 1 101 ? -6.801  -18.952 -0.145  1.00 41.32 ? 101 LYS A CG  1 
ATOM   533 C CD  . LYS A 1 101 ? -6.157  -19.318 -1.408  1.00 48.34 ? 101 LYS A CD  1 
ATOM   534 C CE  . LYS A 1 101 ? -6.900  -18.572 -2.526  1.00 51.59 ? 101 LYS A CE  1 
ATOM   535 N NZ  . LYS A 1 101 ? -6.790  -19.340 -3.784  1.00 56.77 ? 101 LYS A NZ  1 
ATOM   536 N N   . PRO A 1 102 ? -5.949  -15.655 2.685   1.00 33.02 ? 102 PRO A N   1 
ATOM   537 C CA  . PRO A 1 102 ? -5.486  -14.348 3.145   1.00 33.28 ? 102 PRO A CA  1 
ATOM   538 C C   . PRO A 1 102 ? -5.405  -13.379 2.012   1.00 32.85 ? 102 PRO A C   1 
ATOM   539 O O   . PRO A 1 102 ? -5.378  -13.750 0.891   1.00 32.06 ? 102 PRO A O   1 
ATOM   540 C CB  . PRO A 1 102 ? -4.088  -14.619 3.677   1.00 32.90 ? 102 PRO A CB  1 
ATOM   541 C CG  . PRO A 1 102 ? -4.134  -16.195 4.106   1.00 32.52 ? 102 PRO A CG  1 
ATOM   542 C CD  . PRO A 1 102 ? -4.981  -16.728 2.991   1.00 34.23 ? 102 PRO A CD  1 
ATOM   543 N N   . CYS A 1 103 ? -5.350  -12.121 2.335   1.00 34.90 ? 103 CYS A N   1 
ATOM   544 C CA  . CYS A 1 103 ? -5.218  -11.099 1.332   1.00 37.12 ? 103 CYS A CA  1 
ATOM   545 C C   . CYS A 1 103 ? -3.830  -10.462 1.307   1.00 33.55 ? 103 CYS A C   1 
ATOM   546 O O   . CYS A 1 103 ? -3.083  -10.409 2.333   1.00 32.17 ? 103 CYS A O   1 
ATOM   547 C CB  . CYS A 1 103 ? -6.428  -10.187 1.418   1.00 40.02 ? 103 CYS A CB  1 
ATOM   548 S SG  . CYS A 1 103 ? -6.412  -8.652  2.377   1.00 52.84 ? 103 CYS A SG  1 
ATOM   549 N N   . CYS A 1 104 ? -3.412  -10.085 0.111   1.00 32.76 ? 104 CYS A N   1 
ATOM   550 C CA  . CYS A 1 104 ? -2.122  -9.419  -0.137  1.00 32.63 ? 104 CYS A CA  1 
ATOM   551 C C   . CYS A 1 104 ? -2.224  -7.908  0.317   1.00 32.82 ? 104 CYS A C   1 
ATOM   552 O O   . CYS A 1 104 ? -3.018  -7.144  -0.243  1.00 30.78 ? 104 CYS A O   1 
ATOM   553 C CB  . CYS A 1 104 ? -1.759  -9.481  -1.598  1.00 31.96 ? 104 CYS A CB  1 
ATOM   554 S SG  . CYS A 1 104 ? -0.114  -8.932  -2.060  1.00 31.92 ? 104 CYS A SG  1 
ATOM   555 N N   . ALA A 1 105 ? -1.401  -7.523  1.280   1.00 31.47 ? 105 ALA A N   1 
ATOM   556 C CA  . ALA A 1 105 ? -1.496  -6.188  1.873   1.00 31.97 ? 105 ALA A CA  1 
ATOM   557 C C   . ALA A 1 105 ? -0.152  -5.658  2.264   1.00 32.89 ? 105 ALA A C   1 
ATOM   558 O O   . ALA A 1 105 ? 0.808   -6.408  2.396   1.00 31.51 ? 105 ALA A O   1 
ATOM   559 C CB  . ALA A 1 105 ? -2.409  -6.263  3.120   1.00 32.75 ? 105 ALA A CB  1 
ATOM   560 N N   . PRO A 1 106 ? -0.042  -4.335  2.450   1.00 33.62 ? 106 PRO A N   1 
ATOM   561 C CA  . PRO A 1 106 ? 1.239   -3.745  2.812   1.00 33.41 ? 106 PRO A CA  1 
ATOM   562 C C   . PRO A 1 106 ? 1.814   -4.130  4.179   1.00 34.14 ? 106 PRO A C   1 
ATOM   563 O O   . PRO A 1 106 ? 1.118   -4.153  5.160   1.00 34.82 ? 106 PRO A O   1 
ATOM   564 C CB  . PRO A 1 106 ? 0.913   -2.215  2.778   1.00 35.38 ? 106 PRO A CB  1 
ATOM   565 C CG  . PRO A 1 106 ? -0.357  -2.076  1.848   1.00 34.03 ? 106 PRO A CG  1 
ATOM   566 C CD  . PRO A 1 106 ? -1.122  -3.297  2.348   1.00 35.08 ? 106 PRO A CD  1 
ATOM   567 N N   . THR A 1 107 ? 3.098   -4.457  4.252   1.00 33.52 ? 107 THR A N   1 
ATOM   568 C CA  . THR A 1 107 ? 3.694   -4.713  5.555   1.00 36.40 ? 107 THR A CA  1 
ATOM   569 C C   . THR A 1 107 ? 4.570   -3.553  6.056   1.00 37.95 ? 107 THR A C   1 
ATOM   570 O O   . THR A 1 107 ? 4.869   -3.499  7.234   1.00 37.34 ? 107 THR A O   1 
ATOM   571 C CB  . THR A 1 107 ? 4.537   -5.906  5.544   1.00 36.37 ? 107 THR A CB  1 
ATOM   572 O OG1 . THR A 1 107 ? 5.579   -5.729  4.581   1.00 36.19 ? 107 THR A OG1 1 
ATOM   573 C CG2 . THR A 1 107 ? 3.724   -7.074  5.052   1.00 36.10 ? 107 THR A CG2 1 
ATOM   574 N N   . GLN A 1 108 ? 4.938   -2.611  5.179   1.00 39.03 ? 108 GLN A N   1 
ATOM   575 C CA  . GLN A 1 108 ? 5.721   -1.456  5.600   1.00 40.02 ? 108 GLN A CA  1 
ATOM   576 C C   . GLN A 1 108 ? 5.262   -0.257  4.742   1.00 38.50 ? 108 GLN A C   1 
ATOM   577 O O   . GLN A 1 108 ? 5.101   -0.429  3.541   1.00 33.41 ? 108 GLN A O   1 
ATOM   578 C CB  . GLN A 1 108 ? 7.214   -1.620  5.289   1.00 42.16 ? 108 GLN A CB  1 
ATOM   579 C CG  . GLN A 1 108 ? 8.028   -2.822  5.844   1.00 51.78 ? 108 GLN A CG  1 
ATOM   580 C CD  . GLN A 1 108 ? 9.480   -2.782  5.253   1.00 60.74 ? 108 GLN A CD  1 
ATOM   581 O OE1 . GLN A 1 108 ? 9.991   -1.684  4.847   1.00 66.05 ? 108 GLN A OE1 1 
ATOM   582 N NE2 . GLN A 1 108 ? 10.132  -3.949  5.192   1.00 65.73 ? 108 GLN A NE2 1 
ATOM   583 N N   . LEU A 1 109 ? 5.113   0.921   5.340   1.00 40.01 ? 109 LEU A N   1 
ATOM   584 C CA  . LEU A 1 109 ? 4.776   2.165   4.593   1.00 40.78 ? 109 LEU A CA  1 
ATOM   585 C C   . LEU A 1 109 ? 5.658   3.340   5.074   1.00 42.58 ? 109 LEU A C   1 
ATOM   586 O O   . LEU A 1 109 ? 6.073   3.347   6.276   1.00 42.63 ? 109 LEU A O   1 
ATOM   587 C CB  . LEU A 1 109 ? 3.333   2.521   4.895   1.00 40.38 ? 109 LEU A CB  1 
ATOM   588 C CG  . LEU A 1 109 ? 2.292   1.487   4.466   1.00 42.79 ? 109 LEU A CG  1 
ATOM   589 C CD1 . LEU A 1 109 ? 1.445   1.099   5.595   1.00 46.27 ? 109 LEU A CD1 1 
ATOM   590 C CD2 . LEU A 1 109 ? 1.470   2.016   3.292   1.00 44.52 ? 109 LEU A CD2 1 
ATOM   591 N N   . ASN A 1 110 ? 5.899   4.334   4.175   1.00 41.55 ? 110 ASN A N   1 
ATOM   592 C CA  . ASN A 1 110 ? 6.701   5.565   4.470   1.00 40.56 ? 110 ASN A CA  1 
ATOM   593 C C   . ASN A 1 110 ? 5.898   6.832   4.165   1.00 38.55 ? 110 ASN A C   1 
ATOM   594 O O   . ASN A 1 110 ? 4.898   6.767   3.428   1.00 35.60 ? 110 ASN A O   1 
ATOM   595 C CB  . ASN A 1 110 ? 7.939   5.602   3.627   1.00 42.48 ? 110 ASN A CB  1 
ATOM   596 C CG  . ASN A 1 110 ? 8.940   4.553   4.024   1.00 49.58 ? 110 ASN A CG  1 
ATOM   597 O OD1 . ASN A 1 110 ? 9.779   4.168   3.213   1.00 53.13 ? 110 ASN A OD1 1 
ATOM   598 N ND2 . ASN A 1 110 ? 8.930   4.173   5.304   1.00 57.93 ? 110 ASN A ND2 1 
ATOM   599 N N   . ALA A 1 111 ? 6.283   7.933   4.828   1.00 37.07 ? 111 ALA A N   1 
ATOM   600 C CA  . ALA A 1 111 ? 5.631   9.216   4.694   1.00 36.60 ? 111 ALA A CA  1 
ATOM   601 C C   . ALA A 1 111 ? 6.046   9.982   3.423   1.00 35.09 ? 111 ALA A C   1 
ATOM   602 O O   . ALA A 1 111 ? 7.022   9.634   2.809   1.00 34.78 ? 111 ALA A O   1 
ATOM   603 C CB  . ALA A 1 111 ? 5.890   10.124  5.945   1.00 37.79 ? 111 ALA A CB  1 
ATOM   604 N N   . ILE A 1 112 ? 5.250   10.974  3.006   1.00 33.97 ? 112 ILE A N   1 
ATOM   605 C CA  . ILE A 1 112 ? 5.775   11.971  2.018   1.00 34.79 ? 112 ILE A CA  1 
ATOM   606 C C   . ILE A 1 112 ? 5.695   13.339  2.648   1.00 34.01 ? 112 ILE A C   1 
ATOM   607 O O   . ILE A 1 112 ? 4.861   13.570  3.525   1.00 34.18 ? 112 ILE A O   1 
ATOM   608 C CB  . ILE A 1 112 ? 5.034   12.063  0.662   1.00 35.53 ? 112 ILE A CB  1 
ATOM   609 C CG1 . ILE A 1 112 ? 3.558   12.374  0.840   1.00 34.19 ? 112 ILE A CG1 1 
ATOM   610 C CG2 . ILE A 1 112 ? 5.199   10.733  -0.174  1.00 39.83 ? 112 ILE A CG2 1 
ATOM   611 C CD1 . ILE A 1 112 ? 2.967   12.711  -0.468  1.00 40.74 ? 112 ILE A CD1 1 
ATOM   612 N N   . SER A 1 113 ? 6.494   14.263  2.153   1.00 34.47 ? 113 SER A N   1 
ATOM   613 C CA  . SER A 1 113 ? 6.329   15.661  2.542   1.00 35.69 ? 113 SER A CA  1 
ATOM   614 C C   . SER A 1 113 ? 5.929   16.505  1.342   1.00 34.53 ? 113 SER A C   1 
ATOM   615 O O   . SER A 1 113 ? 6.457   16.298  0.252   1.00 36.55 ? 113 SER A O   1 
ATOM   616 C CB  . SER A 1 113 ? 7.635   16.179  3.141   1.00 36.72 ? 113 SER A CB  1 
ATOM   617 O OG  . SER A 1 113 ? 7.804   15.624  4.426   1.00 39.40 ? 113 SER A OG  1 
ATOM   618 N N   A VAL A 1 114 ? 4.973   17.411  1.523   0.50 33.51 ? 114 VAL A N   1 
ATOM   619 N N   B VAL A 1 114 ? 5.006   17.438  1.545   0.50 32.95 ? 114 VAL A N   1 
ATOM   620 C CA  A VAL A 1 114 ? 4.498   18.322  0.461   0.50 33.77 ? 114 VAL A CA  1 
ATOM   621 C CA  B VAL A 1 114 ? 4.511   18.333  0.482   0.50 32.76 ? 114 VAL A CA  1 
ATOM   622 C C   A VAL A 1 114 ? 4.738   19.798  0.939   0.50 33.50 ? 114 VAL A C   1 
ATOM   623 C C   B VAL A 1 114 ? 4.598   19.829  0.917   0.50 33.28 ? 114 VAL A C   1 
ATOM   624 O O   A VAL A 1 114 ? 4.795   20.068  2.151   0.50 33.03 ? 114 VAL A O   1 
ATOM   625 O O   B VAL A 1 114 ? 4.225   20.193  2.059   0.50 32.91 ? 114 VAL A O   1 
ATOM   626 C CB  A VAL A 1 114 ? 3.005   18.056  0.083   0.50 35.02 ? 114 VAL A CB  1 
ATOM   627 C CB  B VAL A 1 114 ? 3.042   18.039  0.083   0.50 33.53 ? 114 VAL A CB  1 
ATOM   628 C CG1 A VAL A 1 114 ? 2.407   19.189  -0.702  0.50 35.06 ? 114 VAL A CG1 1 
ATOM   629 C CG1 B VAL A 1 114 ? 2.752   16.496  -0.045  0.50 32.20 ? 114 VAL A CG1 1 
ATOM   630 C CG2 A VAL A 1 114 ? 2.854   16.703  -0.798  0.50 34.28 ? 114 VAL A CG2 1 
ATOM   631 C CG2 B VAL A 1 114 ? 2.099   18.608  1.001   0.50 29.30 ? 114 VAL A CG2 1 
ATOM   632 N N   . LEU A 1 115 ? 5.013   20.662  -0.020  1.00 33.79 ? 115 LEU A N   1 
ATOM   633 C CA  . LEU A 1 115 ? 5.115   22.098  0.187   1.00 32.88 ? 115 LEU A CA  1 
ATOM   634 C C   . LEU A 1 115 ? 3.825   22.749  -0.330  1.00 33.66 ? 115 LEU A C   1 
ATOM   635 O O   . LEU A 1 115 ? 3.473   22.595  -1.492  1.00 32.22 ? 115 LEU A O   1 
ATOM   636 C CB  . LEU A 1 115 ? 6.360   22.668  -0.561  1.00 34.93 ? 115 LEU A CB  1 
ATOM   637 C CG  . LEU A 1 115 ? 6.824   24.150  -0.201  1.00 36.14 ? 115 LEU A CG  1 
ATOM   638 C CD1 . LEU A 1 115 ? 7.239   24.178  1.250   1.00 36.27 ? 115 LEU A CD1 1 
ATOM   639 C CD2 . LEU A 1 115 ? 7.977   24.686  -1.046  1.00 37.77 ? 115 LEU A CD2 1 
ATOM   640 N N   . TYR A 1 116 ? 3.074   23.416  0.510   1.00 36.06 ? 116 TYR A N   1 
ATOM   641 C CA  . TYR A 1 116 ? 1.847   24.134  0.017   1.00 41.47 ? 116 TYR A CA  1 
ATOM   642 C C   . TYR A 1 116 ? 1.579   25.534  0.573   1.00 40.46 ? 116 TYR A C   1 
ATOM   643 O O   . TYR A 1 116 ? 2.273   25.923  1.522   1.00 39.60 ? 116 TYR A O   1 
ATOM   644 C CB  . TYR A 1 116 ? 0.589   23.286  0.188   1.00 42.97 ? 116 TYR A CB  1 
ATOM   645 C CG  . TYR A 1 116 ? 0.158   23.188  1.607   1.00 47.46 ? 116 TYR A CG  1 
ATOM   646 C CD1 . TYR A 1 116 ? 0.881   22.461  2.479   1.00 50.62 ? 116 TYR A CD1 1 
ATOM   647 C CD2 . TYR A 1 116 ? -0.929  23.894  2.076   1.00 51.62 ? 116 TYR A CD2 1 
ATOM   648 C CE1 . TYR A 1 116 ? 0.516   22.407  3.792   1.00 55.78 ? 116 TYR A CE1 1 
ATOM   649 C CE2 . TYR A 1 116 ? -1.302  23.846  3.390   1.00 54.82 ? 116 TYR A CE2 1 
ATOM   650 C CZ  . TYR A 1 116 ? -0.586  23.093  4.251   1.00 55.53 ? 116 TYR A CZ  1 
ATOM   651 O OH  . TYR A 1 116 ? -0.931  23.020  5.591   1.00 59.96 ? 116 TYR A OH  1 
ATOM   652 N N   . PHE A 1 117 ? 0.614   26.258  -0.019  1.00 41.83 ? 117 PHE A N   1 
ATOM   653 C CA  . PHE A 1 117 ? 0.184   27.616  0.422   1.00 44.82 ? 117 PHE A CA  1 
ATOM   654 C C   . PHE A 1 117 ? -1.105  27.585  1.215   1.00 46.19 ? 117 PHE A C   1 
ATOM   655 O O   . PHE A 1 117 ? -2.155  27.297  0.585   1.00 43.72 ? 117 PHE A O   1 
ATOM   656 C CB  . PHE A 1 117 ? -0.295  28.518  -0.714  1.00 45.20 ? 117 PHE A CB  1 
ATOM   657 C CG  . PHE A 1 117 ? 0.720   28.964  -1.633  1.00 50.95 ? 117 PHE A CG  1 
ATOM   658 C CD1 . PHE A 1 117 ? 1.574   30.014  -1.315  1.00 55.14 ? 117 PHE A CD1 1 
ATOM   659 C CD2 . PHE A 1 117 ? 0.781   28.406  -2.901  1.00 51.86 ? 117 PHE A CD2 1 
ATOM   660 C CE1 . PHE A 1 117 ? 2.543   30.454  -2.265  1.00 57.29 ? 117 PHE A CE1 1 
ATOM   661 C CE2 . PHE A 1 117 ? 1.705   28.806  -3.798  1.00 53.95 ? 117 PHE A CE2 1 
ATOM   662 C CZ  . PHE A 1 117 ? 2.602   29.852  -3.502  1.00 55.72 ? 117 PHE A CZ  1 
ATOM   663 N N   . ASP A 1 118 ? -1.061  27.910  2.520   1.00 48.97 ? 118 ASP A N   1 
ATOM   664 C CA  . ASP A 1 118 ? -2.300  27.916  3.317   1.00 50.99 ? 118 ASP A CA  1 
ATOM   665 C C   . ASP A 1 118 ? -3.251  29.098  2.952   1.00 53.97 ? 118 ASP A C   1 
ATOM   666 O O   . ASP A 1 118 ? -2.988  29.825  1.981   1.00 53.81 ? 118 ASP A O   1 
ATOM   667 C CB  . ASP A 1 118 ? -2.013  27.774  4.807   1.00 50.93 ? 118 ASP A CB  1 
ATOM   668 C CG  . ASP A 1 118 ? -1.533  29.048  5.441   1.00 48.65 ? 118 ASP A CG  1 
ATOM   669 O OD1 . ASP A 1 118 ? -1.635  30.108  4.800   1.00 43.45 ? 118 ASP A OD1 1 
ATOM   670 O OD2 . ASP A 1 118 ? -1.049  29.032  6.574   1.00 49.56 ? 118 ASP A OD2 1 
ATOM   671 N N   . ASP A 1 119 ? -4.405  29.211  3.627   1.00 58.49 ? 119 ASP A N   1 
ATOM   672 C CA  . ASP A 1 119 ? -5.404  30.256  3.309   1.00 60.90 ? 119 ASP A CA  1 
ATOM   673 C C   . ASP A 1 119 ? -4.911  31.664  3.647   1.00 62.01 ? 119 ASP A C   1 
ATOM   674 O O   . ASP A 1 119 ? -5.506  32.637  3.188   1.00 63.08 ? 119 ASP A O   1 
ATOM   675 C CB  . ASP A 1 119 ? -6.683  29.971  4.095   1.00 62.56 ? 119 ASP A CB  1 
ATOM   676 C CG  . ASP A 1 119 ? -7.966  30.035  3.250   1.00 67.69 ? 119 ASP A CG  1 
ATOM   677 O OD1 . ASP A 1 119 ? -7.938  30.273  2.001   1.00 75.07 ? 119 ASP A OD1 1 
ATOM   678 O OD2 . ASP A 1 119 ? -9.091  29.878  3.822   1.00 74.97 ? 119 ASP A OD2 1 
ATOM   679 N N   . SER A 1 120 ? -3.857  31.807  4.452   1.00 61.99 ? 120 SER A N   1 
ATOM   680 C CA  . SER A 1 120 ? -3.352  33.171  4.673   1.00 60.98 ? 120 SER A CA  1 
ATOM   681 C C   . SER A 1 120 ? -2.127  33.425  3.798   1.00 59.65 ? 120 SER A C   1 
ATOM   682 O O   . SER A 1 120 ? -1.344  34.330  4.065   1.00 57.81 ? 120 SER A O   1 
ATOM   683 C CB  . SER A 1 120 ? -2.975  33.390  6.137   1.00 61.45 ? 120 SER A CB  1 
ATOM   684 O OG  . SER A 1 120 ? -3.576  32.425  7.004   1.00 62.51 ? 120 SER A OG  1 
ATOM   685 N N   . SER A 1 121 ? -2.001  32.655  2.717   1.00 56.99 ? 121 SER A N   1 
ATOM   686 C CA  . SER A 1 121 ? -0.824  32.720  1.844   1.00 53.96 ? 121 SER A CA  1 
ATOM   687 C C   . SER A 1 121 ? 0.531   32.362  2.515   1.00 49.70 ? 121 SER A C   1 
ATOM   688 O O   . SER A 1 121 ? 1.545   32.714  2.000   1.00 47.65 ? 121 SER A O   1 
ATOM   689 C CB  . SER A 1 121 ? -0.679  34.091  1.171   1.00 54.65 ? 121 SER A CB  1 
ATOM   690 O OG  . SER A 1 121 ? -0.951  34.014  -0.191  1.00 58.65 ? 121 SER A OG  1 
ATOM   691 N N   . ASN A 1 122 ? 0.547   31.713  3.673   1.00 45.24 ? 122 ASN A N   1 
ATOM   692 C CA  . ASN A 1 122 ? 1.771   31.112  4.183   1.00 43.55 ? 122 ASN A CA  1 
ATOM   693 C C   . ASN A 1 122 ? 2.311   29.858  3.385   1.00 42.78 ? 122 ASN A C   1 
ATOM   694 O O   . ASN A 1 122 ? 1.479   28.992  3.007   1.00 40.16 ? 122 ASN A O   1 
ATOM   695 C CB  . ASN A 1 122 ? 1.540   30.727  5.653   1.00 43.07 ? 122 ASN A CB  1 
ATOM   696 C CG  . ASN A 1 122 ? 1.058   31.930  6.542   1.00 48.86 ? 122 ASN A CG  1 
ATOM   697 O OD1 . ASN A 1 122 ? 1.338   33.083  6.240   1.00 41.74 ? 122 ASN A OD1 1 
ATOM   698 N ND2 . ASN A 1 122 ? 0.136   31.634  7.454   1.00 50.15 ? 122 ASN A ND2 1 
ATOM   699 N N   . VAL A 1 123 ? 3.655   29.746  3.162   1.00 39.80 ? 123 VAL A N   1 
ATOM   700 C CA  . VAL A 1 123 ? 4.297   28.547  2.481   1.00 36.48 ? 123 VAL A CA  1 
ATOM   701 C C   . VAL A 1 123 ? 4.704   27.592  3.546   1.00 36.82 ? 123 VAL A C   1 
ATOM   702 O O   . VAL A 1 123 ? 5.586   27.901  4.410   1.00 34.61 ? 123 VAL A O   1 
ATOM   703 C CB  . VAL A 1 123 ? 5.542   28.919  1.661   1.00 37.63 ? 123 VAL A CB  1 
ATOM   704 C CG1 . VAL A 1 123 ? 6.315   27.654  1.068   1.00 35.16 ? 123 VAL A CG1 1 
ATOM   705 C CG2 . VAL A 1 123 ? 5.174   29.773  0.542   1.00 35.44 ? 123 VAL A CG2 1 
ATOM   706 N N   . ILE A 1 124 ? 4.037   26.428  3.588   1.00 35.87 ? 124 ILE A N   1 
ATOM   707 C CA  . ILE A 1 124 ? 4.312   25.463  4.617   1.00 36.71 ? 124 ILE A CA  1 
ATOM   708 C C   . ILE A 1 124 ? 4.691   24.036  4.167   1.00 35.90 ? 124 ILE A C   1 
ATOM   709 O O   . ILE A 1 124 ? 4.298   23.580  3.087   1.00 34.59 ? 124 ILE A O   1 
ATOM   710 C CB  . ILE A 1 124 ? 3.158   25.465  5.672   1.00 41.58 ? 124 ILE A CB  1 
ATOM   711 C CG1 . ILE A 1 124 ? 2.255   24.317  5.520   1.00 42.10 ? 124 ILE A CG1 1 
ATOM   712 C CG2 . ILE A 1 124 ? 2.378   26.800  5.755   1.00 44.89 ? 124 ILE A CG2 1 
ATOM   713 C CD1 . ILE A 1 124 ? 2.462   23.519  6.734   1.00 48.03 ? 124 ILE A CD1 1 
ATOM   714 N N   . LEU A 1 125 ? 5.535   23.388  4.947   1.00 35.47 ? 125 LEU A N   1 
ATOM   715 C CA  . LEU A 1 125 ? 5.965   22.035  4.632   1.00 38.01 ? 125 LEU A CA  1 
ATOM   716 C C   . LEU A 1 125 ? 5.160   21.069  5.521   1.00 39.72 ? 125 LEU A C   1 
ATOM   717 O O   . LEU A 1 125 ? 5.220   21.186  6.745   1.00 39.25 ? 125 LEU A O   1 
ATOM   718 C CB  . LEU A 1 125 ? 7.417   21.827  4.935   1.00 37.84 ? 125 LEU A CB  1 
ATOM   719 C CG  . LEU A 1 125 ? 8.280   20.680  4.410   1.00 42.77 ? 125 LEU A CG  1 
ATOM   720 C CD1 . LEU A 1 125 ? 8.237   20.414  2.856   1.00 43.26 ? 125 LEU A CD1 1 
ATOM   721 C CD2 . LEU A 1 125 ? 9.712   20.939  4.849   1.00 48.50 ? 125 LEU A CD2 1 
ATOM   722 N N   . LYS A 1 126 ? 4.381   20.181  4.898   1.00 38.93 ? 126 LYS A N   1 
ATOM   723 C CA  . LYS A 1 126 ? 3.503   19.287  5.665   1.00 41.00 ? 126 LYS A CA  1 
ATOM   724 C C   . LYS A 1 126 ? 3.892   17.812  5.407   1.00 40.88 ? 126 LYS A C   1 
ATOM   725 O O   . LYS A 1 126 ? 4.070   17.408  4.241   1.00 38.96 ? 126 LYS A O   1 
ATOM   726 C CB  . LYS A 1 126 ? 2.101   19.560  5.161   1.00 42.88 ? 126 LYS A CB  1 
ATOM   727 C CG  . LYS A 1 126 ? 1.058   19.917  6.129   1.00 51.34 ? 126 LYS A CG  1 
ATOM   728 C CD  . LYS A 1 126 ? 0.028   18.840  6.090   1.00 55.65 ? 126 LYS A CD  1 
ATOM   729 C CE  . LYS A 1 126 ? 0.421   17.787  7.097   1.00 60.75 ? 126 LYS A CE  1 
ATOM   730 N NZ  . LYS A 1 126 ? -0.571  17.750  8.207   1.00 61.99 ? 126 LYS A NZ  1 
ATOM   731 N N   . LYS A 1 127 ? 4.059   17.022  6.466   1.00 40.78 ? 127 LYS A N   1 
ATOM   732 C CA  . LYS A 1 127 ? 4.372   15.604  6.327   1.00 41.63 ? 127 LYS A CA  1 
ATOM   733 C C   . LYS A 1 127 ? 3.077   14.739  6.370   1.00 40.76 ? 127 LYS A C   1 
ATOM   734 O O   . LYS A 1 127 ? 2.200   15.005  7.194   1.00 39.01 ? 127 LYS A O   1 
ATOM   735 C CB  . LYS A 1 127 ? 5.353   15.191  7.408   1.00 43.69 ? 127 LYS A CB  1 
ATOM   736 C CG  . LYS A 1 127 ? 5.962   13.830  7.169   1.00 46.77 ? 127 LYS A CG  1 
ATOM   737 C CD  . LYS A 1 127 ? 6.485   13.194  8.429   1.00 54.49 ? 127 LYS A CD  1 
ATOM   738 C CE  . LYS A 1 127 ? 7.650   12.279  8.150   1.00 59.49 ? 127 LYS A CE  1 
ATOM   739 N NZ  . LYS A 1 127 ? 7.758   11.116  9.152   1.00 65.38 ? 127 LYS A NZ  1 
ATOM   740 N N   . TYR A 1 128 ? 2.908   13.787  5.427   1.00 38.75 ? 128 TYR A N   1 
ATOM   741 C CA  . TYR A 1 128 ? 1.687   12.909  5.393   1.00 37.63 ? 128 TYR A CA  1 
ATOM   742 C C   . TYR A 1 128 ? 2.210   11.465  5.598   1.00 35.88 ? 128 TYR A C   1 
ATOM   743 O O   . TYR A 1 128 ? 2.978   10.921  4.789   1.00 33.06 ? 128 TYR A O   1 
ATOM   744 C CB  . TYR A 1 128 ? 0.875   12.974  4.067   1.00 38.87 ? 128 TYR A CB  1 
ATOM   745 C CG  . TYR A 1 128 ? 0.039   14.242  3.924   1.00 42.27 ? 128 TYR A CG  1 
ATOM   746 C CD1 . TYR A 1 128 ? -1.156  14.424  4.641   1.00 49.29 ? 128 TYR A CD1 1 
ATOM   747 C CD2 . TYR A 1 128 ? 0.425   15.220  3.068   1.00 48.84 ? 128 TYR A CD2 1 
ATOM   748 C CE1 . TYR A 1 128 ? -1.894  15.630  4.563   1.00 53.25 ? 128 TYR A CE1 1 
ATOM   749 C CE2 . TYR A 1 128 ? -0.283  16.417  2.952   1.00 54.38 ? 128 TYR A CE2 1 
ATOM   750 C CZ  . TYR A 1 128 ? -1.451  16.636  3.711   1.00 54.79 ? 128 TYR A CZ  1 
ATOM   751 O OH  . TYR A 1 128 ? -2.142  17.844  3.577   1.00 56.56 ? 128 TYR A OH  1 
ATOM   752 N N   . ARG A 1 129 ? 1.803   10.849  6.670   1.00 36.14 ? 129 ARG A N   1 
ATOM   753 C CA  . ARG A 1 129 ? 2.400   9.572   7.021   1.00 38.05 ? 129 ARG A CA  1 
ATOM   754 C C   . ARG A 1 129 ? 1.687   8.395   6.258   1.00 34.99 ? 129 ARG A C   1 
ATOM   755 O O   . ARG A 1 129 ? 0.635   8.563   5.695   1.00 34.86 ? 129 ARG A O   1 
ATOM   756 C CB  . ARG A 1 129 ? 2.384   9.393   8.531   1.00 41.74 ? 129 ARG A CB  1 
ATOM   757 C CG  . ARG A 1 129 ? 3.618   10.144  9.290   1.00 45.66 ? 129 ARG A CG  1 
ATOM   758 C CD  . ARG A 1 129 ? 4.614   9.197   10.093  1.00 53.48 ? 129 ARG A CD  1 
ATOM   759 N NE  . ARG A 1 129 ? 5.919   8.875   9.483   1.00 54.89 ? 129 ARG A NE  1 
ATOM   760 C CZ  . ARG A 1 129 ? 6.132   7.905   8.541   1.00 61.29 ? 129 ARG A CZ  1 
ATOM   761 N NH1 . ARG A 1 129 ? 5.103   7.152   8.032   1.00 55.59 ? 129 ARG A NH1 1 
ATOM   762 N NH2 . ARG A 1 129 ? 7.393   7.711   8.076   1.00 60.16 ? 129 ARG A NH2 1 
ATOM   763 N N   . ASN A 1 130 ? 2.354   7.276   6.131   1.00 34.92 ? 130 ASN A N   1 
ATOM   764 C CA  . ASN A 1 130 ? 1.731   6.085   5.546   1.00 33.54 ? 130 ASN A CA  1 
ATOM   765 C C   . ASN A 1 130 ? 1.114   6.350   4.133   1.00 32.65 ? 130 ASN A C   1 
ATOM   766 O O   . ASN A 1 130 ? 0.016   5.869   3.864   1.00 29.15 ? 130 ASN A O   1 
ATOM   767 C CB  . ASN A 1 130 ? 0.662   5.558   6.531   1.00 31.81 ? 130 ASN A CB  1 
ATOM   768 C CG  . ASN A 1 130 ? 1.315   4.955   7.796   1.00 34.63 ? 130 ASN A CG  1 
ATOM   769 O OD1 . ASN A 1 130 ? 2.398   4.399   7.699   1.00 36.57 ? 130 ASN A OD1 1 
ATOM   770 N ND2 . ASN A 1 130 ? 0.679   5.030   8.880   1.00 36.33 ? 130 ASN A ND2 1 
ATOM   771 N N   . MET A 1 131 ? 1.923   6.927   3.223   1.00 30.11 ? 131 MET A N   1 
ATOM   772 C CA  . MET A 1 131 ? 1.438   7.341   1.922   1.00 31.77 ? 131 MET A CA  1 
ATOM   773 C C   . MET A 1 131 ? 2.016   6.497   0.845   1.00 30.64 ? 131 MET A C   1 
ATOM   774 O O   . MET A 1 131 ? 1.460   6.346   -0.257  1.00 28.20 ? 131 MET A O   1 
ATOM   775 C CB  . MET A 1 131 ? 1.752   8.833   1.643   1.00 31.25 ? 131 MET A CB  1 
ATOM   776 C CG  . MET A 1 131 ? 0.868   9.779   2.409   1.00 31.16 ? 131 MET A CG  1 
ATOM   777 S SD  . MET A 1 131 ? -0.740  9.905   1.754   1.00 35.56 ? 131 MET A SD  1 
ATOM   778 C CE  . MET A 1 131 ? -0.450  10.981  0.276   1.00 39.71 ? 131 MET A CE  1 
ATOM   779 N N   . VAL A 1 132 ? 3.106   5.812   1.170   1.00 31.71 ? 132 VAL A N   1 
ATOM   780 C CA  . VAL A 1 132 ? 3.829   5.053   0.142   1.00 31.31 ? 132 VAL A CA  1 
ATOM   781 C C   . VAL A 1 132 ? 3.884   3.582   0.624   1.00 34.96 ? 132 VAL A C   1 
ATOM   782 O O   . VAL A 1 132 ? 4.213   3.366   1.880   1.00 35.99 ? 132 VAL A O   1 
ATOM   783 C CB  . VAL A 1 132 ? 5.332   5.410   0.088   1.00 32.57 ? 132 VAL A CB  1 
ATOM   784 C CG1 . VAL A 1 132 ? 6.172   4.813   -1.086  1.00 33.14 ? 132 VAL A CG1 1 
ATOM   785 C CG2 . VAL A 1 132 ? 5.493   7.002   0.037   1.00 38.65 ? 132 VAL A CG2 1 
ATOM   786 N N   . VAL A 1 133 ? 3.550   2.644   -0.241  1.00 33.78 ? 133 VAL A N   1 
ATOM   787 C CA  . VAL A 1 133 ? 3.848   1.161   0.066   1.00 34.69 ? 133 VAL A CA  1 
ATOM   788 C C   . VAL A 1 133 ? 5.329   0.754   -0.258  1.00 33.04 ? 133 VAL A C   1 
ATOM   789 O O   . VAL A 1 133 ? 5.768   0.934   -1.384  1.00 33.76 ? 133 VAL A O   1 
ATOM   790 C CB  . VAL A 1 133 ? 2.940   0.159   -0.677  1.00 33.10 ? 133 VAL A CB  1 
ATOM   791 C CG1 . VAL A 1 133 ? 3.349   -1.308  -0.318  1.00 36.49 ? 133 VAL A CG1 1 
ATOM   792 C CG2 . VAL A 1 133 ? 1.495   0.419   -0.351  1.00 33.08 ? 133 VAL A CG2 1 
ATOM   793 N N   . ARG A 1 134 ? 6.110   0.297   0.731   1.00 34.05 ? 134 ARG A N   1 
ATOM   794 C CA  . ARG A 1 134 ? 7.499   -0.218  0.522   1.00 35.18 ? 134 ARG A CA  1 
ATOM   795 C C   . ARG A 1 134 ? 7.645   -1.774  0.413   1.00 37.01 ? 134 ARG A C   1 
ATOM   796 O O   . ARG A 1 134 ? 8.573   -2.264  -0.225  1.00 38.07 ? 134 ARG A O   1 
ATOM   797 C CB  . ARG A 1 134 ? 8.360   0.208   1.722   1.00 37.65 ? 134 ARG A CB  1 
ATOM   798 C CG  . ARG A 1 134 ? 9.784   -0.035  1.367   0.00 50.41 ? 134 ARG A CG  1 
ATOM   799 C CD  . ARG A 1 134 ? 10.162  0.690   0.053   0.00 60.39 ? 134 ARG A CD  1 
ATOM   800 N NE  . ARG A 1 134 ? 11.219  1.680   0.359   0.00 66.11 ? 134 ARG A NE  1 
ATOM   801 C CZ  . ARG A 1 134 ? 10.834  2.730   1.081   0.00 70.92 ? 134 ARG A CZ  1 
ATOM   802 N NH1 . ARG A 1 134 ? 9.559   2.884   1.468   0.00 72.85 ? 134 ARG A NH1 1 
ATOM   803 N NH2 . ARG A 1 134 ? 11.751  3.631   1.396   0.00 72.36 ? 134 ARG A NH2 1 
ATOM   804 N N   . ALA A 1 135 ? 6.710   -2.516  1.021   1.00 36.18 ? 135 ALA A N   1 
ATOM   805 C CA  . ALA A 1 135 ? 6.743   -3.992  0.959   1.00 36.63 ? 135 ALA A CA  1 
ATOM   806 C C   . ALA A 1 135 ? 5.367   -4.561  1.257   1.00 35.31 ? 135 ALA A C   1 
ATOM   807 O O   . ALA A 1 135 ? 4.570   -3.973  2.009   1.00 34.12 ? 135 ALA A O   1 
ATOM   808 C CB  . ALA A 1 135 ? 7.769   -4.521  1.992   1.00 36.08 ? 135 ALA A CB  1 
ATOM   809 N N   . CYS A 1 136 ? 5.120   -5.754  0.712   1.00 33.54 ? 136 CYS A N   1 
ATOM   810 C CA  . CYS A 1 136 ? 3.843   -6.418  0.853   1.00 34.47 ? 136 CYS A CA  1 
ATOM   811 C C   . CYS A 1 136 ? 4.002   -7.861  1.469   1.00 35.60 ? 136 CYS A C   1 
ATOM   812 O O   . CYS A 1 136 ? 5.125   -8.336  1.594   1.00 33.55 ? 136 CYS A O   1 
ATOM   813 C CB  . CYS A 1 136 ? 3.207   -6.629  -0.532  1.00 33.72 ? 136 CYS A CB  1 
ATOM   814 S SG  . CYS A 1 136 ? 2.939   -5.023  -1.369  1.00 39.84 ? 136 CYS A SG  1 
ATOM   815 N N   . GLY A 1 137 ? 2.886   -8.450  1.903   1.00 35.69 ? 137 GLY A N   1 
ATOM   816 C CA  . GLY A 1 137 ? 2.836   -9.836  2.428   1.00 36.30 ? 137 GLY A CA  1 
ATOM   817 C C   . GLY A 1 137 ? 1.424   -10.386 2.553   1.00 37.01 ? 137 GLY A C   1 
ATOM   818 O O   . GLY A 1 137 ? 0.414   -9.637  2.341   1.00 32.45 ? 137 GLY A O   1 
ATOM   819 N N   . CYS A 1 138 ? 1.367   -11.702 2.846   1.00 36.56 ? 138 CYS A N   1 
ATOM   820 C CA  . CYS A 1 138 ? 0.104   -12.459 3.062   1.00 37.53 ? 138 CYS A CA  1 
ATOM   821 C C   . CYS A 1 138 ? -0.138  -12.508 4.528   1.00 39.83 ? 138 CYS A C   1 
ATOM   822 O O   . CYS A 1 138 ? 0.418   -13.262 5.296   1.00 34.70 ? 138 CYS A O   1 
ATOM   823 C CB  . CYS A 1 138 ? 0.192   -13.843 2.496   1.00 37.56 ? 138 CYS A CB  1 
ATOM   824 S SG  . CYS A 1 138 ? 0.413   -13.766 0.727   1.00 39.07 ? 138 CYS A SG  1 
ATOM   825 N N   . HIS A 1 139 ? -0.947  -11.604 4.978   1.00 44.84 ? 139 HIS A N   1 
ATOM   826 C CA  . HIS A 1 139 ? -0.925  -11.361 6.429   1.00 48.68 ? 139 HIS A CA  1 
ATOM   827 C C   . HIS A 1 139 ? -2.093  -11.777 7.192   1.00 48.10 ? 139 HIS A C   1 
ATOM   828 O O   . HIS A 1 139 ? -2.938  -11.865 6.357   1.00 47.06 ? 139 HIS A O   1 
ATOM   829 C CB  . HIS A 1 139 ? -0.662  -9.876  6.760   1.00 50.34 ? 139 HIS A CB  1 
ATOM   830 C CG  . HIS A 1 139 ? 0.772   -9.615  7.075   1.00 54.06 ? 139 HIS A CG  1 
ATOM   831 N ND1 . HIS A 1 139 ? 1.191   -8.894  8.174   1.00 56.65 ? 139 HIS A ND1 1 
ATOM   832 C CD2 . HIS A 1 139 ? 1.893   -10.057 6.460   1.00 56.34 ? 139 HIS A CD2 1 
ATOM   833 C CE1 . HIS A 1 139 ? 2.514   -8.882  8.200   1.00 60.17 ? 139 HIS A CE1 1 
ATOM   834 N NE2 . HIS A 1 139 ? 2.965   -9.607  7.182   1.00 55.93 ? 139 HIS A NE2 1 
ATOM   835 O OXT . HIS A 1 139 ? -1.632  -11.750 8.409   1.00 52.30 ? 139 HIS A OXT 1 
HETATM 836 C C1  . NAG B 2 .   ? 8.618   -9.213  2.307   1.00 48.47 ? 180 NAG A C1  1 
HETATM 837 C C2  . NAG B 2 .   ? 8.608   -8.485  0.967   1.00 48.30 ? 180 NAG A C2  1 
HETATM 838 C C3  . NAG B 2 .   ? 10.039  -8.171  0.542   1.00 53.26 ? 180 NAG A C3  1 
HETATM 839 C C4  . NAG B 2 .   ? 10.701  -7.337  1.623   1.00 57.56 ? 180 NAG A C4  1 
HETATM 840 C C5  . NAG B 2 .   ? 10.668  -8.091  2.943   1.00 58.14 ? 180 NAG A C5  1 
HETATM 841 C C6  . NAG B 2 .   ? 11.339  -7.203  3.996   1.00 58.66 ? 180 NAG A C6  1 
HETATM 842 C C7  . NAG B 2 .   ? 7.055   -8.693  -0.943  1.00 45.31 ? 180 NAG A C7  1 
HETATM 843 C C8  . NAG B 2 .   ? 6.441   -9.647  -1.926  1.00 45.87 ? 180 NAG A C8  1 
HETATM 844 N N2  . NAG B 2 .   ? 7.897   -9.209  -0.083  1.00 40.39 ? 180 NAG A N2  1 
HETATM 845 O O3  . NAG B 2 .   ? 10.074  -7.453  -0.657  1.00 48.83 ? 180 NAG A O3  1 
HETATM 846 O O4  . NAG B 2 .   ? 12.029  -7.021  1.254   1.00 60.88 ? 180 NAG A O4  1 
HETATM 847 O O5  . NAG B 2 .   ? 9.312   -8.399  3.253   1.00 50.18 ? 180 NAG A O5  1 
HETATM 848 O O6  . NAG B 2 .   ? 12.443  -7.845  4.581   1.00 65.90 ? 180 NAG A O6  1 
HETATM 849 O O7  . NAG B 2 .   ? 6.744   -7.491  -1.049  1.00 47.40 ? 180 NAG A O7  1 
HETATM 850 O O   . HOH C 3 .   ? 4.635   -15.133 12.150  1.00 26.38 ? 181 HOH A O   1 
HETATM 851 O O   . HOH C 3 .   ? -7.649  -13.126 8.400   1.00 28.90 ? 182 HOH A O   1 
HETATM 852 O O   . HOH C 3 .   ? -3.644  -22.959 -1.570  1.00 33.65 ? 183 HOH A O   1 
HETATM 853 O O   . HOH C 3 .   ? 7.670   9.771   -5.463  1.00 38.00 ? 184 HOH A O   1 
HETATM 854 O O   . HOH C 3 .   ? 7.317   12.838  -5.784  1.00 38.52 ? 185 HOH A O   1 
HETATM 855 O O   . HOH C 3 .   ? -0.607  12.098  8.468   1.00 39.04 ? 186 HOH A O   1 
HETATM 856 O O   . HOH C 3 .   ? -4.622  -3.953  -2.848  1.00 32.88 ? 187 HOH A O   1 
HETATM 857 O O   . HOH C 3 .   ? -5.589  -22.884 0.228   1.00 38.94 ? 188 HOH A O   1 
HETATM 858 O O   . HOH C 3 .   ? 4.866   3.526   -7.803  1.00 35.05 ? 189 HOH A O   1 
HETATM 859 O O   . HOH C 3 .   ? 7.729   7.617   -3.637  1.00 45.40 ? 190 HOH A O   1 
HETATM 860 O O   . HOH C 3 .   ? 0.997   -10.227 -8.659  1.00 39.00 ? 191 HOH A O   1 
HETATM 861 O O   . HOH C 3 .   ? 8.906   7.558   6.396   1.00 45.57 ? 192 HOH A O   1 
HETATM 862 O O   . HOH C 3 .   ? -3.373  9.955   -10.438 1.00 46.00 ? 193 HOH A O   1 
HETATM 863 O O   . HOH C 3 .   ? 1.454   4.660   -12.700 1.00 46.65 ? 194 HOH A O   1 
HETATM 864 O O   . HOH C 3 .   ? 8.363   0.956   -2.867  1.00 41.74 ? 195 HOH A O   1 
HETATM 865 O O   . HOH C 3 .   ? -4.195  -14.547 7.966   1.00 33.53 ? 196 HOH A O   1 
HETATM 866 O O   . HOH C 3 .   ? 7.370   -7.367  -4.544  1.00 42.05 ? 197 HOH A O   1 
HETATM 867 O O   . HOH C 3 .   ? 7.123   -2.306  -7.653  1.00 41.58 ? 198 HOH A O   1 
HETATM 868 O O   . HOH C 3 .   ? -4.974  -10.833 -2.285  1.00 42.07 ? 199 HOH A O   1 
HETATM 869 O O   . HOH C 3 .   ? 6.309   24.569  7.645   1.00 36.80 ? 200 HOH A O   1 
HETATM 870 O O   . HOH C 3 .   ? -10.256 -17.477 -1.226  1.00 40.55 ? 201 HOH A O   1 
HETATM 871 O O   . HOH C 3 .   ? 3.318   18.023  9.022   1.00 46.12 ? 202 HOH A O   1 
HETATM 872 O O   . HOH C 3 .   ? 2.537   -18.794 -4.619  1.00 48.41 ? 203 HOH A O   1 
HETATM 873 O O   . HOH C 3 .   ? 6.496   -16.369 3.953   1.00 46.50 ? 204 HOH A O   1 
HETATM 874 O O   . HOH C 3 .   ? 4.514   -2.736  -11.691 1.00 44.97 ? 205 HOH A O   1 
HETATM 875 O O   . HOH C 3 .   ? -0.726  7.475   -0.905  1.00 51.62 ? 206 HOH A O   1 
HETATM 876 O O   . HOH C 3 .   ? -5.221  -14.599 -1.946  1.00 41.91 ? 207 HOH A O   1 
HETATM 877 O O   . HOH C 3 .   ? -4.628  -9.205  -4.510  1.00 43.68 ? 208 HOH A O   1 
HETATM 878 O O   . HOH C 3 .   ? 9.893   3.265   -2.695  1.00 44.56 ? 209 HOH A O   1 
HETATM 879 O O   . HOH C 3 .   ? 8.586   13.378  0.245   1.00 57.70 ? 210 HOH A O   1 
HETATM 880 O O   . HOH C 3 .   ? -2.890  14.126  -14.342 1.00 54.66 ? 211 HOH A O   1 
HETATM 881 O O   . HOH C 3 .   ? 4.518   24.445  9.817   1.00 46.12 ? 212 HOH A O   1 
HETATM 882 O O   . HOH C 3 .   ? 5.693   5.058   -10.057 1.00 48.14 ? 213 HOH A O   1 
HETATM 883 O O   . HOH C 3 .   ? -4.145  -4.340  -0.310  1.00 38.48 ? 214 HOH A O   1 
HETATM 884 O O   . HOH C 3 .   ? -8.894  26.140  -5.324  1.00 44.54 ? 215 HOH A O   1 
HETATM 885 O O   . HOH C 3 .   ? -6.898  -24.481 -1.753  1.00 44.46 ? 216 HOH A O   1 
HETATM 886 O O   . HOH C 3 .   ? 8.089   -7.195  4.973   1.00 46.92 ? 217 HOH A O   1 
HETATM 887 O O   . HOH C 3 .   ? -1.522  -9.334  -9.413  1.00 52.01 ? 218 HOH A O   1 
HETATM 888 O O   . HOH C 3 .   ? 8.722   16.740  6.991   1.00 54.34 ? 219 HOH A O   1 
HETATM 889 O O   . HOH C 3 .   ? 6.044   -12.698 -4.633  1.00 60.52 ? 220 HOH A O   1 
HETATM 890 O O   . HOH C 3 .   ? 7.313   -15.392 -4.435  1.00 44.74 ? 221 HOH A O   1 
HETATM 891 O O   . HOH C 3 .   ? 7.084   -24.891 -4.997  1.00 46.42 ? 222 HOH A O   1 
HETATM 892 O O   . HOH C 3 .   ? 1.211   -8.331  10.381  1.00 60.02 ? 223 HOH A O   1 
HETATM 893 O O   . HOH C 3 .   ? 5.364   24.664  11.996  1.00 58.95 ? 224 HOH A O   1 
HETATM 894 O O   . HOH C 3 .   ? 4.768   4.366   -12.556 1.00 61.45 ? 225 HOH A O   1 
HETATM 895 O O   . HOH C 3 .   ? -1.745  22.171  -12.201 1.00 54.47 ? 226 HOH A O   1 
HETATM 896 O O   . HOH C 3 .   ? 10.942  -0.540  -1.679  1.00 57.28 ? 227 HOH A O   1 
HETATM 897 O O   . HOH C 3 .   ? 0.170   23.109  -7.839  1.00 60.06 ? 228 HOH A O   1 
HETATM 898 O O   . HOH C 3 .   ? 6.292   15.045  -9.013  1.00 48.73 ? 229 HOH A O   1 
HETATM 899 O O   . HOH C 3 .   ? -3.950  32.659  9.714   1.00 66.78 ? 230 HOH A O   1 
HETATM 900 O O   . HOH C 3 .   ? 5.261   0.789   8.155   1.00 44.44 ? 231 HOH A O   1 
HETATM 901 O O   . HOH C 3 .   ? 3.023   -22.908 12.227  1.00 70.77 ? 232 HOH A O   1 
HETATM 902 O O   . HOH C 3 .   ? 7.989   -22.835 -4.464  1.00 49.79 ? 233 HOH A O   1 
HETATM 903 O O   . HOH C 3 .   ? 8.303   13.368  -8.456  1.00 56.45 ? 234 HOH A O   1 
HETATM 904 O O   . HOH C 3 .   ? -8.015  28.410  -6.322  1.00 65.67 ? 235 HOH A O   1 
HETATM 905 O O   . HOH C 3 .   ? -9.402  -22.395 -3.927  1.00 70.27 ? 236 HOH A O   1 
HETATM 906 O O   . HOH C 3 .   ? 0.108   -26.080 -4.107  1.00 49.98 ? 237 HOH A O   1 
HETATM 907 O O   . HOH C 3 .   ? -14.352 -19.324 1.416   1.00 55.02 ? 238 HOH A O   1 
HETATM 908 O O   . HOH C 3 .   ? -4.607  -7.299  -2.479  1.00 43.48 ? 239 HOH A O   1 
HETATM 909 O O   . HOH C 3 .   ? 10.079  17.298  -0.508  1.00 55.28 ? 240 HOH A O   1 
HETATM 910 O O   . HOH C 3 .   ? -9.580  -25.050 -1.411  1.00 53.31 ? 241 HOH A O   1 
HETATM 911 O O   . HOH C 3 .   ? 8.873   7.880   -0.558  1.00 66.22 ? 242 HOH A O   1 
HETATM 912 O O   . HOH C 3 .   ? 10.105  17.101  -2.953  1.00 71.14 ? 243 HOH A O   1 
HETATM 913 O O   . HOH C 3 .   ? -1.063  -5.631  6.758   1.00 67.87 ? 244 HOH A O   1 
HETATM 914 O O   . HOH C 3 .   ? 5.702   -19.120 4.090   1.00 52.87 ? 245 HOH A O   1 
HETATM 915 O O   . HOH C 3 .   ? 6.673   -9.057  7.040   1.00 52.90 ? 246 HOH A O   1 
HETATM 916 O O   . HOH C 3 .   ? -8.849  -12.626 0.893   1.00 64.42 ? 247 HOH A O   1 
HETATM 917 O O   . HOH C 3 .   ? 5.637   -12.710 8.374   1.00 65.19 ? 248 HOH A O   1 
HETATM 918 O O   . HOH C 3 .   ? -9.057  -30.739 0.516   1.00 55.05 ? 249 HOH A O   1 
HETATM 919 O O   . HOH C 3 .   ? -5.785  -21.694 -3.370  1.00 69.37 ? 250 HOH A O   1 
HETATM 920 O O   . HOH C 3 .   ? -2.889  7.325   -10.126 1.00 56.92 ? 251 HOH A O   1 
# 
